data_5GU5
# 
_entry.id   5GU5 
# 
_audit_conform.dict_name       mmcif_pdbx.dic 
_audit_conform.dict_version    5.398 
_audit_conform.dict_location   http://mmcif.pdb.org/dictionaries/ascii/mmcif_pdbx.dic 
# 
loop_
_database_2.database_id 
_database_2.database_code 
_database_2.pdbx_database_accession 
_database_2.pdbx_DOI 
PDB   5GU5         pdb_00005gu5 10.2210/pdb5gu5/pdb 
WWPDB D_1300001448 ?            ?                   
# 
loop_
_pdbx_audit_revision_history.ordinal 
_pdbx_audit_revision_history.data_content_type 
_pdbx_audit_revision_history.major_revision 
_pdbx_audit_revision_history.minor_revision 
_pdbx_audit_revision_history.revision_date 
1 'Structure model' 1 0 2017-01-25 
2 'Structure model' 1 1 2017-03-29 
3 'Structure model' 1 2 2020-02-26 
4 'Structure model' 1 3 2024-11-13 
# 
_pdbx_audit_revision_details.ordinal             1 
_pdbx_audit_revision_details.revision_ordinal    1 
_pdbx_audit_revision_details.data_content_type   'Structure model' 
_pdbx_audit_revision_details.provider            repository 
_pdbx_audit_revision_details.type                'Initial release' 
_pdbx_audit_revision_details.description         ? 
_pdbx_audit_revision_details.details             ? 
# 
loop_
_pdbx_audit_revision_group.ordinal 
_pdbx_audit_revision_group.revision_ordinal 
_pdbx_audit_revision_group.data_content_type 
_pdbx_audit_revision_group.group 
1 2 'Structure model' 'Database references' 
2 3 'Structure model' 'Data collection'     
3 4 'Structure model' 'Data collection'     
4 4 'Structure model' 'Database references' 
5 4 'Structure model' 'Structure summary'   
# 
loop_
_pdbx_audit_revision_category.ordinal 
_pdbx_audit_revision_category.revision_ordinal 
_pdbx_audit_revision_category.data_content_type 
_pdbx_audit_revision_category.category 
1 3 'Structure model' diffrn_source             
2 4 'Structure model' chem_comp_atom            
3 4 'Structure model' chem_comp_bond            
4 4 'Structure model' database_2                
5 4 'Structure model' pdbx_entry_details        
6 4 'Structure model' pdbx_modification_feature 
# 
loop_
_pdbx_audit_revision_item.ordinal 
_pdbx_audit_revision_item.revision_ordinal 
_pdbx_audit_revision_item.data_content_type 
_pdbx_audit_revision_item.item 
1 3 'Structure model' '_diffrn_source.pdbx_synchrotron_site' 
2 4 'Structure model' '_database_2.pdbx_DOI'                 
3 4 'Structure model' '_database_2.pdbx_database_accession'  
# 
_pdbx_database_status.status_code                     REL 
_pdbx_database_status.status_code_sf                  REL 
_pdbx_database_status.status_code_mr                  ? 
_pdbx_database_status.entry_id                        5GU5 
_pdbx_database_status.recvd_initial_deposition_date   2016-08-25 
_pdbx_database_status.SG_entry                        N 
_pdbx_database_status.deposit_site                    PDBJ 
_pdbx_database_status.process_site                    PDBJ 
_pdbx_database_status.status_code_cs                  ? 
_pdbx_database_status.methods_development_category    ? 
_pdbx_database_status.pdb_format_compatible           Y 
_pdbx_database_status.status_code_nmr_data            ? 
# 
loop_
_audit_author.name 
_audit_author.pdbx_ordinal 
'Nagae, M.'     1 
'Yamaguchi, Y.' 2 
# 
_citation.abstract                  ? 
_citation.abstract_id_CAS           ? 
_citation.book_id_ISBN              ? 
_citation.book_publisher            ? 
_citation.book_publisher_city       ? 
_citation.book_title                ? 
_citation.coordinate_linkage        ? 
_citation.country                   US 
_citation.database_id_Medline       ? 
_citation.details                   ? 
_citation.id                        primary 
_citation.journal_abbrev            Proteins 
_citation.journal_id_ASTM           PSFGEY 
_citation.journal_id_CSD            0867 
_citation.journal_id_ISSN           1097-0134 
_citation.journal_full              ? 
_citation.journal_issue             ? 
_citation.journal_volume            85 
_citation.language                  ? 
_citation.page_first                764 
_citation.page_last                 770 
_citation.title                     'Crystallographic analysis of murine p24 gamma 2 Golgi dynamics domain' 
_citation.year                      2017 
_citation.database_id_CSD           ? 
_citation.pdbx_database_id_DOI      10.1002/prot.25242 
_citation.pdbx_database_id_PubMed   28066915 
_citation.unpublished_flag          ? 
# 
loop_
_citation_author.citation_id 
_citation_author.name 
_citation_author.ordinal 
_citation_author.identifier_ORCID 
primary 'Nagae, M.'            1 ? 
primary 'Liebschner, D.'       2 ? 
primary 'Yamada, Y.'           3 ? 
primary 'Morita-Matsumoto, K.' 4 ? 
primary 'Matsugaki, N.'        5 ? 
primary 'Senda, T.'            6 ? 
primary 'Fujita, M.'           7 ? 
primary 'Kinoshita, T.'        8 ? 
primary 'Yamaguchi, Y.'        9 ? 
# 
loop_
_entity.id 
_entity.type 
_entity.src_method 
_entity.pdbx_description 
_entity.formula_weight 
_entity.pdbx_number_of_molecules 
_entity.pdbx_ec 
_entity.pdbx_mutation 
_entity.pdbx_fragment 
_entity.details 
1 polymer     man 'Transmembrane emp24 domain-containing protein 5' 13134.519 1 ? ? 'UNP residues 33-144' ? 
2 non-polymer syn 'BROMIDE ION'                                     79.904    2 ? ? ?                     ? 
# 
_entity_name_com.entity_id   1 
_entity_name_com.name        'p24 family protein gamma-2,p24gamma2' 
# 
_entity_poly.entity_id                      1 
_entity_poly.type                           'polypeptide(L)' 
_entity_poly.nstd_linkage                   no 
_entity_poly.nstd_monomer                   no 
_entity_poly.pdbx_seq_one_letter_code       
;GSDSDFTFTLPAGRKECFYQPMPLKASLEIEYQVLDGGELDIDFHLTSPEGRTLVFEQRKSDGVHTIETEDGDYMFCFDN
TFSTISEKVIFFELILDNMGEEVQGQEDWKKYIT
;
_entity_poly.pdbx_seq_one_letter_code_can   
;GSDSDFTFTLPAGRKECFYQPMPLKASLEIEYQVLDGGELDIDFHLTSPEGRTLVFEQRKSDGVHTIETEDGDYMFCFDN
TFSTISEKVIFFELILDNMGEEVQGQEDWKKYIT
;
_entity_poly.pdbx_strand_id                 A 
_entity_poly.pdbx_target_identifier         ? 
# 
_pdbx_entity_nonpoly.entity_id   2 
_pdbx_entity_nonpoly.name        'BROMIDE ION' 
_pdbx_entity_nonpoly.comp_id     BR 
# 
loop_
_entity_poly_seq.entity_id 
_entity_poly_seq.num 
_entity_poly_seq.mon_id 
_entity_poly_seq.hetero 
1 1   GLY n 
1 2   SER n 
1 3   ASP n 
1 4   SER n 
1 5   ASP n 
1 6   PHE n 
1 7   THR n 
1 8   PHE n 
1 9   THR n 
1 10  LEU n 
1 11  PRO n 
1 12  ALA n 
1 13  GLY n 
1 14  ARG n 
1 15  LYS n 
1 16  GLU n 
1 17  CYS n 
1 18  PHE n 
1 19  TYR n 
1 20  GLN n 
1 21  PRO n 
1 22  MET n 
1 23  PRO n 
1 24  LEU n 
1 25  LYS n 
1 26  ALA n 
1 27  SER n 
1 28  LEU n 
1 29  GLU n 
1 30  ILE n 
1 31  GLU n 
1 32  TYR n 
1 33  GLN n 
1 34  VAL n 
1 35  LEU n 
1 36  ASP n 
1 37  GLY n 
1 38  GLY n 
1 39  GLU n 
1 40  LEU n 
1 41  ASP n 
1 42  ILE n 
1 43  ASP n 
1 44  PHE n 
1 45  HIS n 
1 46  LEU n 
1 47  THR n 
1 48  SER n 
1 49  PRO n 
1 50  GLU n 
1 51  GLY n 
1 52  ARG n 
1 53  THR n 
1 54  LEU n 
1 55  VAL n 
1 56  PHE n 
1 57  GLU n 
1 58  GLN n 
1 59  ARG n 
1 60  LYS n 
1 61  SER n 
1 62  ASP n 
1 63  GLY n 
1 64  VAL n 
1 65  HIS n 
1 66  THR n 
1 67  ILE n 
1 68  GLU n 
1 69  THR n 
1 70  GLU n 
1 71  ASP n 
1 72  GLY n 
1 73  ASP n 
1 74  TYR n 
1 75  MET n 
1 76  PHE n 
1 77  CYS n 
1 78  PHE n 
1 79  ASP n 
1 80  ASN n 
1 81  THR n 
1 82  PHE n 
1 83  SER n 
1 84  THR n 
1 85  ILE n 
1 86  SER n 
1 87  GLU n 
1 88  LYS n 
1 89  VAL n 
1 90  ILE n 
1 91  PHE n 
1 92  PHE n 
1 93  GLU n 
1 94  LEU n 
1 95  ILE n 
1 96  LEU n 
1 97  ASP n 
1 98  ASN n 
1 99  MET n 
1 100 GLY n 
1 101 GLU n 
1 102 GLU n 
1 103 VAL n 
1 104 GLN n 
1 105 GLY n 
1 106 GLN n 
1 107 GLU n 
1 108 ASP n 
1 109 TRP n 
1 110 LYS n 
1 111 LYS n 
1 112 TYR n 
1 113 ILE n 
1 114 THR n 
# 
_entity_src_gen.entity_id                          1 
_entity_src_gen.pdbx_src_id                        1 
_entity_src_gen.pdbx_alt_source_flag               sample 
_entity_src_gen.pdbx_seq_type                      'Biological sequence' 
_entity_src_gen.pdbx_beg_seq_num                   1 
_entity_src_gen.pdbx_end_seq_num                   114 
_entity_src_gen.gene_src_common_name               Mouse 
_entity_src_gen.gene_src_genus                     ? 
_entity_src_gen.pdbx_gene_src_gene                 Tmed5 
_entity_src_gen.gene_src_species                   ? 
_entity_src_gen.gene_src_strain                    ? 
_entity_src_gen.gene_src_tissue                    ? 
_entity_src_gen.gene_src_tissue_fraction           ? 
_entity_src_gen.gene_src_details                   ? 
_entity_src_gen.pdbx_gene_src_fragment             ? 
_entity_src_gen.pdbx_gene_src_scientific_name      'Mus musculus' 
_entity_src_gen.pdbx_gene_src_ncbi_taxonomy_id     10090 
_entity_src_gen.pdbx_gene_src_variant              ? 
_entity_src_gen.pdbx_gene_src_cell_line            ? 
_entity_src_gen.pdbx_gene_src_atcc                 ? 
_entity_src_gen.pdbx_gene_src_organ                ? 
_entity_src_gen.pdbx_gene_src_organelle            ? 
_entity_src_gen.pdbx_gene_src_cell                 ? 
_entity_src_gen.pdbx_gene_src_cellular_location    ? 
_entity_src_gen.host_org_common_name               ? 
_entity_src_gen.pdbx_host_org_scientific_name      'Escherichia coli' 
_entity_src_gen.pdbx_host_org_ncbi_taxonomy_id     562 
_entity_src_gen.host_org_genus                     ? 
_entity_src_gen.pdbx_host_org_gene                 ? 
_entity_src_gen.pdbx_host_org_organ                ? 
_entity_src_gen.host_org_species                   ? 
_entity_src_gen.pdbx_host_org_tissue               ? 
_entity_src_gen.pdbx_host_org_tissue_fraction      ? 
_entity_src_gen.pdbx_host_org_strain               ? 
_entity_src_gen.pdbx_host_org_variant              ? 
_entity_src_gen.pdbx_host_org_cell_line            ? 
_entity_src_gen.pdbx_host_org_atcc                 ? 
_entity_src_gen.pdbx_host_org_culture_collection   ? 
_entity_src_gen.pdbx_host_org_cell                 ? 
_entity_src_gen.pdbx_host_org_organelle            ? 
_entity_src_gen.pdbx_host_org_cellular_location    ? 
_entity_src_gen.pdbx_host_org_vector_type          ? 
_entity_src_gen.pdbx_host_org_vector               ? 
_entity_src_gen.host_org_details                   ? 
_entity_src_gen.expression_system_id               ? 
_entity_src_gen.plasmid_name                       ? 
_entity_src_gen.plasmid_details                    ? 
_entity_src_gen.pdbx_description                   ? 
# 
loop_
_chem_comp.id 
_chem_comp.type 
_chem_comp.mon_nstd_flag 
_chem_comp.name 
_chem_comp.pdbx_synonyms 
_chem_comp.formula 
_chem_comp.formula_weight 
ALA 'L-peptide linking' y ALANINE         ? 'C3 H7 N O2'     89.093  
ARG 'L-peptide linking' y ARGININE        ? 'C6 H15 N4 O2 1' 175.209 
ASN 'L-peptide linking' y ASPARAGINE      ? 'C4 H8 N2 O3'    132.118 
ASP 'L-peptide linking' y 'ASPARTIC ACID' ? 'C4 H7 N O4'     133.103 
BR  non-polymer         . 'BROMIDE ION'   ? 'Br -1'          79.904  
CYS 'L-peptide linking' y CYSTEINE        ? 'C3 H7 N O2 S'   121.158 
GLN 'L-peptide linking' y GLUTAMINE       ? 'C5 H10 N2 O3'   146.144 
GLU 'L-peptide linking' y 'GLUTAMIC ACID' ? 'C5 H9 N O4'     147.129 
GLY 'peptide linking'   y GLYCINE         ? 'C2 H5 N O2'     75.067  
HIS 'L-peptide linking' y HISTIDINE       ? 'C6 H10 N3 O2 1' 156.162 
ILE 'L-peptide linking' y ISOLEUCINE      ? 'C6 H13 N O2'    131.173 
LEU 'L-peptide linking' y LEUCINE         ? 'C6 H13 N O2'    131.173 
LYS 'L-peptide linking' y LYSINE          ? 'C6 H15 N2 O2 1' 147.195 
MET 'L-peptide linking' y METHIONINE      ? 'C5 H11 N O2 S'  149.211 
PHE 'L-peptide linking' y PHENYLALANINE   ? 'C9 H11 N O2'    165.189 
PRO 'L-peptide linking' y PROLINE         ? 'C5 H9 N O2'     115.130 
SER 'L-peptide linking' y SERINE          ? 'C3 H7 N O3'     105.093 
THR 'L-peptide linking' y THREONINE       ? 'C4 H9 N O3'     119.119 
TRP 'L-peptide linking' y TRYPTOPHAN      ? 'C11 H12 N2 O2'  204.225 
TYR 'L-peptide linking' y TYROSINE        ? 'C9 H11 N O3'    181.189 
VAL 'L-peptide linking' y VALINE          ? 'C5 H11 N O2'    117.146 
# 
loop_
_pdbx_poly_seq_scheme.asym_id 
_pdbx_poly_seq_scheme.entity_id 
_pdbx_poly_seq_scheme.seq_id 
_pdbx_poly_seq_scheme.mon_id 
_pdbx_poly_seq_scheme.ndb_seq_num 
_pdbx_poly_seq_scheme.pdb_seq_num 
_pdbx_poly_seq_scheme.auth_seq_num 
_pdbx_poly_seq_scheme.pdb_mon_id 
_pdbx_poly_seq_scheme.auth_mon_id 
_pdbx_poly_seq_scheme.pdb_strand_id 
_pdbx_poly_seq_scheme.pdb_ins_code 
_pdbx_poly_seq_scheme.hetero 
A 1 1   GLY 1   31  31  GLY GLY A . n 
A 1 2   SER 2   32  32  SER SER A . n 
A 1 3   ASP 3   33  33  ASP ASP A . n 
A 1 4   SER 4   34  34  SER SER A . n 
A 1 5   ASP 5   35  35  ASP ASP A . n 
A 1 6   PHE 6   36  36  PHE PHE A . n 
A 1 7   THR 7   37  37  THR THR A . n 
A 1 8   PHE 8   38  38  PHE PHE A . n 
A 1 9   THR 9   39  39  THR THR A . n 
A 1 10  LEU 10  40  40  LEU LEU A . n 
A 1 11  PRO 11  41  41  PRO PRO A . n 
A 1 12  ALA 12  42  42  ALA ALA A . n 
A 1 13  GLY 13  43  43  GLY GLY A . n 
A 1 14  ARG 14  44  44  ARG ARG A . n 
A 1 15  LYS 15  45  45  LYS LYS A . n 
A 1 16  GLU 16  46  46  GLU GLU A . n 
A 1 17  CYS 17  47  47  CYS CYS A . n 
A 1 18  PHE 18  48  48  PHE PHE A . n 
A 1 19  TYR 19  49  49  TYR TYR A . n 
A 1 20  GLN 20  50  50  GLN GLN A . n 
A 1 21  PRO 21  51  51  PRO PRO A . n 
A 1 22  MET 22  52  52  MET MET A . n 
A 1 23  PRO 23  53  53  PRO PRO A . n 
A 1 24  LEU 24  54  54  LEU LEU A . n 
A 1 25  LYS 25  55  55  LYS LYS A . n 
A 1 26  ALA 26  56  56  ALA ALA A . n 
A 1 27  SER 27  57  57  SER SER A . n 
A 1 28  LEU 28  58  58  LEU LEU A . n 
A 1 29  GLU 29  59  59  GLU GLU A . n 
A 1 30  ILE 30  60  60  ILE ILE A . n 
A 1 31  GLU 31  61  61  GLU GLU A . n 
A 1 32  TYR 32  62  62  TYR TYR A . n 
A 1 33  GLN 33  63  63  GLN GLN A . n 
A 1 34  VAL 34  64  64  VAL VAL A . n 
A 1 35  LEU 35  65  65  LEU LEU A . n 
A 1 36  ASP 36  66  66  ASP ASP A . n 
A 1 37  GLY 37  67  67  GLY GLY A . n 
A 1 38  GLY 38  68  68  GLY GLY A . n 
A 1 39  GLU 39  69  69  GLU GLU A . n 
A 1 40  LEU 40  70  70  LEU LEU A . n 
A 1 41  ASP 41  71  71  ASP ASP A . n 
A 1 42  ILE 42  72  72  ILE ILE A . n 
A 1 43  ASP 43  73  73  ASP ASP A . n 
A 1 44  PHE 44  74  74  PHE PHE A . n 
A 1 45  HIS 45  75  75  HIS HIS A . n 
A 1 46  LEU 46  76  76  LEU LEU A . n 
A 1 47  THR 47  77  77  THR THR A . n 
A 1 48  SER 48  78  78  SER SER A . n 
A 1 49  PRO 49  79  79  PRO PRO A . n 
A 1 50  GLU 50  80  80  GLU GLU A . n 
A 1 51  GLY 51  81  81  GLY GLY A . n 
A 1 52  ARG 52  82  82  ARG ARG A . n 
A 1 53  THR 53  83  83  THR THR A . n 
A 1 54  LEU 54  84  84  LEU LEU A . n 
A 1 55  VAL 55  85  85  VAL VAL A . n 
A 1 56  PHE 56  86  86  PHE PHE A . n 
A 1 57  GLU 57  87  87  GLU GLU A . n 
A 1 58  GLN 58  88  88  GLN GLN A . n 
A 1 59  ARG 59  89  89  ARG ARG A . n 
A 1 60  LYS 60  90  90  LYS LYS A . n 
A 1 61  SER 61  91  91  SER SER A . n 
A 1 62  ASP 62  92  92  ASP ASP A . n 
A 1 63  GLY 63  93  93  GLY GLY A . n 
A 1 64  VAL 64  94  94  VAL VAL A . n 
A 1 65  HIS 65  95  95  HIS HIS A . n 
A 1 66  THR 66  96  96  THR THR A . n 
A 1 67  ILE 67  97  97  ILE ILE A . n 
A 1 68  GLU 68  98  98  GLU GLU A . n 
A 1 69  THR 69  99  99  THR THR A . n 
A 1 70  GLU 70  100 100 GLU GLU A . n 
A 1 71  ASP 71  101 101 ASP ASP A . n 
A 1 72  GLY 72  102 102 GLY GLY A . n 
A 1 73  ASP 73  103 103 ASP ASP A . n 
A 1 74  TYR 74  104 104 TYR TYR A . n 
A 1 75  MET 75  105 105 MET MET A . n 
A 1 76  PHE 76  106 106 PHE PHE A . n 
A 1 77  CYS 77  107 107 CYS CYS A . n 
A 1 78  PHE 78  108 108 PHE PHE A . n 
A 1 79  ASP 79  109 109 ASP ASP A . n 
A 1 80  ASN 80  110 110 ASN ASN A . n 
A 1 81  THR 81  111 111 THR THR A . n 
A 1 82  PHE 82  112 112 PHE PHE A . n 
A 1 83  SER 83  113 113 SER SER A . n 
A 1 84  THR 84  114 114 THR THR A . n 
A 1 85  ILE 85  115 115 ILE ILE A . n 
A 1 86  SER 86  116 116 SER SER A . n 
A 1 87  GLU 87  117 117 GLU GLU A . n 
A 1 88  LYS 88  118 118 LYS LYS A . n 
A 1 89  VAL 89  119 119 VAL VAL A . n 
A 1 90  ILE 90  120 120 ILE ILE A . n 
A 1 91  PHE 91  121 121 PHE PHE A . n 
A 1 92  PHE 92  122 122 PHE PHE A . n 
A 1 93  GLU 93  123 123 GLU GLU A . n 
A 1 94  LEU 94  124 124 LEU LEU A . n 
A 1 95  ILE 95  125 125 ILE ILE A . n 
A 1 96  LEU 96  126 126 LEU LEU A . n 
A 1 97  ASP 97  127 127 ASP ASP A . n 
A 1 98  ASN 98  128 128 ASN ASN A . n 
A 1 99  MET 99  129 129 MET MET A . n 
A 1 100 GLY 100 130 130 GLY GLY A . n 
A 1 101 GLU 101 131 ?   ?   ?   A . n 
A 1 102 GLU 102 132 ?   ?   ?   A . n 
A 1 103 VAL 103 133 ?   ?   ?   A . n 
A 1 104 GLN 104 134 134 GLN GLN A . n 
A 1 105 GLY 105 135 135 GLY GLY A . n 
A 1 106 GLN 106 136 136 GLN GLN A . n 
A 1 107 GLU 107 137 137 GLU GLU A . n 
A 1 108 ASP 108 138 138 ASP ASP A . n 
A 1 109 TRP 109 139 139 TRP TRP A . n 
A 1 110 LYS 110 140 140 LYS LYS A . n 
A 1 111 LYS 111 141 141 LYS LYS A . n 
A 1 112 TYR 112 142 ?   ?   ?   A . n 
A 1 113 ILE 113 143 ?   ?   ?   A . n 
A 1 114 THR 114 144 ?   ?   ?   A . n 
# 
loop_
_pdbx_nonpoly_scheme.asym_id 
_pdbx_nonpoly_scheme.entity_id 
_pdbx_nonpoly_scheme.mon_id 
_pdbx_nonpoly_scheme.ndb_seq_num 
_pdbx_nonpoly_scheme.pdb_seq_num 
_pdbx_nonpoly_scheme.auth_seq_num 
_pdbx_nonpoly_scheme.pdb_mon_id 
_pdbx_nonpoly_scheme.auth_mon_id 
_pdbx_nonpoly_scheme.pdb_strand_id 
_pdbx_nonpoly_scheme.pdb_ins_code 
B 2 BR 1 201 1 BR BR A . 
C 2 BR 1 202 2 BR BR A . 
# 
loop_
_software.citation_id 
_software.classification 
_software.compiler_name 
_software.compiler_version 
_software.contact_author 
_software.contact_author_email 
_software.date 
_software.description 
_software.dependencies 
_software.hardware 
_software.language 
_software.location 
_software.mods 
_software.name 
_software.os 
_software.os_version 
_software.type 
_software.version 
_software.pdbx_ordinal 
? refinement       ? ? ? ? ? ? ? ? ? ? ? PHENIX   ? ? ? '(1.10_2155: 000)' 1 
? 'data reduction' ? ? ? ? ? ? ? ? ? ? ? HKL-2000 ? ? ? .                  2 
? 'data scaling'   ? ? ? ? ? ? ? ? ? ? ? HKL-2000 ? ? ? .                  3 
? phasing          ? ? ? ? ? ? ? ? ? ? ? PHENIX   ? ? ? '(1.10_2155: 000)' 4 
# 
_cell.angle_alpha                  90.00 
_cell.angle_alpha_esd              ? 
_cell.angle_beta                   90.00 
_cell.angle_beta_esd               ? 
_cell.angle_gamma                  120.00 
_cell.angle_gamma_esd              ? 
_cell.entry_id                     5GU5 
_cell.details                      ? 
_cell.formula_units_Z              ? 
_cell.length_a                     79.410 
_cell.length_a_esd                 ? 
_cell.length_b                     79.410 
_cell.length_b_esd                 ? 
_cell.length_c                     125.948 
_cell.length_c_esd                 ? 
_cell.volume                       ? 
_cell.volume_esd                   ? 
_cell.Z_PDB                        12 
_cell.reciprocal_angle_alpha       ? 
_cell.reciprocal_angle_beta        ? 
_cell.reciprocal_angle_gamma       ? 
_cell.reciprocal_angle_alpha_esd   ? 
_cell.reciprocal_angle_beta_esd    ? 
_cell.reciprocal_angle_gamma_esd   ? 
_cell.reciprocal_length_a          ? 
_cell.reciprocal_length_b          ? 
_cell.reciprocal_length_c          ? 
_cell.reciprocal_length_a_esd      ? 
_cell.reciprocal_length_b_esd      ? 
_cell.reciprocal_length_c_esd      ? 
_cell.pdbx_unique_axis             ? 
# 
_symmetry.entry_id                         5GU5 
_symmetry.cell_setting                     ? 
_symmetry.Int_Tables_number                181 
_symmetry.space_group_name_Hall            ? 
_symmetry.space_group_name_H-M             'P 64 2 2' 
_symmetry.pdbx_full_space_group_name_H-M   ? 
# 
_exptl.absorpt_coefficient_mu     ? 
_exptl.absorpt_correction_T_max   ? 
_exptl.absorpt_correction_T_min   ? 
_exptl.absorpt_correction_type    ? 
_exptl.absorpt_process_details    ? 
_exptl.entry_id                   5GU5 
_exptl.crystals_number            1 
_exptl.details                    ? 
_exptl.method                     'X-RAY DIFFRACTION' 
_exptl.method_details             ? 
# 
_exptl_crystal.colour                      ? 
_exptl_crystal.density_diffrn              ? 
_exptl_crystal.density_Matthews            4.36 
_exptl_crystal.density_method              ? 
_exptl_crystal.density_percent_sol         71.81 
_exptl_crystal.description                 ? 
_exptl_crystal.F_000                       ? 
_exptl_crystal.id                          1 
_exptl_crystal.preparation                 ? 
_exptl_crystal.size_max                    ? 
_exptl_crystal.size_mid                    ? 
_exptl_crystal.size_min                    ? 
_exptl_crystal.size_rad                    ? 
_exptl_crystal.colour_lustre               ? 
_exptl_crystal.colour_modifier             ? 
_exptl_crystal.colour_primary              ? 
_exptl_crystal.density_meas                ? 
_exptl_crystal.density_meas_esd            ? 
_exptl_crystal.density_meas_gt             ? 
_exptl_crystal.density_meas_lt             ? 
_exptl_crystal.density_meas_temp           ? 
_exptl_crystal.density_meas_temp_esd       ? 
_exptl_crystal.density_meas_temp_gt        ? 
_exptl_crystal.density_meas_temp_lt        ? 
_exptl_crystal.pdbx_crystal_image_url      ? 
_exptl_crystal.pdbx_crystal_image_format   ? 
_exptl_crystal.pdbx_mosaicity              ? 
_exptl_crystal.pdbx_mosaicity_esd          ? 
# 
_exptl_crystal_grow.apparatus       ? 
_exptl_crystal_grow.atmosphere      ? 
_exptl_crystal_grow.crystal_id      1 
_exptl_crystal_grow.details         ? 
_exptl_crystal_grow.method          'VAPOR DIFFUSION, SITTING DROP' 
_exptl_crystal_grow.method_ref      ? 
_exptl_crystal_grow.pH              8.0 
_exptl_crystal_grow.pressure        ? 
_exptl_crystal_grow.pressure_esd    ? 
_exptl_crystal_grow.seeding         ? 
_exptl_crystal_grow.seeding_ref     ? 
_exptl_crystal_grow.temp            293 
_exptl_crystal_grow.temp_details    ? 
_exptl_crystal_grow.temp_esd        ? 
_exptl_crystal_grow.time            ? 
_exptl_crystal_grow.pdbx_details    '60% (v/v) Tascimate (pH 8.0)' 
_exptl_crystal_grow.pdbx_pH_range   ? 
# 
_diffrn.ambient_environment    ? 
_diffrn.ambient_temp           95 
_diffrn.ambient_temp_details   ? 
_diffrn.ambient_temp_esd       ? 
_diffrn.crystal_id             1 
_diffrn.crystal_support        ? 
_diffrn.crystal_treatment      ? 
_diffrn.details                ? 
_diffrn.id                     1 
_diffrn.ambient_pressure       ? 
_diffrn.ambient_pressure_esd   ? 
_diffrn.ambient_pressure_gt    ? 
_diffrn.ambient_pressure_lt    ? 
_diffrn.ambient_temp_gt        ? 
_diffrn.ambient_temp_lt        ? 
# 
_diffrn_detector.details                      ? 
_diffrn_detector.detector                     CCD 
_diffrn_detector.diffrn_id                    1 
_diffrn_detector.type                         'ADSC QUANTUM 270' 
_diffrn_detector.area_resol_mean              ? 
_diffrn_detector.dtime                        ? 
_diffrn_detector.pdbx_frames_total            ? 
_diffrn_detector.pdbx_collection_time_total   ? 
_diffrn_detector.pdbx_collection_date         2013-06-12 
# 
_diffrn_radiation.collimation                      ? 
_diffrn_radiation.diffrn_id                        1 
_diffrn_radiation.filter_edge                      ? 
_diffrn_radiation.inhomogeneity                    ? 
_diffrn_radiation.monochromator                    'Si(111) double crystal monochromator' 
_diffrn_radiation.polarisn_norm                    ? 
_diffrn_radiation.polarisn_ratio                   ? 
_diffrn_radiation.probe                            ? 
_diffrn_radiation.type                             ? 
_diffrn_radiation.xray_symbol                      ? 
_diffrn_radiation.wavelength_id                    1 
_diffrn_radiation.pdbx_monochromatic_or_laue_m_l   M 
_diffrn_radiation.pdbx_wavelength_list             ? 
_diffrn_radiation.pdbx_wavelength                  ? 
_diffrn_radiation.pdbx_diffrn_protocol             'SINGLE WAVELENGTH' 
_diffrn_radiation.pdbx_analyzer                    ? 
_diffrn_radiation.pdbx_scattering_type             x-ray 
# 
_diffrn_radiation_wavelength.id           1 
_diffrn_radiation_wavelength.wavelength   0.98 
_diffrn_radiation_wavelength.wt           1.0 
# 
_diffrn_source.current                     ? 
_diffrn_source.details                     ? 
_diffrn_source.diffrn_id                   1 
_diffrn_source.power                       ? 
_diffrn_source.size                        ? 
_diffrn_source.source                      SYNCHROTRON 
_diffrn_source.target                      ? 
_diffrn_source.type                        'PHOTON FACTORY BEAMLINE BL-17A' 
_diffrn_source.voltage                     ? 
_diffrn_source.take-off_angle              ? 
_diffrn_source.pdbx_wavelength_list        0.98 
_diffrn_source.pdbx_wavelength             ? 
_diffrn_source.pdbx_synchrotron_beamline   BL-17A 
_diffrn_source.pdbx_synchrotron_site       'Photon Factory' 
# 
_reflns.B_iso_Wilson_estimate            ? 
_reflns.entry_id                         5GU5 
_reflns.data_reduction_details           ? 
_reflns.data_reduction_method            ? 
_reflns.d_resolution_high                2.8 
_reflns.d_resolution_low                 100 
_reflns.details                          ? 
_reflns.limit_h_max                      ? 
_reflns.limit_h_min                      ? 
_reflns.limit_k_max                      ? 
_reflns.limit_k_min                      ? 
_reflns.limit_l_max                      ? 
_reflns.limit_l_min                      ? 
_reflns.number_all                       ? 
_reflns.number_obs                       6265 
_reflns.observed_criterion               ? 
_reflns.observed_criterion_F_max         ? 
_reflns.observed_criterion_F_min         ? 
_reflns.observed_criterion_I_max         ? 
_reflns.observed_criterion_I_min         ? 
_reflns.observed_criterion_sigma_F       ? 
_reflns.observed_criterion_sigma_I       ? 
_reflns.percent_possible_obs             99 
_reflns.R_free_details                   ? 
_reflns.Rmerge_F_all                     ? 
_reflns.Rmerge_F_obs                     ? 
_reflns.Friedel_coverage                 ? 
_reflns.number_gt                        ? 
_reflns.threshold_expression             ? 
_reflns.pdbx_redundancy                  12.8 
_reflns.pdbx_Rmerge_I_obs                ? 
_reflns.pdbx_Rmerge_I_all                ? 
_reflns.pdbx_Rsym_value                  0.083 
_reflns.pdbx_netI_over_av_sigmaI         ? 
_reflns.pdbx_netI_over_sigmaI            72.1 
_reflns.pdbx_res_netI_over_av_sigmaI_2   ? 
_reflns.pdbx_res_netI_over_sigmaI_2      ? 
_reflns.pdbx_chi_squared                 ? 
_reflns.pdbx_scaling_rejects             ? 
_reflns.pdbx_d_res_high_opt              ? 
_reflns.pdbx_d_res_low_opt               ? 
_reflns.pdbx_d_res_opt_method            ? 
_reflns.phase_calculation_details        ? 
_reflns.pdbx_Rrim_I_all                  ? 
_reflns.pdbx_Rpim_I_all                  ? 
_reflns.pdbx_d_opt                       ? 
_reflns.pdbx_number_measured_all         ? 
_reflns.pdbx_diffrn_id                   1 
_reflns.pdbx_ordinal                     1 
_reflns.pdbx_CC_half                     ? 
_reflns.pdbx_R_split                     ? 
# 
_reflns_shell.d_res_high                  2.8 
_reflns_shell.d_res_low                   2.85 
_reflns_shell.meanI_over_sigI_all         ? 
_reflns_shell.meanI_over_sigI_obs         4.5 
_reflns_shell.number_measured_all         ? 
_reflns_shell.number_measured_obs         ? 
_reflns_shell.number_possible             ? 
_reflns_shell.number_unique_all           ? 
_reflns_shell.number_unique_obs           ? 
_reflns_shell.percent_possible_all        100 
_reflns_shell.percent_possible_obs        ? 
_reflns_shell.Rmerge_F_all                ? 
_reflns_shell.Rmerge_F_obs                ? 
_reflns_shell.Rmerge_I_all                ? 
_reflns_shell.Rmerge_I_obs                0.762 
_reflns_shell.meanI_over_sigI_gt          ? 
_reflns_shell.meanI_over_uI_all           ? 
_reflns_shell.meanI_over_uI_gt            ? 
_reflns_shell.number_measured_gt          ? 
_reflns_shell.number_unique_gt            ? 
_reflns_shell.percent_possible_gt         ? 
_reflns_shell.Rmerge_F_gt                 ? 
_reflns_shell.Rmerge_I_gt                 ? 
_reflns_shell.pdbx_redundancy             12.9 
_reflns_shell.pdbx_Rsym_value             ? 
_reflns_shell.pdbx_chi_squared            ? 
_reflns_shell.pdbx_netI_over_sigmaI_all   ? 
_reflns_shell.pdbx_netI_over_sigmaI_obs   ? 
_reflns_shell.pdbx_Rrim_I_all             ? 
_reflns_shell.pdbx_Rpim_I_all             ? 
_reflns_shell.pdbx_rejects                ? 
_reflns_shell.pdbx_ordinal                1 
_reflns_shell.pdbx_diffrn_id              1 
_reflns_shell.pdbx_CC_half                ? 
_reflns_shell.pdbx_R_split                ? 
# 
_refine.aniso_B[1][1]                            ? 
_refine.aniso_B[1][2]                            ? 
_refine.aniso_B[1][3]                            ? 
_refine.aniso_B[2][2]                            ? 
_refine.aniso_B[2][3]                            ? 
_refine.aniso_B[3][3]                            ? 
_refine.B_iso_max                                ? 
_refine.B_iso_mean                               ? 
_refine.B_iso_min                                ? 
_refine.correlation_coeff_Fo_to_Fc               ? 
_refine.correlation_coeff_Fo_to_Fc_free          ? 
_refine.details                                  ? 
_refine.diff_density_max                         ? 
_refine.diff_density_max_esd                     ? 
_refine.diff_density_min                         ? 
_refine.diff_density_min_esd                     ? 
_refine.diff_density_rms                         ? 
_refine.diff_density_rms_esd                     ? 
_refine.entry_id                                 5GU5 
_refine.pdbx_refine_id                           'X-RAY DIFFRACTION' 
_refine.ls_abs_structure_details                 ? 
_refine.ls_abs_structure_Flack                   ? 
_refine.ls_abs_structure_Flack_esd               ? 
_refine.ls_abs_structure_Rogers                  ? 
_refine.ls_abs_structure_Rogers_esd              ? 
_refine.ls_d_res_high                            2.800 
_refine.ls_d_res_low                             35.833 
_refine.ls_extinction_coef                       ? 
_refine.ls_extinction_coef_esd                   ? 
_refine.ls_extinction_expression                 ? 
_refine.ls_extinction_method                     ? 
_refine.ls_goodness_of_fit_all                   ? 
_refine.ls_goodness_of_fit_all_esd               ? 
_refine.ls_goodness_of_fit_obs                   ? 
_refine.ls_goodness_of_fit_obs_esd               ? 
_refine.ls_hydrogen_treatment                    ? 
_refine.ls_matrix_type                           ? 
_refine.ls_number_constraints                    ? 
_refine.ls_number_parameters                     ? 
_refine.ls_number_reflns_all                     ? 
_refine.ls_number_reflns_obs                     6165 
_refine.ls_number_reflns_R_free                  282 
_refine.ls_number_reflns_R_work                  ? 
_refine.ls_number_restraints                     ? 
_refine.ls_percent_reflns_obs                    98.91 
_refine.ls_percent_reflns_R_free                 4.57 
_refine.ls_R_factor_all                          ? 
_refine.ls_R_factor_obs                          0.2261 
_refine.ls_R_factor_R_free                       0.2739 
_refine.ls_R_factor_R_free_error                 ? 
_refine.ls_R_factor_R_free_error_details         ? 
_refine.ls_R_factor_R_work                       0.2240 
_refine.ls_R_Fsqd_factor_obs                     ? 
_refine.ls_R_I_factor_obs                        ? 
_refine.ls_redundancy_reflns_all                 ? 
_refine.ls_redundancy_reflns_obs                 ? 
_refine.ls_restrained_S_all                      ? 
_refine.ls_restrained_S_obs                      ? 
_refine.ls_shift_over_esd_max                    ? 
_refine.ls_shift_over_esd_mean                   ? 
_refine.ls_structure_factor_coef                 ? 
_refine.ls_weighting_details                     ? 
_refine.ls_weighting_scheme                      ? 
_refine.ls_wR_factor_all                         ? 
_refine.ls_wR_factor_obs                         ? 
_refine.ls_wR_factor_R_free                      ? 
_refine.ls_wR_factor_R_work                      ? 
_refine.occupancy_max                            ? 
_refine.occupancy_min                            ? 
_refine.solvent_model_details                    ? 
_refine.solvent_model_param_bsol                 ? 
_refine.solvent_model_param_ksol                 ? 
_refine.ls_R_factor_gt                           ? 
_refine.ls_goodness_of_fit_gt                    ? 
_refine.ls_goodness_of_fit_ref                   ? 
_refine.ls_shift_over_su_max                     ? 
_refine.ls_shift_over_su_max_lt                  ? 
_refine.ls_shift_over_su_mean                    ? 
_refine.ls_shift_over_su_mean_lt                 ? 
_refine.pdbx_ls_sigma_I                          ? 
_refine.pdbx_ls_sigma_F                          1.35 
_refine.pdbx_ls_sigma_Fsqd                       ? 
_refine.pdbx_data_cutoff_high_absF               ? 
_refine.pdbx_data_cutoff_high_rms_absF           ? 
_refine.pdbx_data_cutoff_low_absF                ? 
_refine.pdbx_isotropic_thermal_model             ? 
_refine.pdbx_ls_cross_valid_method               'FREE R-VALUE' 
_refine.pdbx_method_to_determine_struct          SAD 
_refine.pdbx_starting_model                      ? 
_refine.pdbx_stereochemistry_target_values       ? 
_refine.pdbx_R_Free_selection_details            ? 
_refine.pdbx_stereochem_target_val_spec_case     ? 
_refine.pdbx_overall_ESU_R                       ? 
_refine.pdbx_overall_ESU_R_Free                  ? 
_refine.pdbx_solvent_vdw_probe_radii             1.11 
_refine.pdbx_solvent_ion_probe_radii             ? 
_refine.pdbx_solvent_shrinkage_radii             0.90 
_refine.pdbx_real_space_R                        ? 
_refine.pdbx_density_correlation                 ? 
_refine.pdbx_pd_number_of_powder_patterns        ? 
_refine.pdbx_pd_number_of_points                 ? 
_refine.pdbx_pd_meas_number_of_points            ? 
_refine.pdbx_pd_proc_ls_prof_R_factor            ? 
_refine.pdbx_pd_proc_ls_prof_wR_factor           ? 
_refine.pdbx_pd_Marquardt_correlation_coeff      ? 
_refine.pdbx_pd_Fsqrd_R_factor                   ? 
_refine.pdbx_pd_ls_matrix_band_width             ? 
_refine.pdbx_overall_phase_error                 23.21 
_refine.pdbx_overall_SU_R_free_Cruickshank_DPI   ? 
_refine.pdbx_overall_SU_R_free_Blow_DPI          ? 
_refine.pdbx_overall_SU_R_Blow_DPI               ? 
_refine.pdbx_TLS_residual_ADP_flag               ? 
_refine.pdbx_diffrn_id                           1 
_refine.overall_SU_B                             ? 
_refine.overall_SU_ML                            0.30 
_refine.overall_SU_R_Cruickshank_DPI             ? 
_refine.overall_SU_R_free                        ? 
_refine.overall_FOM_free_R_set                   ? 
_refine.overall_FOM_work_R_set                   ? 
_refine.pdbx_average_fsc_overall                 ? 
_refine.pdbx_average_fsc_work                    ? 
_refine.pdbx_average_fsc_free                    ? 
# 
_refine_hist.pdbx_refine_id                   'X-RAY DIFFRACTION' 
_refine_hist.cycle_id                         LAST 
_refine_hist.pdbx_number_atoms_protein        871 
_refine_hist.pdbx_number_atoms_nucleic_acid   0 
_refine_hist.pdbx_number_atoms_ligand         2 
_refine_hist.number_atoms_solvent             0 
_refine_hist.number_atoms_total               873 
_refine_hist.d_res_high                       2.800 
_refine_hist.d_res_low                        35.833 
# 
loop_
_refine_ls_restr.pdbx_refine_id 
_refine_ls_restr.criterion 
_refine_ls_restr.dev_ideal 
_refine_ls_restr.dev_ideal_target 
_refine_ls_restr.number 
_refine_ls_restr.rejects 
_refine_ls_restr.type 
_refine_ls_restr.weight 
_refine_ls_restr.pdbx_restraint_function 
'X-RAY DIFFRACTION' ? 0.004  ? 891  ? f_bond_d           ? ? 
'X-RAY DIFFRACTION' ? 0.730  ? 1200 ? f_angle_d          ? ? 
'X-RAY DIFFRACTION' ? 15.063 ? 527  ? f_dihedral_angle_d ? ? 
'X-RAY DIFFRACTION' ? 0.050  ? 126  ? f_chiral_restr     ? ? 
'X-RAY DIFFRACTION' ? 0.004  ? 158  ? f_plane_restr      ? ? 
# 
loop_
_refine_ls_shell.pdbx_refine_id 
_refine_ls_shell.d_res_high 
_refine_ls_shell.d_res_low 
_refine_ls_shell.number_reflns_all 
_refine_ls_shell.number_reflns_obs 
_refine_ls_shell.number_reflns_R_free 
_refine_ls_shell.number_reflns_R_work 
_refine_ls_shell.percent_reflns_obs 
_refine_ls_shell.percent_reflns_R_free 
_refine_ls_shell.R_factor_all 
_refine_ls_shell.R_factor_obs 
_refine_ls_shell.R_factor_R_free 
_refine_ls_shell.R_factor_R_free_error 
_refine_ls_shell.R_factor_R_work 
_refine_ls_shell.redundancy_reflns_all 
_refine_ls_shell.redundancy_reflns_obs 
_refine_ls_shell.wR_factor_all 
_refine_ls_shell.wR_factor_obs 
_refine_ls_shell.wR_factor_R_free 
_refine_ls_shell.wR_factor_R_work 
_refine_ls_shell.pdbx_total_number_of_bins_used 
_refine_ls_shell.pdbx_phase_error 
_refine_ls_shell.pdbx_fsc_work 
_refine_ls_shell.pdbx_fsc_free 
'X-RAY DIFFRACTION' 2.8002 3.5275  . . 131 2876 100.00 . . . 0.3773 . 0.3021 . . . . . . . . . . 
'X-RAY DIFFRACTION' 3.5275 35.8362 . . 151 3007 98.00  . . . 0.2467 . 0.2011 . . . . . . . . . . 
# 
_struct.entry_id                     5GU5 
_struct.title                        'Crystal structure of p24gamma2 GOLD domain determined by sulfur-SAD' 
_struct.pdbx_model_details           ? 
_struct.pdbx_formula_weight          ? 
_struct.pdbx_formula_weight_method   ? 
_struct.pdbx_model_type_details      ? 
_struct.pdbx_CASP_flag               N 
# 
_struct_keywords.entry_id        5GU5 
_struct_keywords.text            'transport protein, GPI-anchored protein, p24 protein family' 
_struct_keywords.pdbx_keywords   'TRANSPORT PROTEIN' 
# 
loop_
_struct_asym.id 
_struct_asym.pdbx_blank_PDB_chainid_flag 
_struct_asym.pdbx_modified 
_struct_asym.entity_id 
_struct_asym.details 
A N N 1 ? 
B N N 2 ? 
C N N 2 ? 
# 
_struct_ref.id                         1 
_struct_ref.db_name                    UNP 
_struct_ref.db_code                    TMED5_MOUSE 
_struct_ref.pdbx_db_accession          Q9CXE7 
_struct_ref.pdbx_db_isoform            ? 
_struct_ref.entity_id                  1 
_struct_ref.pdbx_seq_one_letter_code   
;DSDFTFTLPAGRKECFYQPMPLKASLEIEYQVLDGGELDIDFHLTSPEGRTLVFEQRKSDGVHTIETEDGDYMFCFDNTF
STISEKVIFFELILDNMGEEVQGQEDWKKYIT
;
_struct_ref.pdbx_align_begin           33 
# 
_struct_ref_seq.align_id                      1 
_struct_ref_seq.ref_id                        1 
_struct_ref_seq.pdbx_PDB_id_code              5GU5 
_struct_ref_seq.pdbx_strand_id                A 
_struct_ref_seq.seq_align_beg                 3 
_struct_ref_seq.pdbx_seq_align_beg_ins_code   ? 
_struct_ref_seq.seq_align_end                 114 
_struct_ref_seq.pdbx_seq_align_end_ins_code   ? 
_struct_ref_seq.pdbx_db_accession             Q9CXE7 
_struct_ref_seq.db_align_beg                  33 
_struct_ref_seq.pdbx_db_align_beg_ins_code    ? 
_struct_ref_seq.db_align_end                  144 
_struct_ref_seq.pdbx_db_align_end_ins_code    ? 
_struct_ref_seq.pdbx_auth_seq_align_beg       33 
_struct_ref_seq.pdbx_auth_seq_align_end       144 
# 
loop_
_struct_ref_seq_dif.align_id 
_struct_ref_seq_dif.pdbx_pdb_id_code 
_struct_ref_seq_dif.mon_id 
_struct_ref_seq_dif.pdbx_pdb_strand_id 
_struct_ref_seq_dif.seq_num 
_struct_ref_seq_dif.pdbx_pdb_ins_code 
_struct_ref_seq_dif.pdbx_seq_db_name 
_struct_ref_seq_dif.pdbx_seq_db_accession_code 
_struct_ref_seq_dif.db_mon_id 
_struct_ref_seq_dif.pdbx_seq_db_seq_num 
_struct_ref_seq_dif.details 
_struct_ref_seq_dif.pdbx_auth_seq_num 
_struct_ref_seq_dif.pdbx_ordinal 
1 5GU5 GLY A 1 ? UNP Q9CXE7 ? ? 'expression tag' 31 1 
1 5GU5 SER A 2 ? UNP Q9CXE7 ? ? 'expression tag' 32 2 
# 
loop_
_pdbx_struct_assembly.id 
_pdbx_struct_assembly.details 
_pdbx_struct_assembly.method_details 
_pdbx_struct_assembly.oligomeric_details 
_pdbx_struct_assembly.oligomeric_count 
1 author_defined_assembly   ?    monomeric 1 
2 software_defined_assembly PISA dimeric   2 
# 
loop_
_pdbx_struct_assembly_prop.biol_id 
_pdbx_struct_assembly_prop.type 
_pdbx_struct_assembly_prop.value 
_pdbx_struct_assembly_prop.details 
1 'ABSA (A^2)' 290   ? 
1 MORE         -1    ? 
1 'SSA (A^2)'  6650  ? 
2 'ABSA (A^2)' 2500  ? 
2 MORE         -10   ? 
2 'SSA (A^2)'  11380 ? 
# 
loop_
_pdbx_struct_assembly_gen.assembly_id 
_pdbx_struct_assembly_gen.oper_expression 
_pdbx_struct_assembly_gen.asym_id_list 
1 1   A,B,C 
2 1,2 A,B,C 
# 
loop_
_pdbx_struct_oper_list.id 
_pdbx_struct_oper_list.type 
_pdbx_struct_oper_list.name 
_pdbx_struct_oper_list.symmetry_operation 
_pdbx_struct_oper_list.matrix[1][1] 
_pdbx_struct_oper_list.matrix[1][2] 
_pdbx_struct_oper_list.matrix[1][3] 
_pdbx_struct_oper_list.vector[1] 
_pdbx_struct_oper_list.matrix[2][1] 
_pdbx_struct_oper_list.matrix[2][2] 
_pdbx_struct_oper_list.matrix[2][3] 
_pdbx_struct_oper_list.vector[2] 
_pdbx_struct_oper_list.matrix[3][1] 
_pdbx_struct_oper_list.matrix[3][2] 
_pdbx_struct_oper_list.matrix[3][3] 
_pdbx_struct_oper_list.vector[3] 
1 'identity operation'         1_555  x,y,z        1.0000000000  0.0000000000 0.0000000000 0.0000000000 0.0000000000 1.0000000000  0.0000000000 0.0000000000  0.0000000000 0.0000000000 1.0000000000 0.0000000000  
2 'crystal symmetry operation' 12_554 x,x-y,-z-1/3 -0.8879801508 0.1518435043 0.4340907762 0.4906860551 0.1518435043 -0.7941753184 0.5884123672 25.1396841247 0.4340907762 0.5884123672 0.6821554692 -8.9204021939 
# 
_struct_conf.conf_type_id            HELX_P 
_struct_conf.id                      HELX_P1 
_struct_conf.pdbx_PDB_helix_id       AA1 
_struct_conf.beg_label_comp_id       GLY 
_struct_conf.beg_label_asym_id       A 
_struct_conf.beg_label_seq_id        105 
_struct_conf.pdbx_beg_PDB_ins_code   ? 
_struct_conf.end_label_comp_id       LYS 
_struct_conf.end_label_asym_id       A 
_struct_conf.end_label_seq_id        111 
_struct_conf.pdbx_end_PDB_ins_code   ? 
_struct_conf.beg_auth_comp_id        GLY 
_struct_conf.beg_auth_asym_id        A 
_struct_conf.beg_auth_seq_id         135 
_struct_conf.end_auth_comp_id        LYS 
_struct_conf.end_auth_asym_id        A 
_struct_conf.end_auth_seq_id         141 
_struct_conf.pdbx_PDB_helix_class    1 
_struct_conf.details                 ? 
_struct_conf.pdbx_PDB_helix_length   7 
# 
_struct_conf_type.id          HELX_P 
_struct_conf_type.criteria    ? 
_struct_conf_type.reference   ? 
# 
_struct_conn.id                            disulf1 
_struct_conn.conn_type_id                  disulf 
_struct_conn.pdbx_leaving_atom_flag        ? 
_struct_conn.pdbx_PDB_id                   ? 
_struct_conn.ptnr1_label_asym_id           A 
_struct_conn.ptnr1_label_comp_id           CYS 
_struct_conn.ptnr1_label_seq_id            17 
_struct_conn.ptnr1_label_atom_id           SG 
_struct_conn.pdbx_ptnr1_label_alt_id       ? 
_struct_conn.pdbx_ptnr1_PDB_ins_code       ? 
_struct_conn.pdbx_ptnr1_standard_comp_id   ? 
_struct_conn.ptnr1_symmetry                1_555 
_struct_conn.ptnr2_label_asym_id           A 
_struct_conn.ptnr2_label_comp_id           CYS 
_struct_conn.ptnr2_label_seq_id            77 
_struct_conn.ptnr2_label_atom_id           SG 
_struct_conn.pdbx_ptnr2_label_alt_id       ? 
_struct_conn.pdbx_ptnr2_PDB_ins_code       ? 
_struct_conn.ptnr1_auth_asym_id            A 
_struct_conn.ptnr1_auth_comp_id            CYS 
_struct_conn.ptnr1_auth_seq_id             47 
_struct_conn.ptnr2_auth_asym_id            A 
_struct_conn.ptnr2_auth_comp_id            CYS 
_struct_conn.ptnr2_auth_seq_id             107 
_struct_conn.ptnr2_symmetry                1_555 
_struct_conn.pdbx_ptnr3_label_atom_id      ? 
_struct_conn.pdbx_ptnr3_label_seq_id       ? 
_struct_conn.pdbx_ptnr3_label_comp_id      ? 
_struct_conn.pdbx_ptnr3_label_asym_id      ? 
_struct_conn.pdbx_ptnr3_label_alt_id       ? 
_struct_conn.pdbx_ptnr3_PDB_ins_code       ? 
_struct_conn.details                       ? 
_struct_conn.pdbx_dist_value               2.031 
_struct_conn.pdbx_value_order              ? 
_struct_conn.pdbx_role                     ? 
# 
_struct_conn_type.id          disulf 
_struct_conn_type.criteria    ? 
_struct_conn_type.reference   ? 
# 
_pdbx_modification_feature.ordinal                            1 
_pdbx_modification_feature.label_comp_id                      CYS 
_pdbx_modification_feature.label_asym_id                      A 
_pdbx_modification_feature.label_seq_id                       17 
_pdbx_modification_feature.label_alt_id                       ? 
_pdbx_modification_feature.modified_residue_label_comp_id     CYS 
_pdbx_modification_feature.modified_residue_label_asym_id     A 
_pdbx_modification_feature.modified_residue_label_seq_id      77 
_pdbx_modification_feature.modified_residue_label_alt_id      ? 
_pdbx_modification_feature.auth_comp_id                       CYS 
_pdbx_modification_feature.auth_asym_id                       A 
_pdbx_modification_feature.auth_seq_id                        47 
_pdbx_modification_feature.PDB_ins_code                       ? 
_pdbx_modification_feature.symmetry                           1_555 
_pdbx_modification_feature.modified_residue_auth_comp_id      CYS 
_pdbx_modification_feature.modified_residue_auth_asym_id      A 
_pdbx_modification_feature.modified_residue_auth_seq_id       107 
_pdbx_modification_feature.modified_residue_PDB_ins_code      ? 
_pdbx_modification_feature.modified_residue_symmetry          1_555 
_pdbx_modification_feature.comp_id_linking_atom               SG 
_pdbx_modification_feature.modified_residue_id_linking_atom   SG 
_pdbx_modification_feature.modified_residue_id                . 
_pdbx_modification_feature.ref_pcm_id                         . 
_pdbx_modification_feature.ref_comp_id                        . 
_pdbx_modification_feature.type                               None 
_pdbx_modification_feature.category                           'Disulfide bridge' 
# 
loop_
_struct_sheet.id 
_struct_sheet.type 
_struct_sheet.number_strands 
_struct_sheet.details 
AA1 ? 4 ? 
AA2 ? 4 ? 
# 
loop_
_struct_sheet_order.sheet_id 
_struct_sheet_order.range_id_1 
_struct_sheet_order.range_id_2 
_struct_sheet_order.offset 
_struct_sheet_order.sense 
AA1 1 2 ? anti-parallel 
AA1 2 3 ? anti-parallel 
AA1 3 4 ? anti-parallel 
AA2 1 2 ? anti-parallel 
AA2 2 3 ? anti-parallel 
AA2 3 4 ? anti-parallel 
# 
loop_
_struct_sheet_range.sheet_id 
_struct_sheet_range.id 
_struct_sheet_range.beg_label_comp_id 
_struct_sheet_range.beg_label_asym_id 
_struct_sheet_range.beg_label_seq_id 
_struct_sheet_range.pdbx_beg_PDB_ins_code 
_struct_sheet_range.end_label_comp_id 
_struct_sheet_range.end_label_asym_id 
_struct_sheet_range.end_label_seq_id 
_struct_sheet_range.pdbx_end_PDB_ins_code 
_struct_sheet_range.beg_auth_comp_id 
_struct_sheet_range.beg_auth_asym_id 
_struct_sheet_range.beg_auth_seq_id 
_struct_sheet_range.end_auth_comp_id 
_struct_sheet_range.end_auth_asym_id 
_struct_sheet_range.end_auth_seq_id 
AA1 1 SER A 2  ? LEU A 10 ? SER A 32  LEU A 40  
AA1 2 LYS A 88 ? LEU A 96 ? LYS A 118 LEU A 126 
AA1 3 GLU A 29 ? ASP A 36 ? GLU A 59  ASP A 66  
AA1 4 ASP A 62 ? THR A 66 ? ASP A 92  THR A 96  
AA2 1 ARG A 14 ? MET A 22 ? ARG A 44  MET A 52  
AA2 2 GLY A 72 ? ASN A 80 ? GLY A 102 ASN A 110 
AA2 3 ILE A 42 ? THR A 47 ? ILE A 72  THR A 77  
AA2 4 THR A 53 ? LYS A 60 ? THR A 83  LYS A 90  
# 
loop_
_pdbx_struct_sheet_hbond.sheet_id 
_pdbx_struct_sheet_hbond.range_id_1 
_pdbx_struct_sheet_hbond.range_id_2 
_pdbx_struct_sheet_hbond.range_1_label_atom_id 
_pdbx_struct_sheet_hbond.range_1_label_comp_id 
_pdbx_struct_sheet_hbond.range_1_label_asym_id 
_pdbx_struct_sheet_hbond.range_1_label_seq_id 
_pdbx_struct_sheet_hbond.range_1_PDB_ins_code 
_pdbx_struct_sheet_hbond.range_1_auth_atom_id 
_pdbx_struct_sheet_hbond.range_1_auth_comp_id 
_pdbx_struct_sheet_hbond.range_1_auth_asym_id 
_pdbx_struct_sheet_hbond.range_1_auth_seq_id 
_pdbx_struct_sheet_hbond.range_2_label_atom_id 
_pdbx_struct_sheet_hbond.range_2_label_comp_id 
_pdbx_struct_sheet_hbond.range_2_label_asym_id 
_pdbx_struct_sheet_hbond.range_2_label_seq_id 
_pdbx_struct_sheet_hbond.range_2_PDB_ins_code 
_pdbx_struct_sheet_hbond.range_2_auth_atom_id 
_pdbx_struct_sheet_hbond.range_2_auth_comp_id 
_pdbx_struct_sheet_hbond.range_2_auth_asym_id 
_pdbx_struct_sheet_hbond.range_2_auth_seq_id 
AA1 1 2 N SER A 4  ? N SER A 34  O LEU A 94 ? O LEU A 124 
AA1 2 3 O VAL A 89 ? O VAL A 119 N LEU A 35 ? N LEU A 65  
AA1 3 4 N ILE A 30 ? N ILE A 60  O HIS A 65 ? O HIS A 95  
AA2 1 2 N GLN A 20 ? N GLN A 50  O TYR A 74 ? O TYR A 104 
AA2 2 3 O ASP A 79 ? O ASP A 109 N ASP A 43 ? N ASP A 73  
AA2 3 4 N LEU A 46 ? N LEU A 76  O LEU A 54 ? O LEU A 84  
# 
_struct_site.id                   AC1 
_struct_site.pdbx_evidence_code   Software 
_struct_site.pdbx_auth_asym_id    A 
_struct_site.pdbx_auth_comp_id    BR 
_struct_site.pdbx_auth_seq_id     201 
_struct_site.pdbx_auth_ins_code   ? 
_struct_site.pdbx_num_residues    1 
_struct_site.details              'binding site for residue BR A 201' 
# 
_struct_site_gen.id                   1 
_struct_site_gen.site_id              AC1 
_struct_site_gen.pdbx_num_res         1 
_struct_site_gen.label_comp_id        SER 
_struct_site_gen.label_asym_id        A 
_struct_site_gen.label_seq_id         61 
_struct_site_gen.pdbx_auth_ins_code   ? 
_struct_site_gen.auth_comp_id         SER 
_struct_site_gen.auth_asym_id         A 
_struct_site_gen.auth_seq_id          91 
_struct_site_gen.label_atom_id        . 
_struct_site_gen.label_alt_id         ? 
_struct_site_gen.symmetry             1_555 
_struct_site_gen.details              ? 
# 
_pdbx_entry_details.entry_id                   5GU5 
_pdbx_entry_details.compound_details           ? 
_pdbx_entry_details.source_details             ? 
_pdbx_entry_details.nonpolymer_details         ? 
_pdbx_entry_details.sequence_details           ? 
_pdbx_entry_details.has_ligand_of_interest     ? 
_pdbx_entry_details.has_protein_modification   Y 
# 
loop_
_pdbx_validate_torsion.id 
_pdbx_validate_torsion.PDB_model_num 
_pdbx_validate_torsion.auth_comp_id 
_pdbx_validate_torsion.auth_asym_id 
_pdbx_validate_torsion.auth_seq_id 
_pdbx_validate_torsion.PDB_ins_code 
_pdbx_validate_torsion.label_alt_id 
_pdbx_validate_torsion.phi 
_pdbx_validate_torsion.psi 
1 1 ALA A 56  ? ? -79.24 -159.12 
2 1 ILE A 115 ? ? 74.87  -68.50  
3 1 ASN A 128 ? ? 64.12  67.74   
# 
loop_
_pdbx_unobs_or_zero_occ_residues.id 
_pdbx_unobs_or_zero_occ_residues.PDB_model_num 
_pdbx_unobs_or_zero_occ_residues.polymer_flag 
_pdbx_unobs_or_zero_occ_residues.occupancy_flag 
_pdbx_unobs_or_zero_occ_residues.auth_asym_id 
_pdbx_unobs_or_zero_occ_residues.auth_comp_id 
_pdbx_unobs_or_zero_occ_residues.auth_seq_id 
_pdbx_unobs_or_zero_occ_residues.PDB_ins_code 
_pdbx_unobs_or_zero_occ_residues.label_asym_id 
_pdbx_unobs_or_zero_occ_residues.label_comp_id 
_pdbx_unobs_or_zero_occ_residues.label_seq_id 
1 1 Y 1 A GLU 131 ? A GLU 101 
2 1 Y 1 A GLU 132 ? A GLU 102 
3 1 Y 1 A VAL 133 ? A VAL 103 
4 1 Y 1 A TYR 142 ? A TYR 112 
5 1 Y 1 A ILE 143 ? A ILE 113 
6 1 Y 1 A THR 144 ? A THR 114 
# 
loop_
_chem_comp_atom.comp_id 
_chem_comp_atom.atom_id 
_chem_comp_atom.type_symbol 
_chem_comp_atom.pdbx_aromatic_flag 
_chem_comp_atom.pdbx_stereo_config 
_chem_comp_atom.pdbx_ordinal 
ALA N    N  N N 1   
ALA CA   C  N S 2   
ALA C    C  N N 3   
ALA O    O  N N 4   
ALA CB   C  N N 5   
ALA OXT  O  N N 6   
ALA H    H  N N 7   
ALA H2   H  N N 8   
ALA HA   H  N N 9   
ALA HB1  H  N N 10  
ALA HB2  H  N N 11  
ALA HB3  H  N N 12  
ALA HXT  H  N N 13  
ARG N    N  N N 14  
ARG CA   C  N S 15  
ARG C    C  N N 16  
ARG O    O  N N 17  
ARG CB   C  N N 18  
ARG CG   C  N N 19  
ARG CD   C  N N 20  
ARG NE   N  N N 21  
ARG CZ   C  N N 22  
ARG NH1  N  N N 23  
ARG NH2  N  N N 24  
ARG OXT  O  N N 25  
ARG H    H  N N 26  
ARG H2   H  N N 27  
ARG HA   H  N N 28  
ARG HB2  H  N N 29  
ARG HB3  H  N N 30  
ARG HG2  H  N N 31  
ARG HG3  H  N N 32  
ARG HD2  H  N N 33  
ARG HD3  H  N N 34  
ARG HE   H  N N 35  
ARG HH11 H  N N 36  
ARG HH12 H  N N 37  
ARG HH21 H  N N 38  
ARG HH22 H  N N 39  
ARG HXT  H  N N 40  
ASN N    N  N N 41  
ASN CA   C  N S 42  
ASN C    C  N N 43  
ASN O    O  N N 44  
ASN CB   C  N N 45  
ASN CG   C  N N 46  
ASN OD1  O  N N 47  
ASN ND2  N  N N 48  
ASN OXT  O  N N 49  
ASN H    H  N N 50  
ASN H2   H  N N 51  
ASN HA   H  N N 52  
ASN HB2  H  N N 53  
ASN HB3  H  N N 54  
ASN HD21 H  N N 55  
ASN HD22 H  N N 56  
ASN HXT  H  N N 57  
ASP N    N  N N 58  
ASP CA   C  N S 59  
ASP C    C  N N 60  
ASP O    O  N N 61  
ASP CB   C  N N 62  
ASP CG   C  N N 63  
ASP OD1  O  N N 64  
ASP OD2  O  N N 65  
ASP OXT  O  N N 66  
ASP H    H  N N 67  
ASP H2   H  N N 68  
ASP HA   H  N N 69  
ASP HB2  H  N N 70  
ASP HB3  H  N N 71  
ASP HD2  H  N N 72  
ASP HXT  H  N N 73  
BR  BR   BR N N 74  
CYS N    N  N N 75  
CYS CA   C  N R 76  
CYS C    C  N N 77  
CYS O    O  N N 78  
CYS CB   C  N N 79  
CYS SG   S  N N 80  
CYS OXT  O  N N 81  
CYS H    H  N N 82  
CYS H2   H  N N 83  
CYS HA   H  N N 84  
CYS HB2  H  N N 85  
CYS HB3  H  N N 86  
CYS HG   H  N N 87  
CYS HXT  H  N N 88  
GLN N    N  N N 89  
GLN CA   C  N S 90  
GLN C    C  N N 91  
GLN O    O  N N 92  
GLN CB   C  N N 93  
GLN CG   C  N N 94  
GLN CD   C  N N 95  
GLN OE1  O  N N 96  
GLN NE2  N  N N 97  
GLN OXT  O  N N 98  
GLN H    H  N N 99  
GLN H2   H  N N 100 
GLN HA   H  N N 101 
GLN HB2  H  N N 102 
GLN HB3  H  N N 103 
GLN HG2  H  N N 104 
GLN HG3  H  N N 105 
GLN HE21 H  N N 106 
GLN HE22 H  N N 107 
GLN HXT  H  N N 108 
GLU N    N  N N 109 
GLU CA   C  N S 110 
GLU C    C  N N 111 
GLU O    O  N N 112 
GLU CB   C  N N 113 
GLU CG   C  N N 114 
GLU CD   C  N N 115 
GLU OE1  O  N N 116 
GLU OE2  O  N N 117 
GLU OXT  O  N N 118 
GLU H    H  N N 119 
GLU H2   H  N N 120 
GLU HA   H  N N 121 
GLU HB2  H  N N 122 
GLU HB3  H  N N 123 
GLU HG2  H  N N 124 
GLU HG3  H  N N 125 
GLU HE2  H  N N 126 
GLU HXT  H  N N 127 
GLY N    N  N N 128 
GLY CA   C  N N 129 
GLY C    C  N N 130 
GLY O    O  N N 131 
GLY OXT  O  N N 132 
GLY H    H  N N 133 
GLY H2   H  N N 134 
GLY HA2  H  N N 135 
GLY HA3  H  N N 136 
GLY HXT  H  N N 137 
HIS N    N  N N 138 
HIS CA   C  N S 139 
HIS C    C  N N 140 
HIS O    O  N N 141 
HIS CB   C  N N 142 
HIS CG   C  Y N 143 
HIS ND1  N  Y N 144 
HIS CD2  C  Y N 145 
HIS CE1  C  Y N 146 
HIS NE2  N  Y N 147 
HIS OXT  O  N N 148 
HIS H    H  N N 149 
HIS H2   H  N N 150 
HIS HA   H  N N 151 
HIS HB2  H  N N 152 
HIS HB3  H  N N 153 
HIS HD1  H  N N 154 
HIS HD2  H  N N 155 
HIS HE1  H  N N 156 
HIS HE2  H  N N 157 
HIS HXT  H  N N 158 
ILE N    N  N N 159 
ILE CA   C  N S 160 
ILE C    C  N N 161 
ILE O    O  N N 162 
ILE CB   C  N S 163 
ILE CG1  C  N N 164 
ILE CG2  C  N N 165 
ILE CD1  C  N N 166 
ILE OXT  O  N N 167 
ILE H    H  N N 168 
ILE H2   H  N N 169 
ILE HA   H  N N 170 
ILE HB   H  N N 171 
ILE HG12 H  N N 172 
ILE HG13 H  N N 173 
ILE HG21 H  N N 174 
ILE HG22 H  N N 175 
ILE HG23 H  N N 176 
ILE HD11 H  N N 177 
ILE HD12 H  N N 178 
ILE HD13 H  N N 179 
ILE HXT  H  N N 180 
LEU N    N  N N 181 
LEU CA   C  N S 182 
LEU C    C  N N 183 
LEU O    O  N N 184 
LEU CB   C  N N 185 
LEU CG   C  N N 186 
LEU CD1  C  N N 187 
LEU CD2  C  N N 188 
LEU OXT  O  N N 189 
LEU H    H  N N 190 
LEU H2   H  N N 191 
LEU HA   H  N N 192 
LEU HB2  H  N N 193 
LEU HB3  H  N N 194 
LEU HG   H  N N 195 
LEU HD11 H  N N 196 
LEU HD12 H  N N 197 
LEU HD13 H  N N 198 
LEU HD21 H  N N 199 
LEU HD22 H  N N 200 
LEU HD23 H  N N 201 
LEU HXT  H  N N 202 
LYS N    N  N N 203 
LYS CA   C  N S 204 
LYS C    C  N N 205 
LYS O    O  N N 206 
LYS CB   C  N N 207 
LYS CG   C  N N 208 
LYS CD   C  N N 209 
LYS CE   C  N N 210 
LYS NZ   N  N N 211 
LYS OXT  O  N N 212 
LYS H    H  N N 213 
LYS H2   H  N N 214 
LYS HA   H  N N 215 
LYS HB2  H  N N 216 
LYS HB3  H  N N 217 
LYS HG2  H  N N 218 
LYS HG3  H  N N 219 
LYS HD2  H  N N 220 
LYS HD3  H  N N 221 
LYS HE2  H  N N 222 
LYS HE3  H  N N 223 
LYS HZ1  H  N N 224 
LYS HZ2  H  N N 225 
LYS HZ3  H  N N 226 
LYS HXT  H  N N 227 
MET N    N  N N 228 
MET CA   C  N S 229 
MET C    C  N N 230 
MET O    O  N N 231 
MET CB   C  N N 232 
MET CG   C  N N 233 
MET SD   S  N N 234 
MET CE   C  N N 235 
MET OXT  O  N N 236 
MET H    H  N N 237 
MET H2   H  N N 238 
MET HA   H  N N 239 
MET HB2  H  N N 240 
MET HB3  H  N N 241 
MET HG2  H  N N 242 
MET HG3  H  N N 243 
MET HE1  H  N N 244 
MET HE2  H  N N 245 
MET HE3  H  N N 246 
MET HXT  H  N N 247 
PHE N    N  N N 248 
PHE CA   C  N S 249 
PHE C    C  N N 250 
PHE O    O  N N 251 
PHE CB   C  N N 252 
PHE CG   C  Y N 253 
PHE CD1  C  Y N 254 
PHE CD2  C  Y N 255 
PHE CE1  C  Y N 256 
PHE CE2  C  Y N 257 
PHE CZ   C  Y N 258 
PHE OXT  O  N N 259 
PHE H    H  N N 260 
PHE H2   H  N N 261 
PHE HA   H  N N 262 
PHE HB2  H  N N 263 
PHE HB3  H  N N 264 
PHE HD1  H  N N 265 
PHE HD2  H  N N 266 
PHE HE1  H  N N 267 
PHE HE2  H  N N 268 
PHE HZ   H  N N 269 
PHE HXT  H  N N 270 
PRO N    N  N N 271 
PRO CA   C  N S 272 
PRO C    C  N N 273 
PRO O    O  N N 274 
PRO CB   C  N N 275 
PRO CG   C  N N 276 
PRO CD   C  N N 277 
PRO OXT  O  N N 278 
PRO H    H  N N 279 
PRO HA   H  N N 280 
PRO HB2  H  N N 281 
PRO HB3  H  N N 282 
PRO HG2  H  N N 283 
PRO HG3  H  N N 284 
PRO HD2  H  N N 285 
PRO HD3  H  N N 286 
PRO HXT  H  N N 287 
SER N    N  N N 288 
SER CA   C  N S 289 
SER C    C  N N 290 
SER O    O  N N 291 
SER CB   C  N N 292 
SER OG   O  N N 293 
SER OXT  O  N N 294 
SER H    H  N N 295 
SER H2   H  N N 296 
SER HA   H  N N 297 
SER HB2  H  N N 298 
SER HB3  H  N N 299 
SER HG   H  N N 300 
SER HXT  H  N N 301 
THR N    N  N N 302 
THR CA   C  N S 303 
THR C    C  N N 304 
THR O    O  N N 305 
THR CB   C  N R 306 
THR OG1  O  N N 307 
THR CG2  C  N N 308 
THR OXT  O  N N 309 
THR H    H  N N 310 
THR H2   H  N N 311 
THR HA   H  N N 312 
THR HB   H  N N 313 
THR HG1  H  N N 314 
THR HG21 H  N N 315 
THR HG22 H  N N 316 
THR HG23 H  N N 317 
THR HXT  H  N N 318 
TRP N    N  N N 319 
TRP CA   C  N S 320 
TRP C    C  N N 321 
TRP O    O  N N 322 
TRP CB   C  N N 323 
TRP CG   C  Y N 324 
TRP CD1  C  Y N 325 
TRP CD2  C  Y N 326 
TRP NE1  N  Y N 327 
TRP CE2  C  Y N 328 
TRP CE3  C  Y N 329 
TRP CZ2  C  Y N 330 
TRP CZ3  C  Y N 331 
TRP CH2  C  Y N 332 
TRP OXT  O  N N 333 
TRP H    H  N N 334 
TRP H2   H  N N 335 
TRP HA   H  N N 336 
TRP HB2  H  N N 337 
TRP HB3  H  N N 338 
TRP HD1  H  N N 339 
TRP HE1  H  N N 340 
TRP HE3  H  N N 341 
TRP HZ2  H  N N 342 
TRP HZ3  H  N N 343 
TRP HH2  H  N N 344 
TRP HXT  H  N N 345 
TYR N    N  N N 346 
TYR CA   C  N S 347 
TYR C    C  N N 348 
TYR O    O  N N 349 
TYR CB   C  N N 350 
TYR CG   C  Y N 351 
TYR CD1  C  Y N 352 
TYR CD2  C  Y N 353 
TYR CE1  C  Y N 354 
TYR CE2  C  Y N 355 
TYR CZ   C  Y N 356 
TYR OH   O  N N 357 
TYR OXT  O  N N 358 
TYR H    H  N N 359 
TYR H2   H  N N 360 
TYR HA   H  N N 361 
TYR HB2  H  N N 362 
TYR HB3  H  N N 363 
TYR HD1  H  N N 364 
TYR HD2  H  N N 365 
TYR HE1  H  N N 366 
TYR HE2  H  N N 367 
TYR HH   H  N N 368 
TYR HXT  H  N N 369 
VAL N    N  N N 370 
VAL CA   C  N S 371 
VAL C    C  N N 372 
VAL O    O  N N 373 
VAL CB   C  N N 374 
VAL CG1  C  N N 375 
VAL CG2  C  N N 376 
VAL OXT  O  N N 377 
VAL H    H  N N 378 
VAL H2   H  N N 379 
VAL HA   H  N N 380 
VAL HB   H  N N 381 
VAL HG11 H  N N 382 
VAL HG12 H  N N 383 
VAL HG13 H  N N 384 
VAL HG21 H  N N 385 
VAL HG22 H  N N 386 
VAL HG23 H  N N 387 
VAL HXT  H  N N 388 
# 
loop_
_chem_comp_bond.comp_id 
_chem_comp_bond.atom_id_1 
_chem_comp_bond.atom_id_2 
_chem_comp_bond.value_order 
_chem_comp_bond.pdbx_aromatic_flag 
_chem_comp_bond.pdbx_stereo_config 
_chem_comp_bond.pdbx_ordinal 
ALA N   CA   sing N N 1   
ALA N   H    sing N N 2   
ALA N   H2   sing N N 3   
ALA CA  C    sing N N 4   
ALA CA  CB   sing N N 5   
ALA CA  HA   sing N N 6   
ALA C   O    doub N N 7   
ALA C   OXT  sing N N 8   
ALA CB  HB1  sing N N 9   
ALA CB  HB2  sing N N 10  
ALA CB  HB3  sing N N 11  
ALA OXT HXT  sing N N 12  
ARG N   CA   sing N N 13  
ARG N   H    sing N N 14  
ARG N   H2   sing N N 15  
ARG CA  C    sing N N 16  
ARG CA  CB   sing N N 17  
ARG CA  HA   sing N N 18  
ARG C   O    doub N N 19  
ARG C   OXT  sing N N 20  
ARG CB  CG   sing N N 21  
ARG CB  HB2  sing N N 22  
ARG CB  HB3  sing N N 23  
ARG CG  CD   sing N N 24  
ARG CG  HG2  sing N N 25  
ARG CG  HG3  sing N N 26  
ARG CD  NE   sing N N 27  
ARG CD  HD2  sing N N 28  
ARG CD  HD3  sing N N 29  
ARG NE  CZ   sing N N 30  
ARG NE  HE   sing N N 31  
ARG CZ  NH1  sing N N 32  
ARG CZ  NH2  doub N N 33  
ARG NH1 HH11 sing N N 34  
ARG NH1 HH12 sing N N 35  
ARG NH2 HH21 sing N N 36  
ARG NH2 HH22 sing N N 37  
ARG OXT HXT  sing N N 38  
ASN N   CA   sing N N 39  
ASN N   H    sing N N 40  
ASN N   H2   sing N N 41  
ASN CA  C    sing N N 42  
ASN CA  CB   sing N N 43  
ASN CA  HA   sing N N 44  
ASN C   O    doub N N 45  
ASN C   OXT  sing N N 46  
ASN CB  CG   sing N N 47  
ASN CB  HB2  sing N N 48  
ASN CB  HB3  sing N N 49  
ASN CG  OD1  doub N N 50  
ASN CG  ND2  sing N N 51  
ASN ND2 HD21 sing N N 52  
ASN ND2 HD22 sing N N 53  
ASN OXT HXT  sing N N 54  
ASP N   CA   sing N N 55  
ASP N   H    sing N N 56  
ASP N   H2   sing N N 57  
ASP CA  C    sing N N 58  
ASP CA  CB   sing N N 59  
ASP CA  HA   sing N N 60  
ASP C   O    doub N N 61  
ASP C   OXT  sing N N 62  
ASP CB  CG   sing N N 63  
ASP CB  HB2  sing N N 64  
ASP CB  HB3  sing N N 65  
ASP CG  OD1  doub N N 66  
ASP CG  OD2  sing N N 67  
ASP OD2 HD2  sing N N 68  
ASP OXT HXT  sing N N 69  
CYS N   CA   sing N N 70  
CYS N   H    sing N N 71  
CYS N   H2   sing N N 72  
CYS CA  C    sing N N 73  
CYS CA  CB   sing N N 74  
CYS CA  HA   sing N N 75  
CYS C   O    doub N N 76  
CYS C   OXT  sing N N 77  
CYS CB  SG   sing N N 78  
CYS CB  HB2  sing N N 79  
CYS CB  HB3  sing N N 80  
CYS SG  HG   sing N N 81  
CYS OXT HXT  sing N N 82  
GLN N   CA   sing N N 83  
GLN N   H    sing N N 84  
GLN N   H2   sing N N 85  
GLN CA  C    sing N N 86  
GLN CA  CB   sing N N 87  
GLN CA  HA   sing N N 88  
GLN C   O    doub N N 89  
GLN C   OXT  sing N N 90  
GLN CB  CG   sing N N 91  
GLN CB  HB2  sing N N 92  
GLN CB  HB3  sing N N 93  
GLN CG  CD   sing N N 94  
GLN CG  HG2  sing N N 95  
GLN CG  HG3  sing N N 96  
GLN CD  OE1  doub N N 97  
GLN CD  NE2  sing N N 98  
GLN NE2 HE21 sing N N 99  
GLN NE2 HE22 sing N N 100 
GLN OXT HXT  sing N N 101 
GLU N   CA   sing N N 102 
GLU N   H    sing N N 103 
GLU N   H2   sing N N 104 
GLU CA  C    sing N N 105 
GLU CA  CB   sing N N 106 
GLU CA  HA   sing N N 107 
GLU C   O    doub N N 108 
GLU C   OXT  sing N N 109 
GLU CB  CG   sing N N 110 
GLU CB  HB2  sing N N 111 
GLU CB  HB3  sing N N 112 
GLU CG  CD   sing N N 113 
GLU CG  HG2  sing N N 114 
GLU CG  HG3  sing N N 115 
GLU CD  OE1  doub N N 116 
GLU CD  OE2  sing N N 117 
GLU OE2 HE2  sing N N 118 
GLU OXT HXT  sing N N 119 
GLY N   CA   sing N N 120 
GLY N   H    sing N N 121 
GLY N   H2   sing N N 122 
GLY CA  C    sing N N 123 
GLY CA  HA2  sing N N 124 
GLY CA  HA3  sing N N 125 
GLY C   O    doub N N 126 
GLY C   OXT  sing N N 127 
GLY OXT HXT  sing N N 128 
HIS N   CA   sing N N 129 
HIS N   H    sing N N 130 
HIS N   H2   sing N N 131 
HIS CA  C    sing N N 132 
HIS CA  CB   sing N N 133 
HIS CA  HA   sing N N 134 
HIS C   O    doub N N 135 
HIS C   OXT  sing N N 136 
HIS CB  CG   sing N N 137 
HIS CB  HB2  sing N N 138 
HIS CB  HB3  sing N N 139 
HIS CG  ND1  sing Y N 140 
HIS CG  CD2  doub Y N 141 
HIS ND1 CE1  doub Y N 142 
HIS ND1 HD1  sing N N 143 
HIS CD2 NE2  sing Y N 144 
HIS CD2 HD2  sing N N 145 
HIS CE1 NE2  sing Y N 146 
HIS CE1 HE1  sing N N 147 
HIS NE2 HE2  sing N N 148 
HIS OXT HXT  sing N N 149 
ILE N   CA   sing N N 150 
ILE N   H    sing N N 151 
ILE N   H2   sing N N 152 
ILE CA  C    sing N N 153 
ILE CA  CB   sing N N 154 
ILE CA  HA   sing N N 155 
ILE C   O    doub N N 156 
ILE C   OXT  sing N N 157 
ILE CB  CG1  sing N N 158 
ILE CB  CG2  sing N N 159 
ILE CB  HB   sing N N 160 
ILE CG1 CD1  sing N N 161 
ILE CG1 HG12 sing N N 162 
ILE CG1 HG13 sing N N 163 
ILE CG2 HG21 sing N N 164 
ILE CG2 HG22 sing N N 165 
ILE CG2 HG23 sing N N 166 
ILE CD1 HD11 sing N N 167 
ILE CD1 HD12 sing N N 168 
ILE CD1 HD13 sing N N 169 
ILE OXT HXT  sing N N 170 
LEU N   CA   sing N N 171 
LEU N   H    sing N N 172 
LEU N   H2   sing N N 173 
LEU CA  C    sing N N 174 
LEU CA  CB   sing N N 175 
LEU CA  HA   sing N N 176 
LEU C   O    doub N N 177 
LEU C   OXT  sing N N 178 
LEU CB  CG   sing N N 179 
LEU CB  HB2  sing N N 180 
LEU CB  HB3  sing N N 181 
LEU CG  CD1  sing N N 182 
LEU CG  CD2  sing N N 183 
LEU CG  HG   sing N N 184 
LEU CD1 HD11 sing N N 185 
LEU CD1 HD12 sing N N 186 
LEU CD1 HD13 sing N N 187 
LEU CD2 HD21 sing N N 188 
LEU CD2 HD22 sing N N 189 
LEU CD2 HD23 sing N N 190 
LEU OXT HXT  sing N N 191 
LYS N   CA   sing N N 192 
LYS N   H    sing N N 193 
LYS N   H2   sing N N 194 
LYS CA  C    sing N N 195 
LYS CA  CB   sing N N 196 
LYS CA  HA   sing N N 197 
LYS C   O    doub N N 198 
LYS C   OXT  sing N N 199 
LYS CB  CG   sing N N 200 
LYS CB  HB2  sing N N 201 
LYS CB  HB3  sing N N 202 
LYS CG  CD   sing N N 203 
LYS CG  HG2  sing N N 204 
LYS CG  HG3  sing N N 205 
LYS CD  CE   sing N N 206 
LYS CD  HD2  sing N N 207 
LYS CD  HD3  sing N N 208 
LYS CE  NZ   sing N N 209 
LYS CE  HE2  sing N N 210 
LYS CE  HE3  sing N N 211 
LYS NZ  HZ1  sing N N 212 
LYS NZ  HZ2  sing N N 213 
LYS NZ  HZ3  sing N N 214 
LYS OXT HXT  sing N N 215 
MET N   CA   sing N N 216 
MET N   H    sing N N 217 
MET N   H2   sing N N 218 
MET CA  C    sing N N 219 
MET CA  CB   sing N N 220 
MET CA  HA   sing N N 221 
MET C   O    doub N N 222 
MET C   OXT  sing N N 223 
MET CB  CG   sing N N 224 
MET CB  HB2  sing N N 225 
MET CB  HB3  sing N N 226 
MET CG  SD   sing N N 227 
MET CG  HG2  sing N N 228 
MET CG  HG3  sing N N 229 
MET SD  CE   sing N N 230 
MET CE  HE1  sing N N 231 
MET CE  HE2  sing N N 232 
MET CE  HE3  sing N N 233 
MET OXT HXT  sing N N 234 
PHE N   CA   sing N N 235 
PHE N   H    sing N N 236 
PHE N   H2   sing N N 237 
PHE CA  C    sing N N 238 
PHE CA  CB   sing N N 239 
PHE CA  HA   sing N N 240 
PHE C   O    doub N N 241 
PHE C   OXT  sing N N 242 
PHE CB  CG   sing N N 243 
PHE CB  HB2  sing N N 244 
PHE CB  HB3  sing N N 245 
PHE CG  CD1  doub Y N 246 
PHE CG  CD2  sing Y N 247 
PHE CD1 CE1  sing Y N 248 
PHE CD1 HD1  sing N N 249 
PHE CD2 CE2  doub Y N 250 
PHE CD2 HD2  sing N N 251 
PHE CE1 CZ   doub Y N 252 
PHE CE1 HE1  sing N N 253 
PHE CE2 CZ   sing Y N 254 
PHE CE2 HE2  sing N N 255 
PHE CZ  HZ   sing N N 256 
PHE OXT HXT  sing N N 257 
PRO N   CA   sing N N 258 
PRO N   CD   sing N N 259 
PRO N   H    sing N N 260 
PRO CA  C    sing N N 261 
PRO CA  CB   sing N N 262 
PRO CA  HA   sing N N 263 
PRO C   O    doub N N 264 
PRO C   OXT  sing N N 265 
PRO CB  CG   sing N N 266 
PRO CB  HB2  sing N N 267 
PRO CB  HB3  sing N N 268 
PRO CG  CD   sing N N 269 
PRO CG  HG2  sing N N 270 
PRO CG  HG3  sing N N 271 
PRO CD  HD2  sing N N 272 
PRO CD  HD3  sing N N 273 
PRO OXT HXT  sing N N 274 
SER N   CA   sing N N 275 
SER N   H    sing N N 276 
SER N   H2   sing N N 277 
SER CA  C    sing N N 278 
SER CA  CB   sing N N 279 
SER CA  HA   sing N N 280 
SER C   O    doub N N 281 
SER C   OXT  sing N N 282 
SER CB  OG   sing N N 283 
SER CB  HB2  sing N N 284 
SER CB  HB3  sing N N 285 
SER OG  HG   sing N N 286 
SER OXT HXT  sing N N 287 
THR N   CA   sing N N 288 
THR N   H    sing N N 289 
THR N   H2   sing N N 290 
THR CA  C    sing N N 291 
THR CA  CB   sing N N 292 
THR CA  HA   sing N N 293 
THR C   O    doub N N 294 
THR C   OXT  sing N N 295 
THR CB  OG1  sing N N 296 
THR CB  CG2  sing N N 297 
THR CB  HB   sing N N 298 
THR OG1 HG1  sing N N 299 
THR CG2 HG21 sing N N 300 
THR CG2 HG22 sing N N 301 
THR CG2 HG23 sing N N 302 
THR OXT HXT  sing N N 303 
TRP N   CA   sing N N 304 
TRP N   H    sing N N 305 
TRP N   H2   sing N N 306 
TRP CA  C    sing N N 307 
TRP CA  CB   sing N N 308 
TRP CA  HA   sing N N 309 
TRP C   O    doub N N 310 
TRP C   OXT  sing N N 311 
TRP CB  CG   sing N N 312 
TRP CB  HB2  sing N N 313 
TRP CB  HB3  sing N N 314 
TRP CG  CD1  doub Y N 315 
TRP CG  CD2  sing Y N 316 
TRP CD1 NE1  sing Y N 317 
TRP CD1 HD1  sing N N 318 
TRP CD2 CE2  doub Y N 319 
TRP CD2 CE3  sing Y N 320 
TRP NE1 CE2  sing Y N 321 
TRP NE1 HE1  sing N N 322 
TRP CE2 CZ2  sing Y N 323 
TRP CE3 CZ3  doub Y N 324 
TRP CE3 HE3  sing N N 325 
TRP CZ2 CH2  doub Y N 326 
TRP CZ2 HZ2  sing N N 327 
TRP CZ3 CH2  sing Y N 328 
TRP CZ3 HZ3  sing N N 329 
TRP CH2 HH2  sing N N 330 
TRP OXT HXT  sing N N 331 
TYR N   CA   sing N N 332 
TYR N   H    sing N N 333 
TYR N   H2   sing N N 334 
TYR CA  C    sing N N 335 
TYR CA  CB   sing N N 336 
TYR CA  HA   sing N N 337 
TYR C   O    doub N N 338 
TYR C   OXT  sing N N 339 
TYR CB  CG   sing N N 340 
TYR CB  HB2  sing N N 341 
TYR CB  HB3  sing N N 342 
TYR CG  CD1  doub Y N 343 
TYR CG  CD2  sing Y N 344 
TYR CD1 CE1  sing Y N 345 
TYR CD1 HD1  sing N N 346 
TYR CD2 CE2  doub Y N 347 
TYR CD2 HD2  sing N N 348 
TYR CE1 CZ   doub Y N 349 
TYR CE1 HE1  sing N N 350 
TYR CE2 CZ   sing Y N 351 
TYR CE2 HE2  sing N N 352 
TYR CZ  OH   sing N N 353 
TYR OH  HH   sing N N 354 
TYR OXT HXT  sing N N 355 
VAL N   CA   sing N N 356 
VAL N   H    sing N N 357 
VAL N   H2   sing N N 358 
VAL CA  C    sing N N 359 
VAL CA  CB   sing N N 360 
VAL CA  HA   sing N N 361 
VAL C   O    doub N N 362 
VAL C   OXT  sing N N 363 
VAL CB  CG1  sing N N 364 
VAL CB  CG2  sing N N 365 
VAL CB  HB   sing N N 366 
VAL CG1 HG11 sing N N 367 
VAL CG1 HG12 sing N N 368 
VAL CG1 HG13 sing N N 369 
VAL CG2 HG21 sing N N 370 
VAL CG2 HG22 sing N N 371 
VAL CG2 HG23 sing N N 372 
VAL OXT HXT  sing N N 373 
# 
loop_
_pdbx_audit_support.funding_organization 
_pdbx_audit_support.country 
_pdbx_audit_support.grant_number 
_pdbx_audit_support.ordinal 
'Takeda Science Foundation' Japan ?        1 
MEXT                        Japan 25121738 2 
# 
_atom_sites.entry_id                    5GU5 
_atom_sites.fract_transf_matrix[1][1]   0.00344162 
_atom_sites.fract_transf_matrix[1][2]   0.00466502 
_atom_sites.fract_transf_matrix[1][3]   0.01333527 
_atom_sites.fract_transf_matrix[2][1]   -0.00642465 
_atom_sites.fract_transf_matrix[2][2]   -0.00588223 
_atom_sites.fract_transf_matrix[2][3]   0.01164319 
_atom_sites.fract_transf_matrix[3][1]   0.00575644 
_atom_sites.fract_transf_matrix[3][2]   -0.00545244 
_atom_sites.fract_transf_matrix[3][3]   0.00042176 
_atom_sites.fract_transf_vector[1]      -0.369918 
_atom_sites.fract_transf_vector[2]      -0.057512 
_atom_sites.fract_transf_vector[3]      -0.097666 
# 
loop_
_atom_type.symbol 
BR 
C  
N  
O  
S  
# 
loop_
_atom_site.group_PDB 
_atom_site.id 
_atom_site.type_symbol 
_atom_site.label_atom_id 
_atom_site.label_alt_id 
_atom_site.label_comp_id 
_atom_site.label_asym_id 
_atom_site.label_entity_id 
_atom_site.label_seq_id 
_atom_site.pdbx_PDB_ins_code 
_atom_site.Cartn_x 
_atom_site.Cartn_y 
_atom_site.Cartn_z 
_atom_site.occupancy 
_atom_site.B_iso_or_equiv 
_atom_site.pdbx_formal_charge 
_atom_site.auth_seq_id 
_atom_site.auth_comp_id 
_atom_site.auth_asym_id 
_atom_site.auth_atom_id 
_atom_site.pdbx_PDB_model_num 
ATOM   1   N  N   . GLY A 1 1   ? 8.836   15.780  0.015   1.00 91.12  ? 31  GLY A N   1 
ATOM   2   C  CA  . GLY A 1 1   ? 8.483   14.881  -1.069  1.00 93.43  ? 31  GLY A CA  1 
ATOM   3   C  C   . GLY A 1 1   ? 6.986   14.760  -1.272  1.00 86.19  ? 31  GLY A C   1 
ATOM   4   O  O   . GLY A 1 1   ? 6.359   15.628  -1.878  1.00 92.76  ? 31  GLY A O   1 
ATOM   5   N  N   . SER A 1 2   ? 6.410   13.672  -0.764  1.00 89.08  ? 32  SER A N   1 
ATOM   6   C  CA  . SER A 1 2   ? 4.968   13.459  -0.850  1.00 82.93  ? 32  SER A CA  1 
ATOM   7   C  C   . SER A 1 2   ? 4.528   12.678  0.380   1.00 75.85  ? 32  SER A C   1 
ATOM   8   O  O   . SER A 1 2   ? 4.855   11.495  0.514   1.00 82.57  ? 32  SER A O   1 
ATOM   9   C  CB  . SER A 1 2   ? 4.592   12.716  -2.130  1.00 72.56  ? 32  SER A CB  1 
ATOM   10  O  OG  . SER A 1 2   ? 3.286   12.175  -2.033  1.00 88.53  ? 32  SER A OG  1 
ATOM   11  N  N   . ASP A 1 3   ? 3.796   13.338  1.272   1.00 75.01  ? 33  ASP A N   1 
ATOM   12  C  CA  . ASP A 1 3   ? 3.189   12.703  2.434   1.00 76.96  ? 33  ASP A CA  1 
ATOM   13  C  C   . ASP A 1 3   ? 1.685   12.637  2.195   1.00 81.34  ? 33  ASP A C   1 
ATOM   14  O  O   . ASP A 1 3   ? 1.032   13.672  2.031   1.00 87.40  ? 33  ASP A O   1 
ATOM   15  C  CB  . ASP A 1 3   ? 3.517   13.473  3.713   1.00 91.88  ? 33  ASP A CB  1 
ATOM   16  C  CG  . ASP A 1 3   ? 3.167   12.697  4.971   1.00 96.57  ? 33  ASP A CG  1 
ATOM   17  O  OD1 . ASP A 1 3   ? 2.151   11.972  4.969   1.00 92.02  ? 33  ASP A OD1 1 
ATOM   18  O  OD2 . ASP A 1 3   ? 3.916   12.809  5.965   1.00 97.55  ? 33  ASP A OD2 1 
ATOM   19  N  N   . SER A 1 4   ? 1.140   11.424  2.183   1.00 81.42  ? 34  SER A N   1 
ATOM   20  C  CA  . SER A 1 4   ? -0.216  11.203  1.700   1.00 75.08  ? 34  SER A CA  1 
ATOM   21  C  C   . SER A 1 4   ? -0.878  10.123  2.544   1.00 76.91  ? 34  SER A C   1 
ATOM   22  O  O   . SER A 1 4   ? -0.273  9.074   2.784   1.00 88.95  ? 34  SER A O   1 
ATOM   23  C  CB  . SER A 1 4   ? -0.186  10.803  0.221   1.00 62.60  ? 34  SER A CB  1 
ATOM   24  O  OG  . SER A 1 4   ? -1.485  10.664  -0.306  1.00 85.43  ? 34  SER A OG  1 
ATOM   25  N  N   . ASP A 1 5   ? -2.109  10.375  2.992   1.00 81.03  ? 35  ASP A N   1 
ATOM   26  C  CA  . ASP A 1 5   ? -2.793  9.456   3.893   1.00 82.52  ? 35  ASP A CA  1 
ATOM   27  C  C   . ASP A 1 5   ? -4.281  9.429   3.576   1.00 75.99  ? 35  ASP A C   1 
ATOM   28  O  O   . ASP A 1 5   ? -4.873  10.460  3.247   1.00 93.89  ? 35  ASP A O   1 
ATOM   29  C  CB  . ASP A 1 5   ? -2.564  9.844   5.361   1.00 86.98  ? 35  ASP A CB  1 
ATOM   30  C  CG  . ASP A 1 5   ? -3.547  10.891  5.854   1.00 91.61  ? 35  ASP A CG  1 
ATOM   31  O  OD1 . ASP A 1 5   ? -3.238  12.098  5.753   1.00 104.57 ? 35  ASP A OD1 1 
ATOM   32  O  OD2 . ASP A 1 5   ? -4.627  10.508  6.355   1.00 87.51  ? 35  ASP A OD2 1 
ATOM   33  N  N   . PHE A 1 6   ? -4.878  8.241   3.679   1.00 72.13  ? 36  PHE A N   1 
ATOM   34  C  CA  . PHE A 1 6   ? -6.286  8.045   3.365   1.00 83.07  ? 36  PHE A CA  1 
ATOM   35  C  C   . PHE A 1 6   ? -6.868  6.966   4.264   1.00 80.21  ? 36  PHE A C   1 
ATOM   36  O  O   . PHE A 1 6   ? -6.148  6.146   4.838   1.00 78.15  ? 36  PHE A O   1 
ATOM   37  C  CB  . PHE A 1 6   ? -6.492  7.663   1.892   1.00 82.05  ? 36  PHE A CB  1 
ATOM   38  C  CG  . PHE A 1 6   ? -5.824  8.599   0.932   1.00 102.08 ? 36  PHE A CG  1 
ATOM   39  C  CD1 . PHE A 1 6   ? -4.617  8.262   0.349   1.00 103.18 ? 36  PHE A CD1 1 
ATOM   40  C  CD2 . PHE A 1 6   ? -6.392  9.825   0.629   1.00 107.98 ? 36  PHE A CD2 1 
ATOM   41  C  CE1 . PHE A 1 6   ? -3.998  9.123   -0.527  1.00 99.78  ? 36  PHE A CE1 1 
ATOM   42  C  CE2 . PHE A 1 6   ? -5.771  10.692  -0.249  1.00 104.24 ? 36  PHE A CE2 1 
ATOM   43  C  CZ  . PHE A 1 6   ? -4.572  10.339  -0.827  1.00 123.42 ? 36  PHE A CZ  1 
ATOM   44  N  N   . THR A 1 7   ? -8.196  6.982   4.378   1.00 84.50  ? 37  THR A N   1 
ATOM   45  C  CA  . THR A 1 7   ? -8.947  5.993   5.142   1.00 73.32  ? 37  THR A CA  1 
ATOM   46  C  C   . THR A 1 7   ? -10.108 5.526   4.280   1.00 63.12  ? 37  THR A C   1 
ATOM   47  O  O   . THR A 1 7   ? -10.946 6.340   3.878   1.00 73.78  ? 37  THR A O   1 
ATOM   48  C  CB  . THR A 1 7   ? -9.460  6.582   6.460   1.00 65.06  ? 37  THR A CB  1 
ATOM   49  O  OG1 . THR A 1 7   ? -8.370  7.169   7.185   1.00 69.95  ? 37  THR A OG1 1 
ATOM   50  C  CG2 . THR A 1 7   ? -10.112 5.500   7.313   1.00 62.00  ? 37  THR A CG2 1 
ATOM   51  N  N   . PHE A 1 8   ? -10.159 4.228   3.991   1.00 64.61  ? 38  PHE A N   1 
ATOM   52  C  CA  . PHE A 1 8   ? -11.174 3.694   3.096   1.00 72.83  ? 38  PHE A CA  1 
ATOM   53  C  C   . PHE A 1 8   ? -11.744 2.401   3.665   1.00 68.52  ? 38  PHE A C   1 
ATOM   54  O  O   . PHE A 1 8   ? -11.103 1.709   4.461   1.00 70.89  ? 38  PHE A O   1 
ATOM   55  C  CB  . PHE A 1 8   ? -10.612 3.459   1.685   1.00 86.31  ? 38  PHE A CB  1 
ATOM   56  C  CG  . PHE A 1 8   ? -9.798  2.204   1.553   1.00 71.31  ? 38  PHE A CG  1 
ATOM   57  C  CD1 . PHE A 1 8   ? -10.317 1.099   0.898   1.00 72.06  ? 38  PHE A CD1 1 
ATOM   58  C  CD2 . PHE A 1 8   ? -8.518  2.127   2.077   1.00 66.02  ? 38  PHE A CD2 1 
ATOM   59  C  CE1 . PHE A 1 8   ? -9.577  -0.061  0.770   1.00 70.11  ? 38  PHE A CE1 1 
ATOM   60  C  CE2 . PHE A 1 8   ? -7.771  0.967   1.952   1.00 65.74  ? 38  PHE A CE2 1 
ATOM   61  C  CZ  . PHE A 1 8   ? -8.303  -0.127  1.297   1.00 70.03  ? 38  PHE A CZ  1 
ATOM   62  N  N   . THR A 1 9   ? -12.967 2.091   3.243   1.00 77.20  ? 39  THR A N   1 
ATOM   63  C  CA  . THR A 1 9   ? -13.689 0.902   3.677   1.00 78.58  ? 39  THR A CA  1 
ATOM   64  C  C   . THR A 1 9   ? -13.535 -0.200  2.636   1.00 68.35  ? 39  THR A C   1 
ATOM   65  O  O   . THR A 1 9   ? -13.607 0.054   1.430   1.00 78.75  ? 39  THR A O   1 
ATOM   66  C  CB  . THR A 1 9   ? -15.171 1.221   3.902   1.00 84.63  ? 39  THR A CB  1 
ATOM   67  O  OG1 . THR A 1 9   ? -15.295 2.207   4.934   1.00 91.80  ? 39  THR A OG1 1 
ATOM   68  C  CG2 . THR A 1 9   ? -15.944 -0.027  4.313   1.00 67.70  ? 39  THR A CG2 1 
ATOM   69  N  N   . LEU A 1 10  ? -13.323 -1.425  3.111   1.00 64.00  ? 40  LEU A N   1 
ATOM   70  C  CA  . LEU A 1 10  ? -13.019 -2.571  2.256   1.00 61.92  ? 40  LEU A CA  1 
ATOM   71  C  C   . LEU A 1 10  ? -14.042 -3.673  2.503   1.00 62.16  ? 40  LEU A C   1 
ATOM   72  O  O   . LEU A 1 10  ? -13.974 -4.366  3.533   1.00 64.06  ? 40  LEU A O   1 
ATOM   73  C  CB  . LEU A 1 10  ? -11.603 -3.071  2.523   1.00 55.39  ? 40  LEU A CB  1 
ATOM   74  C  CG  . LEU A 1 10  ? -11.091 -4.282  1.744   1.00 60.79  ? 40  LEU A CG  1 
ATOM   75  C  CD1 . LEU A 1 10  ? -11.203 -4.053  0.251   1.00 61.34  ? 40  LEU A CD1 1 
ATOM   76  C  CD2 . LEU A 1 10  ? -9.657  -4.592  2.126   1.00 66.31  ? 40  LEU A CD2 1 
ATOM   77  N  N   . PRO A 1 11  ? -15.004 -3.868  1.584   1.00 63.08  ? 41  PRO A N   1 
ATOM   78  C  CA  . PRO A 1 11  ? -16.045 -4.888  1.793   1.00 59.51  ? 41  PRO A CA  1 
ATOM   79  C  C   . PRO A 1 11  ? -15.495 -6.279  2.068   1.00 65.25  ? 41  PRO A C   1 
ATOM   80  O  O   . PRO A 1 11  ? -14.343 -6.583  1.742   1.00 69.60  ? 41  PRO A O   1 
ATOM   81  C  CB  . PRO A 1 11  ? -16.828 -4.859  0.475   1.00 58.26  ? 41  PRO A CB  1 
ATOM   82  C  CG  . PRO A 1 11  ? -16.623 -3.482  -0.052  1.00 63.46  ? 41  PRO A CG  1 
ATOM   83  C  CD  . PRO A 1 11  ? -15.226 -3.090  0.353   1.00 59.68  ? 41  PRO A CD  1 
ATOM   84  N  N   . ALA A 1 12  ? -16.319 -7.131  2.671   1.00 73.48  ? 42  ALA A N   1 
ATOM   85  C  CA  . ALA A 1 12  ? -15.919 -8.509  2.911   1.00 65.82  ? 42  ALA A CA  1 
ATOM   86  C  C   . ALA A 1 12  ? -15.851 -9.275  1.597   1.00 64.33  ? 42  ALA A C   1 
ATOM   87  O  O   . ALA A 1 12  ? -16.743 -9.173  0.750   1.00 61.23  ? 42  ALA A O   1 
ATOM   88  C  CB  . ALA A 1 12  ? -16.896 -9.189  3.866   1.00 61.50  ? 42  ALA A CB  1 
ATOM   89  N  N   . GLY A 1 13  ? -14.782 -10.047 1.429   1.00 75.12  ? 43  GLY A N   1 
ATOM   90  C  CA  . GLY A 1 13  ? -14.569 -10.794 0.207   1.00 73.12  ? 43  GLY A CA  1 
ATOM   91  C  C   . GLY A 1 13  ? -13.902 -10.025 -0.909  1.00 64.08  ? 43  GLY A C   1 
ATOM   92  O  O   . GLY A 1 13  ? -14.066 -10.394 -2.077  1.00 63.10  ? 43  GLY A O   1 
ATOM   93  N  N   . ARG A 1 14  ? -13.148 -8.973  -0.592  1.00 56.40  ? 44  ARG A N   1 
ATOM   94  C  CA  . ARG A 1 14  ? -12.549 -8.111  -1.600  1.00 58.94  ? 44  ARG A CA  1 
ATOM   95  C  C   . ARG A 1 14  ? -11.085 -7.845  -1.286  1.00 58.25  ? 44  ARG A C   1 
ATOM   96  O  O   . ARG A 1 14  ? -10.706 -7.667  -0.124  1.00 55.53  ? 44  ARG A O   1 
ATOM   97  C  CB  . ARG A 1 14  ? -13.298 -6.775  -1.708  1.00 64.61  ? 44  ARG A CB  1 
ATOM   98  C  CG  . ARG A 1 14  ? -12.691 -5.790  -2.704  1.00 64.24  ? 44  ARG A CG  1 
ATOM   99  C  CD  . ARG A 1 14  ? -13.525 -4.530  -2.819  1.00 64.48  ? 44  ARG A CD  1 
ATOM   100 N  NE  . ARG A 1 14  ? -14.839 -4.808  -3.389  1.00 61.95  ? 44  ARG A NE  1 
ATOM   101 C  CZ  . ARG A 1 14  ? -15.799 -3.902  -3.543  1.00 60.99  ? 44  ARG A CZ  1 
ATOM   102 N  NH1 . ARG A 1 14  ? -15.596 -2.647  -3.166  1.00 39.02  ? 44  ARG A NH1 1 
ATOM   103 N  NH2 . ARG A 1 14  ? -16.963 -4.255  -4.072  1.00 48.10  ? 44  ARG A NH2 1 
ATOM   104 N  N   . LYS A 1 15  ? -10.269 -7.821  -2.338  1.00 61.97  ? 45  LYS A N   1 
ATOM   105 C  CA  . LYS A 1 15  ? -8.894  -7.351  -2.287  1.00 62.27  ? 45  LYS A CA  1 
ATOM   106 C  C   . LYS A 1 15  ? -8.772  -6.125  -3.181  1.00 63.46  ? 45  LYS A C   1 
ATOM   107 O  O   . LYS A 1 15  ? -9.327  -6.096  -4.285  1.00 56.29  ? 45  LYS A O   1 
ATOM   108 C  CB  . LYS A 1 15  ? -7.921  -8.443  -2.741  1.00 58.65  ? 45  LYS A CB  1 
ATOM   109 C  CG  . LYS A 1 15  ? -6.455  -8.049  -2.702  1.00 54.68  ? 45  LYS A CG  1 
ATOM   110 C  CD  . LYS A 1 15  ? -5.619  -9.043  -3.495  1.00 60.82  ? 45  LYS A CD  1 
ATOM   111 C  CE  . LYS A 1 15  ? -4.139  -8.897  -3.191  1.00 67.87  ? 45  LYS A CE  1 
ATOM   112 N  NZ  . LYS A 1 15  ? -3.337  -9.936  -3.893  1.00 71.85  ? 45  LYS A NZ  1 
ATOM   113 N  N   . GLU A 1 16  ? -8.060  -5.108  -2.701  1.00 58.31  ? 46  GLU A N   1 
ATOM   114 C  CA  . GLU A 1 16  ? -7.914  -3.850  -3.423  1.00 69.87  ? 46  GLU A CA  1 
ATOM   115 C  C   . GLU A 1 16  ? -6.438  -3.492  -3.504  1.00 69.80  ? 46  GLU A C   1 
ATOM   116 O  O   . GLU A 1 16  ? -5.746  -3.469  -2.480  1.00 65.74  ? 46  GLU A O   1 
ATOM   117 C  CB  . GLU A 1 16  ? -8.700  -2.724  -2.740  1.00 63.35  ? 46  GLU A CB  1 
ATOM   118 C  CG  . GLU A 1 16  ? -9.079  -1.572  -3.662  1.00 78.08  ? 46  GLU A CG  1 
ATOM   119 C  CD  . GLU A 1 16  ? -10.163 -1.952  -4.655  1.00 88.19  ? 46  GLU A CD  1 
ATOM   120 O  OE1 . GLU A 1 16  ? -11.150 -2.593  -4.239  1.00 84.59  ? 46  GLU A OE1 1 
ATOM   121 O  OE2 . GLU A 1 16  ? -10.028 -1.610  -5.850  1.00 95.32  ? 46  GLU A OE2 1 
ATOM   122 N  N   . CYS A 1 17  ? -5.961  -3.210  -4.715  1.00 70.63  ? 47  CYS A N   1 
ATOM   123 C  CA  . CYS A 1 17  ? -4.562  -2.889  -4.957  1.00 69.47  ? 47  CYS A CA  1 
ATOM   124 C  C   . CYS A 1 17  ? -4.422  -1.462  -5.473  1.00 63.00  ? 47  CYS A C   1 
ATOM   125 O  O   . CYS A 1 17  ? -5.305  -0.942  -6.161  1.00 68.07  ? 47  CYS A O   1 
ATOM   126 C  CB  . CYS A 1 17  ? -3.934  -3.862  -5.961  1.00 63.38  ? 47  CYS A CB  1 
ATOM   127 S  SG  . CYS A 1 17  ? -3.677  -5.544  -5.342  1.00 63.40  ? 47  CYS A SG  1 
ATOM   128 N  N   . PHE A 1 18  ? -3.295  -0.837  -5.137  1.00 65.04  ? 48  PHE A N   1 
ATOM   129 C  CA  . PHE A 1 18  ? -3.000  0.542   -5.506  1.00 69.60  ? 48  PHE A CA  1 
ATOM   130 C  C   . PHE A 1 18  ? -1.638  0.584   -6.182  1.00 67.89  ? 48  PHE A C   1 
ATOM   131 O  O   . PHE A 1 18  ? -0.692  -0.039  -5.697  1.00 65.32  ? 48  PHE A O   1 
ATOM   132 C  CB  . PHE A 1 18  ? -2.988  1.465   -4.280  1.00 67.38  ? 48  PHE A CB  1 
ATOM   133 C  CG  . PHE A 1 18  ? -4.282  1.492   -3.505  1.00 74.07  ? 48  PHE A CG  1 
ATOM   134 C  CD1 . PHE A 1 18  ? -5.090  2.615   -3.528  1.00 79.92  ? 48  PHE A CD1 1 
ATOM   135 C  CD2 . PHE A 1 18  ? -4.669  0.412   -2.725  1.00 74.48  ? 48  PHE A CD2 1 
ATOM   136 C  CE1 . PHE A 1 18  ? -6.269  2.655   -2.808  1.00 83.75  ? 48  PHE A CE1 1 
ATOM   137 C  CE2 . PHE A 1 18  ? -5.849  0.444   -2.006  1.00 80.66  ? 48  PHE A CE2 1 
ATOM   138 C  CZ  . PHE A 1 18  ? -6.649  1.567   -2.046  1.00 86.41  ? 48  PHE A CZ  1 
ATOM   139 N  N   . TYR A 1 19  ? -1.528  1.331   -7.278  1.00 71.80  ? 49  TYR A N   1 
ATOM   140 C  CA  . TYR A 1 19  ? -0.273  1.439   -8.010  1.00 66.86  ? 49  TYR A CA  1 
ATOM   141 C  C   . TYR A 1 19  ? 0.394   2.783   -7.747  1.00 61.24  ? 49  TYR A C   1 
ATOM   142 O  O   . TYR A 1 19  ? -0.269  3.826   -7.726  1.00 68.64  ? 49  TYR A O   1 
ATOM   143 C  CB  . TYR A 1 19  ? -0.493  1.244   -9.511  1.00 68.74  ? 49  TYR A CB  1 
ATOM   144 C  CG  . TYR A 1 19  ? -0.727  -0.201  -9.884  1.00 67.18  ? 49  TYR A CG  1 
ATOM   145 C  CD1 . TYR A 1 19  ? 0.336   -1.033  -10.205 1.00 72.17  ? 49  TYR A CD1 1 
ATOM   146 C  CD2 . TYR A 1 19  ? -2.009  -0.736  -9.902  1.00 71.56  ? 49  TYR A CD2 1 
ATOM   147 C  CE1 . TYR A 1 19  ? 0.131   -2.356  -10.539 1.00 88.37  ? 49  TYR A CE1 1 
ATOM   148 C  CE2 . TYR A 1 19  ? -2.224  -2.059  -10.236 1.00 65.36  ? 49  TYR A CE2 1 
ATOM   149 C  CZ  . TYR A 1 19  ? -1.152  -2.863  -10.553 1.00 73.20  ? 49  TYR A CZ  1 
ATOM   150 O  OH  . TYR A 1 19  ? -1.364  -4.181  -10.886 1.00 89.23  ? 49  TYR A OH  1 
ATOM   151 N  N   . GLN A 1 20  ? 1.707   2.746   -7.547  1.00 63.80  ? 50  GLN A N   1 
ATOM   152 C  CA  . GLN A 1 20  ? 2.494   3.940   -7.240  1.00 63.98  ? 50  GLN A CA  1 
ATOM   153 C  C   . GLN A 1 20  ? 3.778   3.907   -8.065  1.00 69.77  ? 50  GLN A C   1 
ATOM   154 O  O   . GLN A 1 20  ? 4.717   3.170   -7.731  1.00 71.72  ? 50  GLN A O   1 
ATOM   155 C  CB  . GLN A 1 20  ? 2.801   4.031   -5.747  1.00 72.39  ? 50  GLN A CB  1 
ATOM   156 C  CG  . GLN A 1 20  ? 3.783   5.127   -5.373  1.00 72.42  ? 50  GLN A CG  1 
ATOM   157 C  CD  . GLN A 1 20  ? 3.282   6.508   -5.742  1.00 71.95  ? 50  GLN A CD  1 
ATOM   158 O  OE1 . GLN A 1 20  ? 2.373   7.043   -5.109  1.00 83.93  ? 50  GLN A OE1 1 
ATOM   159 N  NE2 . GLN A 1 20  ? 3.869   7.089   -6.783  1.00 71.82  ? 50  GLN A NE2 1 
ATOM   160 N  N   . PRO A 1 21  ? 3.842   4.674   -9.151  1.00 72.25  ? 51  PRO A N   1 
ATOM   161 C  CA  . PRO A 1 21  ? 5.093   4.757   -9.914  1.00 67.78  ? 51  PRO A CA  1 
ATOM   162 C  C   . PRO A 1 21  ? 6.136   5.539   -9.137  1.00 69.52  ? 51  PRO A C   1 
ATOM   163 O  O   . PRO A 1 21  ? 5.816   6.447   -8.367  1.00 68.80  ? 51  PRO A O   1 
ATOM   164 C  CB  . PRO A 1 21  ? 4.685   5.492   -11.198 1.00 62.86  ? 51  PRO A CB  1 
ATOM   165 C  CG  . PRO A 1 21  ? 3.179   5.531   -11.186 1.00 69.18  ? 51  PRO A CG  1 
ATOM   166 C  CD  . PRO A 1 21  ? 2.779   5.492   -9.750  1.00 55.63  ? 51  PRO A CD  1 
ATOM   167 N  N   . MET A 1 22  ? 7.398   5.182   -9.346  1.00 68.68  ? 52  MET A N   1 
ATOM   168 C  CA  . MET A 1 22  ? 8.472   5.731   -8.539  1.00 75.13  ? 52  MET A CA  1 
ATOM   169 C  C   . MET A 1 22  ? 9.668   6.094   -9.406  1.00 82.31  ? 52  MET A C   1 
ATOM   170 O  O   . MET A 1 22  ? 9.920   5.448   -10.431 1.00 68.33  ? 52  MET A O   1 
ATOM   171 C  CB  . MET A 1 22  ? 8.908   4.734   -7.453  1.00 71.22  ? 52  MET A CB  1 
ATOM   172 C  CG  . MET A 1 22  ? 7.857   4.485   -6.385  1.00 72.10  ? 52  MET A CG  1 
ATOM   173 S  SD  . MET A 1 22  ? 7.418   6.020   -5.554  1.00 75.03  ? 52  MET A SD  1 
ATOM   174 C  CE  . MET A 1 22  ? 8.942   6.389   -4.685  1.00 74.66  ? 52  MET A CE  1 
ATOM   175 N  N   . PRO A 1 23  ? 10.432  7.126   -9.007  1.00 88.32  ? 53  PRO A N   1 
ATOM   176 C  CA  . PRO A 1 23  ? 11.745  7.361   -9.626  1.00 70.17  ? 53  PRO A CA  1 
ATOM   177 C  C   . PRO A 1 23  ? 12.688  6.223   -9.270  1.00 86.65  ? 53  PRO A C   1 
ATOM   178 O  O   . PRO A 1 23  ? 12.290  5.307   -8.548  1.00 93.25  ? 53  PRO A O   1 
ATOM   179 C  CB  . PRO A 1 23  ? 12.204  8.702   -9.025  1.00 97.53  ? 53  PRO A CB  1 
ATOM   180 C  CG  . PRO A 1 23  ? 11.140  9.097   -8.009  1.00 91.64  ? 53  PRO A CG  1 
ATOM   181 C  CD  . PRO A 1 23  ? 10.234  7.939   -7.799  1.00 84.24  ? 53  PRO A CD  1 
ATOM   182 N  N   . LEU A 1 24  ? 13.924  6.230   -9.748  1.00 87.51  ? 54  LEU A N   1 
ATOM   183 C  CA  . LEU A 1 24  ? 14.855  5.166   -9.397  1.00 79.75  ? 54  LEU A CA  1 
ATOM   184 C  C   . LEU A 1 24  ? 15.711  5.652   -8.236  1.00 80.42  ? 54  LEU A C   1 
ATOM   185 O  O   . LEU A 1 24  ? 16.190  6.791   -8.249  1.00 100.97 ? 54  LEU A O   1 
ATOM   186 C  CB  . LEU A 1 24  ? 15.709  4.733   -10.596 1.00 93.98  ? 54  LEU A CB  1 
ATOM   187 C  CG  . LEU A 1 24  ? 16.667  3.552   -10.387 1.00 100.55 ? 54  LEU A CG  1 
ATOM   188 C  CD1 . LEU A 1 24  ? 16.765  2.737   -11.677 1.00 97.63  ? 54  LEU A CD1 1 
ATOM   189 C  CD2 . LEU A 1 24  ? 18.071  3.944   -9.897  1.00 87.08  ? 54  LEU A CD2 1 
ATOM   190 N  N   . LYS A 1 25  ? 15.870  4.798   -7.221  1.00 95.22  ? 55  LYS A N   1 
ATOM   191 C  CA  . LYS A 1 25  ? 16.556  5.144   -5.969  1.00 91.73  ? 55  LYS A CA  1 
ATOM   192 C  C   . LYS A 1 25  ? 15.844  6.251   -5.198  1.00 92.94  ? 55  LYS A C   1 
ATOM   193 O  O   . LYS A 1 25  ? 16.476  7.037   -4.487  1.00 94.32  ? 55  LYS A O   1 
ATOM   194 C  CB  . LYS A 1 25  ? 18.023  5.526   -6.181  1.00 93.33  ? 55  LYS A CB  1 
ATOM   195 C  CG  . LYS A 1 25  ? 18.967  4.405   -6.547  1.00 115.76 ? 55  LYS A CG  1 
ATOM   196 C  CD  . LYS A 1 25  ? 20.367  4.800   -6.099  1.00 122.91 ? 55  LYS A CD  1 
ATOM   197 C  CE  . LYS A 1 25  ? 21.391  3.733   -6.388  1.00 126.74 ? 55  LYS A CE  1 
ATOM   198 N  NZ  . LYS A 1 25  ? 22.708  4.353   -6.708  1.00 113.70 ? 55  LYS A NZ  1 
ATOM   199 N  N   . ALA A 1 26  ? 14.524  6.324   -5.321  1.00 98.12  ? 56  ALA A N   1 
ATOM   200 C  CA  . ALA A 1 26  ? 13.756  7.105   -4.364  1.00 103.39 ? 56  ALA A CA  1 
ATOM   201 C  C   . ALA A 1 26  ? 13.596  6.271   -3.098  1.00 92.50  ? 56  ALA A C   1 
ATOM   202 O  O   . ALA A 1 26  ? 14.366  5.333   -2.866  1.00 90.30  ? 56  ALA A O   1 
ATOM   203 C  CB  . ALA A 1 26  ? 12.406  7.511   -4.950  1.00 97.23  ? 56  ALA A CB  1 
ATOM   204 N  N   . SER A 1 27  ? 12.604  6.586   -2.274  1.00 90.11  ? 57  SER A N   1 
ATOM   205 C  CA  . SER A 1 27  ? 12.348  5.772   -1.091  1.00 87.42  ? 57  SER A CA  1 
ATOM   206 C  C   . SER A 1 27  ? 10.859  5.825   -0.789  1.00 84.12  ? 57  SER A C   1 
ATOM   207 O  O   . SER A 1 27  ? 10.351  6.856   -0.337  1.00 81.37  ? 57  SER A O   1 
ATOM   208 C  CB  . SER A 1 27  ? 13.173  6.249   0.101   1.00 85.46  ? 57  SER A CB  1 
ATOM   209 O  OG  . SER A 1 27  ? 12.520  7.302   0.783   1.00 91.44  ? 57  SER A OG  1 
ATOM   210 N  N   . LEU A 1 28  ? 10.166  4.718   -1.047  1.00 79.07  ? 58  LEU A N   1 
ATOM   211 C  CA  . LEU A 1 28  ? 8.759   4.580   -0.706  1.00 75.59  ? 58  LEU A CA  1 
ATOM   212 C  C   . LEU A 1 28  ? 8.628   4.023   0.705   1.00 77.49  ? 58  LEU A C   1 
ATOM   213 O  O   . LEU A 1 28  ? 9.321   3.072   1.078   1.00 81.19  ? 58  LEU A O   1 
ATOM   214 C  CB  . LEU A 1 28  ? 8.048   3.664   -1.711  1.00 72.12  ? 58  LEU A CB  1 
ATOM   215 C  CG  . LEU A 1 28  ? 6.583   3.228   -1.548  1.00 74.43  ? 58  LEU A CG  1 
ATOM   216 C  CD1 . LEU A 1 28  ? 6.009   2.836   -2.903  1.00 66.01  ? 58  LEU A CD1 1 
ATOM   217 C  CD2 . LEU A 1 28  ? 6.413   2.063   -0.572  1.00 68.00  ? 58  LEU A CD2 1 
ATOM   218 N  N   . GLU A 1 29  ? 7.735   4.622   1.487   1.00 77.45  ? 59  GLU A N   1 
ATOM   219 C  CA  . GLU A 1 29  ? 7.407   4.130   2.817   1.00 75.61  ? 59  GLU A CA  1 
ATOM   220 C  C   . GLU A 1 29  ? 5.895   4.087   2.965   1.00 74.06  ? 59  GLU A C   1 
ATOM   221 O  O   . GLU A 1 29  ? 5.215   5.088   2.712   1.00 78.09  ? 59  GLU A O   1 
ATOM   222 C  CB  . GLU A 1 29  ? 8.021   5.006   3.913   1.00 72.55  ? 59  GLU A CB  1 
ATOM   223 C  CG  . GLU A 1 29  ? 7.359   4.831   5.269   1.00 73.12  ? 59  GLU A CG  1 
ATOM   224 C  CD  . GLU A 1 29  ? 8.106   5.534   6.381   1.00 94.45  ? 59  GLU A CD  1 
ATOM   225 O  OE1 . GLU A 1 29  ? 9.341   5.687   6.265   1.00 87.10  ? 59  GLU A OE1 1 
ATOM   226 O  OE2 . GLU A 1 29  ? 7.460   5.937   7.371   1.00 98.14  ? 59  GLU A OE2 1 
ATOM   227 N  N   . ILE A 1 30  ? 5.372   2.933   3.371   1.00 69.95  ? 60  ILE A N   1 
ATOM   228 C  CA  . ILE A 1 30  ? 3.941   2.769   3.576   1.00 73.44  ? 60  ILE A CA  1 
ATOM   229 C  C   . ILE A 1 30  ? 3.693   2.235   4.982   1.00 74.74  ? 60  ILE A C   1 
ATOM   230 O  O   . ILE A 1 30  ? 4.476   1.447   5.523   1.00 70.02  ? 60  ILE A O   1 
ATOM   231 C  CB  . ILE A 1 30  ? 3.301   1.851   2.510   1.00 50.37  ? 60  ILE A CB  1 
ATOM   232 C  CG1 . ILE A 1 30  ? 1.776   1.872   2.637   1.00 61.06  ? 60  ILE A CG1 1 
ATOM   233 C  CG2 . ILE A 1 30  ? 3.840   0.433   2.613   1.00 51.11  ? 60  ILE A CG2 1 
ATOM   234 C  CD1 . ILE A 1 30  ? 1.069   1.123   1.552   1.00 68.76  ? 60  ILE A CD1 1 
ATOM   235 N  N   . GLU A 1 31  ? 2.594   2.694   5.574   1.00 63.51  ? 61  GLU A N   1 
ATOM   236 C  CA  . GLU A 1 31  ? 2.164   2.310   6.908   1.00 65.25  ? 61  GLU A CA  1 
ATOM   237 C  C   . GLU A 1 31  ? 0.655   2.151   6.884   1.00 65.58  ? 61  GLU A C   1 
ATOM   238 O  O   . GLU A 1 31  ? -0.044  2.976   6.295   1.00 70.31  ? 61  GLU A O   1 
ATOM   239 C  CB  . GLU A 1 31  ? 2.574   3.363   7.943   1.00 68.87  ? 61  GLU A CB  1 
ATOM   240 C  CG  . GLU A 1 31  ? 1.892   3.235   9.289   1.00 87.23  ? 61  GLU A CG  1 
ATOM   241 C  CD  . GLU A 1 31  ? 2.473   4.185   10.316  1.00 111.51 ? 61  GLU A CD  1 
ATOM   242 O  OE1 . GLU A 1 31  ? 2.954   5.269   9.920   1.00 119.49 ? 61  GLU A OE1 1 
ATOM   243 O  OE2 . GLU A 1 31  ? 2.472   3.836   11.515  1.00 100.49 ? 61  GLU A OE2 1 
ATOM   244 N  N   . TYR A 1 32  ? 0.153   1.090   7.509   1.00 65.45  ? 62  TYR A N   1 
ATOM   245 C  CA  . TYR A 1 32  ? -1.282  0.862   7.567   1.00 71.89  ? 62  TYR A CA  1 
ATOM   246 C  C   . TYR A 1 32  ? -1.696  0.494   8.983   1.00 71.64  ? 62  TYR A C   1 
ATOM   247 O  O   . TYR A 1 32  ? -0.898  -0.001  9.782   1.00 69.67  ? 62  TYR A O   1 
ATOM   248 C  CB  . TYR A 1 32  ? -1.731  -0.233  6.588   1.00 63.66  ? 62  TYR A CB  1 
ATOM   249 C  CG  . TYR A 1 32  ? -1.114  -1.591  6.832   1.00 67.61  ? 62  TYR A CG  1 
ATOM   250 C  CD1 . TYR A 1 32  ? -1.769  -2.543  7.603   1.00 65.51  ? 62  TYR A CD1 1 
ATOM   251 C  CD2 . TYR A 1 32  ? 0.114   -1.929  6.279   1.00 70.60  ? 62  TYR A CD2 1 
ATOM   252 C  CE1 . TYR A 1 32  ? -1.214  -3.788  7.825   1.00 60.60  ? 62  TYR A CE1 1 
ATOM   253 C  CE2 . TYR A 1 32  ? 0.677   -3.174  6.495   1.00 77.37  ? 62  TYR A CE2 1 
ATOM   254 C  CZ  . TYR A 1 32  ? 0.008   -4.098  7.270   1.00 71.04  ? 62  TYR A CZ  1 
ATOM   255 O  OH  . TYR A 1 32  ? 0.563   -5.338  7.488   1.00 77.82  ? 62  TYR A OH  1 
ATOM   256 N  N   . GLN A 1 33  ? -2.966  0.758   9.284   1.00 68.09  ? 63  GLN A N   1 
ATOM   257 C  CA  . GLN A 1 33  ? -3.574  0.350   10.543  1.00 76.91  ? 63  GLN A CA  1 
ATOM   258 C  C   . GLN A 1 33  ? -5.032  0.018   10.282  1.00 74.97  ? 63  GLN A C   1 
ATOM   259 O  O   . GLN A 1 33  ? -5.789  0.870   9.807   1.00 72.54  ? 63  GLN A O   1 
ATOM   260 C  CB  . GLN A 1 33  ? -3.458  1.442   11.610  1.00 75.34  ? 63  GLN A CB  1 
ATOM   261 C  CG  . GLN A 1 33  ? -4.023  1.029   12.961  1.00 91.17  ? 63  GLN A CG  1 
ATOM   262 C  CD  . GLN A 1 33  ? -3.526  1.899   14.096  1.00 114.32 ? 63  GLN A CD  1 
ATOM   263 O  OE1 . GLN A 1 33  ? -3.944  3.047   14.245  1.00 113.57 ? 63  GLN A OE1 1 
ATOM   264 N  NE2 . GLN A 1 33  ? -2.622  1.354   14.902  1.00 107.51 ? 63  GLN A NE2 1 
ATOM   265 N  N   . VAL A 1 34  ? -5.419  -1.222  10.571  1.00 71.62  ? 64  VAL A N   1 
ATOM   266 C  CA  . VAL A 1 34  ? -6.830  -1.579  10.547  1.00 73.74  ? 64  VAL A CA  1 
ATOM   267 C  C   . VAL A 1 34  ? -7.523  -0.902  11.719  1.00 74.26  ? 64  VAL A C   1 
ATOM   268 O  O   . VAL A 1 34  ? -7.034  -0.935  12.855  1.00 75.56  ? 64  VAL A O   1 
ATOM   269 C  CB  . VAL A 1 34  ? -7.007  -3.104  10.594  1.00 62.30  ? 64  VAL A CB  1 
ATOM   270 C  CG1 . VAL A 1 34  ? -8.430  -3.479  10.233  1.00 59.46  ? 64  VAL A CG1 1 
ATOM   271 C  CG2 . VAL A 1 34  ? -6.019  -3.782  9.664   1.00 67.68  ? 64  VAL A CG2 1 
ATOM   272 N  N   . LEU A 1 35  ? -8.661  -0.267  11.448  1.00 69.12  ? 65  LEU A N   1 
ATOM   273 C  CA  . LEU A 1 35  ? -9.361  0.509   12.461  1.00 78.80  ? 65  LEU A CA  1 
ATOM   274 C  C   . LEU A 1 35  ? -10.655 -0.123  12.949  1.00 80.92  ? 65  LEU A C   1 
ATOM   275 O  O   . LEU A 1 35  ? -11.012 0.065   14.115  1.00 86.85  ? 65  LEU A O   1 
ATOM   276 C  CB  . LEU A 1 35  ? -9.670  1.919   11.936  1.00 65.16  ? 65  LEU A CB  1 
ATOM   277 C  CG  . LEU A 1 35  ? -8.467  2.798   11.587  1.00 65.77  ? 65  LEU A CG  1 
ATOM   278 C  CD1 . LEU A 1 35  ? -8.922  4.202   11.235  1.00 60.79  ? 65  LEU A CD1 1 
ATOM   279 C  CD2 . LEU A 1 35  ? -7.461  2.828   12.727  1.00 72.24  ? 65  LEU A CD2 1 
ATOM   280 N  N   . ASP A 1 36  ? -11.364 -0.870  12.104  1.00 81.38  ? 66  ASP A N   1 
ATOM   281 C  CA  . ASP A 1 36  ? -12.671 -1.376  12.495  1.00 86.67  ? 66  ASP A CA  1 
ATOM   282 C  C   . ASP A 1 36  ? -13.024 -2.593  11.652  1.00 82.64  ? 66  ASP A C   1 
ATOM   283 O  O   . ASP A 1 36  ? -12.526 -2.767  10.536  1.00 77.13  ? 66  ASP A O   1 
ATOM   284 C  CB  . ASP A 1 36  ? -13.746 -0.293  12.352  1.00 79.91  ? 66  ASP A CB  1 
ATOM   285 C  CG  . ASP A 1 36  ? -14.989 -0.591  13.166  1.00 97.70  ? 66  ASP A CG  1 
ATOM   286 O  OD1 . ASP A 1 36  ? -14.930 -0.464  14.407  1.00 102.70 ? 66  ASP A OD1 1 
ATOM   287 O  OD2 . ASP A 1 36  ? -16.026 -0.943  12.565  1.00 95.20  ? 66  ASP A OD2 1 
ATOM   288 N  N   . GLY A 1 37  ? -13.895 -3.433  12.210  1.00 87.06  ? 67  GLY A N   1 
ATOM   289 C  CA  . GLY A 1 37  ? -14.439 -4.568  11.491  1.00 82.55  ? 67  GLY A CA  1 
ATOM   290 C  C   . GLY A 1 37  ? -13.761 -5.889  11.793  1.00 80.52  ? 67  GLY A C   1 
ATOM   291 O  O   . GLY A 1 37  ? -12.530 -5.967  11.826  1.00 73.83  ? 67  GLY A O   1 
ATOM   292 N  N   . GLY A 1 38  ? -14.563 -6.929  12.015  1.00 89.07  ? 68  GLY A N   1 
ATOM   293 C  CA  . GLY A 1 38  ? -14.038 -8.265  12.232  1.00 83.34  ? 68  GLY A CA  1 
ATOM   294 C  C   . GLY A 1 38  ? -13.051 -8.319  13.375  1.00 77.08  ? 68  GLY A C   1 
ATOM   295 O  O   . GLY A 1 38  ? -13.234 -7.687  14.421  1.00 86.57  ? 68  GLY A O   1 
ATOM   296 N  N   . GLU A 1 39  ? -11.982 -9.088  13.175  1.00 79.25  ? 69  GLU A N   1 
ATOM   297 C  CA  . GLU A 1 39  ? -10.883 -9.156  14.123  1.00 82.03  ? 69  GLU A CA  1 
ATOM   298 C  C   . GLU A 1 39  ? -9.840  -8.077  13.869  1.00 82.77  ? 69  GLU A C   1 
ATOM   299 O  O   . GLU A 1 39  ? -8.727  -8.163  14.403  1.00 82.47  ? 69  GLU A O   1 
ATOM   300 C  CB  . GLU A 1 39  ? -10.239 -10.543 14.080  1.00 75.95  ? 69  GLU A CB  1 
ATOM   301 C  CG  . GLU A 1 39  ? -11.253 -11.683 14.114  1.00 97.14  ? 69  GLU A CG  1 
ATOM   302 C  CD  . GLU A 1 39  ? -12.255 -11.550 15.252  1.00 124.43 ? 69  GLU A CD  1 
ATOM   303 O  OE1 . GLU A 1 39  ? -11.852 -11.156 16.366  1.00 125.17 ? 69  GLU A OE1 1 
ATOM   304 O  OE2 . GLU A 1 39  ? -13.451 -11.835 15.030  1.00 132.64 ? 69  GLU A OE2 1 
ATOM   305 N  N   . LEU A 1 40  ? -10.181 -7.066  13.065  1.00 82.14  ? 70  LEU A N   1 
ATOM   306 C  CA  . LEU A 1 40  ? -9.296  -5.938  12.783  1.00 71.89  ? 70  LEU A CA  1 
ATOM   307 C  C   . LEU A 1 40  ? -7.964  -6.432  12.215  1.00 78.54  ? 70  LEU A C   1 
ATOM   308 O  O   . LEU A 1 40  ? -6.882  -6.082  12.692  1.00 60.71  ? 70  LEU A O   1 
ATOM   309 C  CB  . LEU A 1 40  ? -9.093  -5.066  14.029  1.00 57.00  ? 70  LEU A CB  1 
ATOM   310 C  CG  . LEU A 1 40  ? -10.233 -4.142  14.502  1.00 84.96  ? 70  LEU A CG  1 
ATOM   311 C  CD1 . LEU A 1 40  ? -11.579 -4.849  14.739  1.00 92.74  ? 70  LEU A CD1 1 
ATOM   312 C  CD2 . LEU A 1 40  ? -9.822  -3.308  15.720  1.00 88.39  ? 70  LEU A CD2 1 
ATOM   313 N  N   . ASP A 1 41  ? -8.062  -7.257  11.174  1.00 74.14  ? 71  ASP A N   1 
ATOM   314 C  CA  . ASP A 1 41  ? -6.914  -7.912  10.569  1.00 66.48  ? 71  ASP A CA  1 
ATOM   315 C  C   . ASP A 1 41  ? -7.048  -7.859  9.056   1.00 76.87  ? 71  ASP A C   1 
ATOM   316 O  O   . ASP A 1 41  ? -8.154  -7.909  8.511   1.00 71.60  ? 71  ASP A O   1 
ATOM   317 C  CB  . ASP A 1 41  ? -6.790  -9.363  11.045  1.00 80.92  ? 71  ASP A CB  1 
ATOM   318 C  CG  . ASP A 1 41  ? -8.062  -10.156 10.819  1.00 78.35  ? 71  ASP A CG  1 
ATOM   319 O  OD1 . ASP A 1 41  ? -9.140  -9.532  10.737  1.00 75.94  ? 71  ASP A OD1 1 
ATOM   320 O  OD2 . ASP A 1 41  ? -7.988  -11.398 10.729  1.00 83.41  ? 71  ASP A OD2 1 
ATOM   321 N  N   . ILE A 1 42  ? -5.906  -7.759  8.380   1.00 74.54  ? 72  ILE A N   1 
ATOM   322 C  CA  . ILE A 1 42  ? -5.877  -7.632  6.930   1.00 61.15  ? 72  ILE A CA  1 
ATOM   323 C  C   . ILE A 1 42  ? -4.636  -8.347  6.417   1.00 56.95  ? 72  ILE A C   1 
ATOM   324 O  O   . ILE A 1 42  ? -3.631  -8.467  7.121   1.00 63.41  ? 72  ILE A O   1 
ATOM   325 C  CB  . ILE A 1 42  ? -5.893  -6.147  6.494   1.00 57.60  ? 72  ILE A CB  1 
ATOM   326 C  CG1 . ILE A 1 42  ? -6.413  -6.000  5.064   1.00 63.51  ? 72  ILE A CG1 1 
ATOM   327 C  CG2 . ILE A 1 42  ? -4.511  -5.520  6.642   1.00 56.95  ? 72  ILE A CG2 1 
ATOM   328 C  CD1 . ILE A 1 42  ? -7.914  -6.145  4.946   1.00 60.37  ? 72  ILE A CD1 1 
ATOM   329 N  N   . ASP A 1 43  ? -4.722  -8.849  5.191   1.00 66.21  ? 73  ASP A N   1 
ATOM   330 C  CA  . ASP A 1 43  ? -3.547  -9.331  4.479   1.00 62.18  ? 73  ASP A CA  1 
ATOM   331 C  C   . ASP A 1 43  ? -2.953  -8.175  3.686   1.00 61.17  ? 73  ASP A C   1 
ATOM   332 O  O   . ASP A 1 43  ? -3.681  -7.445  3.006   1.00 61.28  ? 73  ASP A O   1 
ATOM   333 C  CB  . ASP A 1 43  ? -3.899  -10.492 3.547   1.00 61.50  ? 73  ASP A CB  1 
ATOM   334 C  CG  . ASP A 1 43  ? -4.165  -11.783 4.295   1.00 70.91  ? 73  ASP A CG  1 
ATOM   335 O  OD1 . ASP A 1 43  ? -4.331  -11.738 5.533   1.00 64.54  ? 73  ASP A OD1 1 
ATOM   336 O  OD2 . ASP A 1 43  ? -4.201  -12.847 3.643   1.00 68.81  ? 73  ASP A OD2 1 
ATOM   337 N  N   . PHE A 1 44  ? -1.639  -8.001  3.786   1.00 62.52  ? 74  PHE A N   1 
ATOM   338 C  CA  . PHE A 1 44  ? -0.958  -6.898  3.124   1.00 58.53  ? 74  PHE A CA  1 
ATOM   339 C  C   . PHE A 1 44  ? 0.079   -7.430  2.146   1.00 62.94  ? 74  PHE A C   1 
ATOM   340 O  O   . PHE A 1 44  ? 0.833   -8.357  2.462   1.00 64.06  ? 74  PHE A O   1 
ATOM   341 C  CB  . PHE A 1 44  ? -0.295  -5.963  4.135   1.00 56.58  ? 74  PHE A CB  1 
ATOM   342 C  CG  . PHE A 1 44  ? 0.510   -4.865  3.501   1.00 60.72  ? 74  PHE A CG  1 
ATOM   343 C  CD1 . PHE A 1 44  ? -0.113  -3.739  2.988   1.00 59.47  ? 74  PHE A CD1 1 
ATOM   344 C  CD2 . PHE A 1 44  ? 1.888   -4.958  3.417   1.00 58.17  ? 74  PHE A CD2 1 
ATOM   345 C  CE1 . PHE A 1 44  ? 0.624   -2.728  2.402   1.00 65.34  ? 74  PHE A CE1 1 
ATOM   346 C  CE2 . PHE A 1 44  ? 2.631   -3.950  2.833   1.00 63.64  ? 74  PHE A CE2 1 
ATOM   347 C  CZ  . PHE A 1 44  ? 1.999   -2.833  2.326   1.00 65.29  ? 74  PHE A CZ  1 
ATOM   348 N  N   . HIS A 1 45  ? 0.122   -6.814  0.966   1.00 70.19  ? 75  HIS A N   1 
ATOM   349 C  CA  . HIS A 1 45  ? 0.926   -7.270  -0.158  1.00 63.71  ? 75  HIS A CA  1 
ATOM   350 C  C   . HIS A 1 45  ? 1.643   -6.074  -0.772  1.00 68.52  ? 75  HIS A C   1 
ATOM   351 O  O   . HIS A 1 45  ? 1.067   -4.987  -0.879  1.00 64.75  ? 75  HIS A O   1 
ATOM   352 C  CB  . HIS A 1 45  ? 0.034   -7.960  -1.201  1.00 59.52  ? 75  HIS A CB  1 
ATOM   353 C  CG  . HIS A 1 45  ? 0.776   -8.831  -2.166  1.00 74.48  ? 75  HIS A CG  1 
ATOM   354 N  ND1 . HIS A 1 45  ? 0.224   -9.256  -3.356  1.00 91.86  ? 75  HIS A ND1 1 
ATOM   355 C  CD2 . HIS A 1 45  ? 2.017   -9.369  -2.113  1.00 77.71  ? 75  HIS A CD2 1 
ATOM   356 C  CE1 . HIS A 1 45  ? 1.096   -10.013 -3.997  1.00 92.29  ? 75  HIS A CE1 1 
ATOM   357 N  NE2 . HIS A 1 45  ? 2.192   -10.097 -3.265  1.00 77.22  ? 75  HIS A NE2 1 
ATOM   358 N  N   . LEU A 1 46  ? 2.900   -6.272  -1.169  1.00 68.42  ? 76  LEU A N   1 
ATOM   359 C  CA  . LEU A 1 46  ? 3.703   -5.213  -1.779  1.00 64.15  ? 76  LEU A CA  1 
ATOM   360 C  C   . LEU A 1 46  ? 4.645   -5.853  -2.791  1.00 62.45  ? 76  LEU A C   1 
ATOM   361 O  O   . LEU A 1 46  ? 5.576   -6.567  -2.407  1.00 66.63  ? 76  LEU A O   1 
ATOM   362 C  CB  . LEU A 1 46  ? 4.487   -4.429  -0.724  1.00 53.45  ? 76  LEU A CB  1 
ATOM   363 C  CG  . LEU A 1 46  ? 5.458   -3.369  -1.253  1.00 66.52  ? 76  LEU A CG  1 
ATOM   364 C  CD1 . LEU A 1 46  ? 4.745   -2.398  -2.181  1.00 61.21  ? 76  LEU A CD1 1 
ATOM   365 C  CD2 . LEU A 1 46  ? 6.129   -2.622  -0.111  1.00 69.35  ? 76  LEU A CD2 1 
ATOM   366 N  N   . THR A 1 47  ? 4.410   -5.594  -4.074  1.00 58.08  ? 77  THR A N   1 
ATOM   367 C  CA  . THR A 1 47  ? 5.163   -6.224  -5.149  1.00 76.87  ? 77  THR A CA  1 
ATOM   368 C  C   . THR A 1 47  ? 5.982   -5.195  -5.919  1.00 74.87  ? 77  THR A C   1 
ATOM   369 O  O   . THR A 1 47  ? 5.643   -4.008  -5.965  1.00 69.37  ? 77  THR A O   1 
ATOM   370 C  CB  . THR A 1 47  ? 4.236   -6.960  -6.119  1.00 70.07  ? 77  THR A CB  1 
ATOM   371 O  OG1 . THR A 1 47  ? 3.765   -6.045  -7.113  1.00 89.52  ? 77  THR A OG1 1 
ATOM   372 C  CG2 . THR A 1 47  ? 3.047   -7.539  -5.378  1.00 73.14  ? 77  THR A CG2 1 
ATOM   373 N  N   . SER A 1 48  ? 7.055   -5.675  -6.536  1.00 77.70  ? 78  SER A N   1 
ATOM   374 C  CA  . SER A 1 48  ? 7.987   -4.836  -7.271  1.00 71.35  ? 78  SER A CA  1 
ATOM   375 C  C   . SER A 1 48  ? 7.441   -4.529  -8.660  1.00 75.73  ? 78  SER A C   1 
ATOM   376 O  O   . SER A 1 48  ? 6.446   -5.113  -9.095  1.00 75.34  ? 78  SER A O   1 
ATOM   377 C  CB  . SER A 1 48  ? 9.341   -5.536  -7.356  1.00 77.18  ? 78  SER A CB  1 
ATOM   378 O  OG  . SER A 1 48  ? 9.397   -6.408  -8.472  1.00 82.40  ? 78  SER A OG  1 
ATOM   379 N  N   . PRO A 1 49  ? 8.062   -3.590  -9.382  1.00 76.50  ? 79  PRO A N   1 
ATOM   380 C  CA  . PRO A 1 49  ? 7.674   -3.383  -10.786 1.00 69.38  ? 79  PRO A CA  1 
ATOM   381 C  C   . PRO A 1 49  ? 7.775   -4.640  -11.631 1.00 68.87  ? 79  PRO A C   1 
ATOM   382 O  O   . PRO A 1 49  ? 7.029   -4.781  -12.608 1.00 61.78  ? 79  PRO A O   1 
ATOM   383 C  CB  . PRO A 1 49  ? 8.659   -2.307  -11.262 1.00 64.81  ? 79  PRO A CB  1 
ATOM   384 C  CG  . PRO A 1 49  ? 9.004   -1.555  -10.032 1.00 70.32  ? 79  PRO A CG  1 
ATOM   385 C  CD  . PRO A 1 49  ? 9.007   -2.556  -8.916  1.00 69.48  ? 79  PRO A CD  1 
ATOM   386 N  N   . GLU A 1 50  ? 8.672   -5.562  -11.280 1.00 81.20  ? 80  GLU A N   1 
ATOM   387 C  CA  . GLU A 1 50  ? 8.865   -6.789  -12.041 1.00 82.67  ? 80  GLU A CA  1 
ATOM   388 C  C   . GLU A 1 50  ? 7.817   -7.851  -11.741 1.00 79.54  ? 80  GLU A C   1 
ATOM   389 O  O   . GLU A 1 50  ? 7.760   -8.859  -12.454 1.00 93.21  ? 80  GLU A O   1 
ATOM   390 C  CB  . GLU A 1 50  ? 10.254  -7.367  -11.755 1.00 84.77  ? 80  GLU A CB  1 
ATOM   391 C  CG  . GLU A 1 50  ? 11.402  -6.408  -12.007 1.00 100.41 ? 80  GLU A CG  1 
ATOM   392 C  CD  . GLU A 1 50  ? 11.844  -6.389  -13.457 1.00 126.41 ? 80  GLU A CD  1 
ATOM   393 O  OE1 . GLU A 1 50  ? 11.109  -5.834  -14.301 1.00 114.76 ? 80  GLU A OE1 1 
ATOM   394 O  OE2 . GLU A 1 50  ? 12.930  -6.931  -13.752 1.00 123.87 ? 80  GLU A OE2 1 
ATOM   395 N  N   . GLY A 1 51  ? 6.993   -7.657  -10.715 1.00 78.54  ? 81  GLY A N   1 
ATOM   396 C  CA  . GLY A 1 51  ? 6.092   -8.685  -10.244 1.00 82.07  ? 81  GLY A CA  1 
ATOM   397 C  C   . GLY A 1 51  ? 6.597   -9.461  -9.048  1.00 73.43  ? 81  GLY A C   1 
ATOM   398 O  O   . GLY A 1 51  ? 5.889   -10.354 -8.566  1.00 83.35  ? 81  GLY A O   1 
ATOM   399 N  N   . ARG A 1 52  ? 7.793   -9.148  -8.557  1.00 64.15  ? 82  ARG A N   1 
ATOM   400 C  CA  . ARG A 1 52  ? 8.362   -9.850  -7.415  1.00 77.76  ? 82  ARG A CA  1 
ATOM   401 C  C   . ARG A 1 52  ? 7.761   -9.319  -6.121  1.00 68.99  ? 82  ARG A C   1 
ATOM   402 O  O   . ARG A 1 52  ? 7.703   -8.105  -5.905  1.00 65.59  ? 82  ARG A O   1 
ATOM   403 C  CB  . ARG A 1 52  ? 9.883   -9.687  -7.390  1.00 75.45  ? 82  ARG A CB  1 
ATOM   404 C  CG  . ARG A 1 52  ? 10.570  -9.929  -8.724  1.00 85.63  ? 82  ARG A CG  1 
ATOM   405 C  CD  . ARG A 1 52  ? 10.142  -11.243 -9.353  1.00 87.75  ? 82  ARG A CD  1 
ATOM   406 N  NE  . ARG A 1 52  ? 10.917  -11.541 -10.553 1.00 96.14  ? 82  ARG A NE  1 
ATOM   407 C  CZ  . ARG A 1 52  ? 10.547  -12.413 -11.485 1.00 97.03  ? 82  ARG A CZ  1 
ATOM   408 N  NH1 . ARG A 1 52  ? 9.402   -13.071 -11.362 1.00 84.23  ? 82  ARG A NH1 1 
ATOM   409 N  NH2 . ARG A 1 52  ? 11.318  -12.621 -12.544 1.00 91.27  ? 82  ARG A NH2 1 
ATOM   410 N  N   . THR A 1 53  ? 7.315   -10.229 -5.261  1.00 68.85  ? 83  THR A N   1 
ATOM   411 C  CA  . THR A 1 53  ? 6.784   -9.830  -3.966  1.00 65.71  ? 83  THR A CA  1 
ATOM   412 C  C   . THR A 1 53  ? 7.907   -9.312  -3.077  1.00 56.33  ? 83  THR A C   1 
ATOM   413 O  O   . THR A 1 53  ? 8.936   -9.972  -2.909  1.00 65.33  ? 83  THR A O   1 
ATOM   414 C  CB  . THR A 1 53  ? 6.081   -11.009 -3.294  1.00 59.24  ? 83  THR A CB  1 
ATOM   415 O  OG1 . THR A 1 53  ? 5.053   -11.509 -4.158  1.00 65.29  ? 83  THR A OG1 1 
ATOM   416 C  CG2 . THR A 1 53  ? 5.464   -10.577 -1.966  1.00 62.28  ? 83  THR A CG2 1 
ATOM   417 N  N   . LEU A 1 54  ? 7.712   -8.120  -2.516  1.00 55.45  ? 84  LEU A N   1 
ATOM   418 C  CA  . LEU A 1 54  ? 8.661   -7.545  -1.573  1.00 60.30  ? 84  LEU A CA  1 
ATOM   419 C  C   . LEU A 1 54  ? 8.184   -7.629  -0.131  1.00 64.27  ? 84  LEU A C   1 
ATOM   420 O  O   . LEU A 1 54  ? 9.019   -7.646  0.781   1.00 57.07  ? 84  LEU A O   1 
ATOM   421 C  CB  . LEU A 1 54  ? 8.942   -6.080  -1.930  1.00 62.49  ? 84  LEU A CB  1 
ATOM   422 C  CG  . LEU A 1 54  ? 9.469   -5.831  -3.344  1.00 65.50  ? 84  LEU A CG  1 
ATOM   423 C  CD1 . LEU A 1 54  ? 9.755   -4.353  -3.560  1.00 58.31  ? 84  LEU A CD1 1 
ATOM   424 C  CD2 . LEU A 1 54  ? 10.712  -6.666  -3.605  1.00 69.78  ? 84  LEU A CD2 1 
ATOM   425 N  N   . VAL A 1 55  ? 6.872   -7.684  0.087   1.00 65.43  ? 85  VAL A N   1 
ATOM   426 C  CA  . VAL A 1 55  ? 6.276   -7.801  1.415   1.00 61.20  ? 85  VAL A CA  1 
ATOM   427 C  C   . VAL A 1 55  ? 4.989   -8.606  1.290   1.00 57.85  ? 85  VAL A C   1 
ATOM   428 O  O   . VAL A 1 55  ? 4.156   -8.326  0.423   1.00 68.12  ? 85  VAL A O   1 
ATOM   429 C  CB  . VAL A 1 55  ? 5.977   -6.423  2.044   1.00 61.63  ? 85  VAL A CB  1 
ATOM   430 C  CG1 . VAL A 1 55  ? 5.020   -6.571  3.210   1.00 56.45  ? 85  VAL A CG1 1 
ATOM   431 C  CG2 . VAL A 1 55  ? 7.250   -5.735  2.501   1.00 53.16  ? 85  VAL A CG2 1 
ATOM   432 N  N   . PHE A 1 56  ? 4.825   -9.615  2.144   1.00 66.78  ? 86  PHE A N   1 
ATOM   433 C  CA  . PHE A 1 56  ? 3.538   -10.285 2.278   1.00 66.75  ? 86  PHE A CA  1 
ATOM   434 C  C   . PHE A 1 56  ? 3.318   -10.655 3.735   1.00 68.59  ? 86  PHE A C   1 
ATOM   435 O  O   . PHE A 1 56  ? 4.192   -11.256 4.367   1.00 70.03  ? 86  PHE A O   1 
ATOM   436 C  CB  . PHE A 1 56  ? 3.436   -11.533 1.396   1.00 59.77  ? 86  PHE A CB  1 
ATOM   437 C  CG  . PHE A 1 56  ? 2.063   -12.140 1.384   1.00 60.46  ? 86  PHE A CG  1 
ATOM   438 C  CD1 . PHE A 1 56  ? 0.951   -11.338 1.189   1.00 59.74  ? 86  PHE A CD1 1 
ATOM   439 C  CD2 . PHE A 1 56  ? 1.880   -13.500 1.564   1.00 69.31  ? 86  PHE A CD2 1 
ATOM   440 C  CE1 . PHE A 1 56  ? -0.317  -11.877 1.176   1.00 58.85  ? 86  PHE A CE1 1 
ATOM   441 C  CE2 . PHE A 1 56  ? 0.609   -14.048 1.551   1.00 61.63  ? 86  PHE A CE2 1 
ATOM   442 C  CZ  . PHE A 1 56  ? -0.490  -13.233 1.356   1.00 54.74  ? 86  PHE A CZ  1 
ATOM   443 N  N   . GLU A 1 57  ? 2.150   -10.289 4.261   1.00 65.04  ? 87  GLU A N   1 
ATOM   444 C  CA  . GLU A 1 57  ? 1.826   -10.476 5.671   1.00 61.18  ? 87  GLU A CA  1 
ATOM   445 C  C   . GLU A 1 57  ? 0.350   -10.816 5.771   1.00 65.29  ? 87  GLU A C   1 
ATOM   446 O  O   . GLU A 1 57  ? -0.484  -10.090 5.221   1.00 79.12  ? 87  GLU A O   1 
ATOM   447 C  CB  . GLU A 1 57  ? 2.131   -9.212  6.477   1.00 69.71  ? 87  GLU A CB  1 
ATOM   448 C  CG  . GLU A 1 57  ? 3.552   -8.696  6.365   1.00 72.43  ? 87  GLU A CG  1 
ATOM   449 C  CD  . GLU A 1 57  ? 3.709   -7.346  7.024   1.00 75.64  ? 87  GLU A CD  1 
ATOM   450 O  OE1 . GLU A 1 57  ? 2.844   -6.474  6.798   1.00 63.77  ? 87  GLU A OE1 1 
ATOM   451 O  OE2 . GLU A 1 57  ? 4.687   -7.159  7.777   1.00 89.24  ? 87  GLU A OE2 1 
ATOM   452 N  N   . GLN A 1 58  ? 0.023   -11.898 6.472   1.00 57.57  ? 88  GLN A N   1 
ATOM   453 C  CA  . GLN A 1 58  ? -1.358  -12.340 6.603   1.00 61.17  ? 88  GLN A CA  1 
ATOM   454 C  C   . GLN A 1 58  ? -1.906  -12.000 7.985   1.00 63.01  ? 88  GLN A C   1 
ATOM   455 O  O   . GLN A 1 58  ? -1.218  -12.160 8.997   1.00 63.84  ? 88  GLN A O   1 
ATOM   456 C  CB  . GLN A 1 58  ? -1.481  -13.845 6.345   1.00 56.76  ? 88  GLN A CB  1 
ATOM   457 C  CG  . GLN A 1 58  ? -0.920  -14.296 5.000   1.00 58.11  ? 88  GLN A CG  1 
ATOM   458 C  CD  . GLN A 1 58  ? -1.718  -15.432 4.378   1.00 67.58  ? 88  GLN A CD  1 
ATOM   459 O  OE1 . GLN A 1 58  ? -1.274  -16.583 4.353   1.00 75.56  ? 88  GLN A OE1 1 
ATOM   460 N  NE2 . GLN A 1 58  ? -2.900  -15.111 3.866   1.00 67.55  ? 88  GLN A NE2 1 
ATOM   461 N  N   . ARG A 1 59  ? -3.149  -11.520 8.009   1.00 67.38  ? 89  ARG A N   1 
ATOM   462 C  CA  . ARG A 1 59  ? -3.901  -11.248 9.236   1.00 68.43  ? 89  ARG A CA  1 
ATOM   463 C  C   . ARG A 1 59  ? -3.120  -10.338 10.184  1.00 69.95  ? 89  ARG A C   1 
ATOM   464 O  O   . ARG A 1 59  ? -2.811  -10.691 11.324  1.00 73.01  ? 89  ARG A O   1 
ATOM   465 C  CB  . ARG A 1 59  ? -4.296  -12.554 9.933   1.00 65.39  ? 89  ARG A CB  1 
ATOM   466 C  CG  . ARG A 1 59  ? -4.745  -13.655 8.992   1.00 61.24  ? 89  ARG A CG  1 
ATOM   467 C  CD  . ARG A 1 59  ? -5.929  -13.235 8.140   1.00 60.54  ? 89  ARG A CD  1 
ATOM   468 N  NE  . ARG A 1 59  ? -5.931  -13.947 6.866   1.00 69.10  ? 89  ARG A NE  1 
ATOM   469 C  CZ  . ARG A 1 59  ? -6.698  -14.999 6.604   1.00 73.36  ? 89  ARG A CZ  1 
ATOM   470 N  NH1 . ARG A 1 59  ? -7.530  -15.454 7.532   1.00 81.43  ? 89  ARG A NH1 1 
ATOM   471 N  NH2 . ARG A 1 59  ? -6.636  -15.594 5.420   1.00 69.22  ? 89  ARG A NH2 1 
ATOM   472 N  N   . LYS A 1 60  ? -2.801  -9.148  9.690   1.00 70.52  ? 90  LYS A N   1 
ATOM   473 C  CA  . LYS A 1 60  ? -2.160  -8.120  10.492  1.00 73.44  ? 90  LYS A CA  1 
ATOM   474 C  C   . LYS A 1 60  ? -3.137  -6.984  10.763  1.00 74.16  ? 90  LYS A C   1 
ATOM   475 O  O   . LYS A 1 60  ? -4.023  -6.697  9.953   1.00 73.83  ? 90  LYS A O   1 
ATOM   476 C  CB  . LYS A 1 60  ? -0.910  -7.568  9.800   1.00 71.09  ? 90  LYS A CB  1 
ATOM   477 C  CG  . LYS A 1 60  ? 0.229   -8.562  9.685   1.00 72.87  ? 90  LYS A CG  1 
ATOM   478 C  CD  . LYS A 1 60  ? 1.234   -8.384  10.810  1.00 91.51  ? 90  LYS A CD  1 
ATOM   479 C  CE  . LYS A 1 60  ? 2.228   -9.532  10.832  1.00 88.92  ? 90  LYS A CE  1 
ATOM   480 N  NZ  . LYS A 1 60  ? 3.128   -9.459  12.014  1.00 87.73  ? 90  LYS A NZ  1 
ATOM   481 N  N   . SER A 1 61  ? -2.969  -6.345  11.920  1.00 71.82  ? 91  SER A N   1 
ATOM   482 C  CA  . SER A 1 61  ? -3.717  -5.141  12.252  1.00 69.80  ? 91  SER A CA  1 
ATOM   483 C  C   . SER A 1 61  ? -2.984  -3.867  11.866  1.00 70.61  ? 91  SER A C   1 
ATOM   484 O  O   . SER A 1 61  ? -3.615  -2.806  11.793  1.00 72.55  ? 91  SER A O   1 
ATOM   485 C  CB  . SER A 1 61  ? -4.027  -5.100  13.752  1.00 67.83  ? 91  SER A CB  1 
ATOM   486 O  OG  . SER A 1 61  ? -4.671  -6.289  14.175  1.00 84.91  ? 91  SER A OG  1 
ATOM   487 N  N   . ASP A 1 62  ? -1.679  -3.952  11.613  1.00 67.63  ? 92  ASP A N   1 
ATOM   488 C  CA  . ASP A 1 62  ? -0.842  -2.796  11.323  1.00 74.90  ? 92  ASP A CA  1 
ATOM   489 C  C   . ASP A 1 62  ? 0.507   -3.281  10.814  1.00 74.97  ? 92  ASP A C   1 
ATOM   490 O  O   . ASP A 1 62  ? 0.939   -4.395  11.128  1.00 83.64  ? 92  ASP A O   1 
ATOM   491 C  CB  . ASP A 1 62  ? -0.652  -1.920  12.566  1.00 73.23  ? 92  ASP A CB  1 
ATOM   492 C  CG  . ASP A 1 62  ? -0.146  -2.709  13.756  1.00 91.32  ? 92  ASP A CG  1 
ATOM   493 O  OD1 . ASP A 1 62  ? -0.969  -3.364  14.429  1.00 95.55  ? 92  ASP A OD1 1 
ATOM   494 O  OD2 . ASP A 1 62  ? 1.076   -2.681  14.013  1.00 93.58  ? 92  ASP A OD2 1 
ATOM   495 N  N   . GLY A 1 63  ? 1.163   -2.430  10.031  1.00 72.88  ? 93  GLY A N   1 
ATOM   496 C  CA  . GLY A 1 63  ? 2.499   -2.711  9.542   1.00 70.17  ? 93  GLY A CA  1 
ATOM   497 C  C   . GLY A 1 63  ? 3.136   -1.462  8.976   1.00 65.62  ? 93  GLY A C   1 
ATOM   498 O  O   . GLY A 1 63  ? 2.458   -0.468  8.694   1.00 68.87  ? 93  GLY A O   1 
ATOM   499 N  N   . VAL A 1 64  ? 4.460   -1.521  8.828   1.00 64.68  ? 94  VAL A N   1 
ATOM   500 C  CA  . VAL A 1 64  ? 5.246   -0.446  8.226   1.00 67.48  ? 94  VAL A CA  1 
ATOM   501 C  C   . VAL A 1 64  ? 6.334   -1.087  7.380   1.00 66.10  ? 94  VAL A C   1 
ATOM   502 O  O   . VAL A 1 64  ? 6.988   -2.038  7.817   1.00 74.30  ? 94  VAL A O   1 
ATOM   503 C  CB  . VAL A 1 64  ? 5.868   0.490   9.287   1.00 56.42  ? 94  VAL A CB  1 
ATOM   504 C  CG1 . VAL A 1 64  ? 6.932   1.385   8.656   1.00 78.70  ? 94  VAL A CG1 1 
ATOM   505 C  CG2 . VAL A 1 64  ? 4.802   1.327   9.978   1.00 81.83  ? 94  VAL A CG2 1 
ATOM   506 N  N   . HIS A 1 65  ? 6.521   -0.573  6.165   1.00 68.77  ? 95  HIS A N   1 
ATOM   507 C  CA  . HIS A 1 65  ? 7.566   -1.077  5.288   1.00 67.76  ? 95  HIS A CA  1 
ATOM   508 C  C   . HIS A 1 65  ? 8.116   0.079   4.466   1.00 70.85  ? 95  HIS A C   1 
ATOM   509 O  O   . HIS A 1 65  ? 7.360   0.940   4.014   1.00 86.21  ? 95  HIS A O   1 
ATOM   510 C  CB  . HIS A 1 65  ? 7.035   -2.189  4.377   1.00 66.01  ? 95  HIS A CB  1 
ATOM   511 C  CG  . HIS A 1 65  ? 6.400   -3.324  5.118   1.00 67.24  ? 95  HIS A CG  1 
ATOM   512 N  ND1 . HIS A 1 65  ? 7.124   -4.381  5.626   1.00 65.89  ? 95  HIS A ND1 1 
ATOM   513 C  CD2 . HIS A 1 65  ? 5.111   -3.548  5.465   1.00 63.31  ? 95  HIS A CD2 1 
ATOM   514 C  CE1 . HIS A 1 65  ? 6.305   -5.218  6.237   1.00 79.65  ? 95  HIS A CE1 1 
ATOM   515 N  NE2 . HIS A 1 65  ? 5.078   -4.734  6.157   1.00 72.66  ? 95  HIS A NE2 1 
ATOM   516 N  N   . THR A 1 66  ? 9.437   0.104   4.300   1.00 75.28  ? 96  THR A N   1 
ATOM   517 C  CA  . THR A 1 66  ? 10.107  1.115   3.493   1.00 76.62  ? 96  THR A CA  1 
ATOM   518 C  C   . THR A 1 66  ? 10.994  0.433   2.462   1.00 75.98  ? 96  THR A C   1 
ATOM   519 O  O   . THR A 1 66  ? 11.508  -0.665  2.688   1.00 78.28  ? 96  THR A O   1 
ATOM   520 C  CB  . THR A 1 66  ? 10.952  2.080   4.345   1.00 74.80  ? 96  THR A CB  1 
ATOM   521 O  OG1 . THR A 1 66  ? 12.254  1.520   4.548   1.00 91.94  ? 96  THR A OG1 1 
ATOM   522 C  CG2 . THR A 1 66  ? 10.297  2.325   5.696   1.00 69.31  ? 96  THR A CG2 1 
ATOM   523 N  N   . ILE A 1 67  ? 11.171  1.101   1.327   1.00 79.07  ? 97  ILE A N   1 
ATOM   524 C  CA  . ILE A 1 67  ? 11.855  0.534   0.175   1.00 72.80  ? 97  ILE A CA  1 
ATOM   525 C  C   . ILE A 1 67  ? 12.909  1.522   -0.305  1.00 78.39  ? 97  ILE A C   1 
ATOM   526 O  O   . ILE A 1 67  ? 12.751  2.738   -0.168  1.00 87.41  ? 97  ILE A O   1 
ATOM   527 C  CB  . ILE A 1 67  ? 10.852  0.213   -0.964  1.00 67.52  ? 97  ILE A CB  1 
ATOM   528 C  CG1 . ILE A 1 67  ? 9.731   -0.705  -0.473  1.00 75.47  ? 97  ILE A CG1 1 
ATOM   529 C  CG2 . ILE A 1 67  ? 11.550  -0.417  -2.160  1.00 79.01  ? 97  ILE A CG2 1 
ATOM   530 C  CD1 . ILE A 1 67  ? 10.197  -2.080  -0.066  1.00 75.58  ? 97  ILE A CD1 1 
ATOM   531 N  N   . GLU A 1 68  ? 14.003  0.993   -0.850  1.00 84.18  ? 98  GLU A N   1 
ATOM   532 C  CA  . GLU A 1 68  ? 14.810  1.726   -1.816  1.00 80.85  ? 98  GLU A CA  1 
ATOM   533 C  C   . GLU A 1 68  ? 14.384  1.248   -3.196  1.00 88.31  ? 98  GLU A C   1 
ATOM   534 O  O   . GLU A 1 68  ? 14.497  0.058   -3.510  1.00 99.05  ? 98  GLU A O   1 
ATOM   535 C  CB  . GLU A 1 68  ? 16.308  1.528   -1.600  1.00 107.44 ? 98  GLU A CB  1 
ATOM   536 C  CG  . GLU A 1 68  ? 17.133  2.620   -2.273  1.00 113.00 ? 98  GLU A CG  1 
ATOM   537 C  CD  . GLU A 1 68  ? 18.558  2.694   -1.765  1.00 135.82 ? 98  GLU A CD  1 
ATOM   538 O  OE1 . GLU A 1 68  ? 18.806  2.268   -0.618  1.00 131.38 ? 98  GLU A OE1 1 
ATOM   539 O  OE2 . GLU A 1 68  ? 19.427  3.197   -2.508  1.00 139.82 ? 98  GLU A OE2 1 
ATOM   540 N  N   . THR A 1 69  ? 13.885  2.170   -4.008  1.00 84.65  ? 99  THR A N   1 
ATOM   541 C  CA  . THR A 1 69  ? 13.047  1.832   -5.147  1.00 80.05  ? 99  THR A CA  1 
ATOM   542 C  C   . THR A 1 69  ? 13.845  1.721   -6.439  1.00 80.06  ? 99  THR A C   1 
ATOM   543 O  O   . THR A 1 69  ? 14.884  2.361   -6.616  1.00 87.63  ? 99  THR A O   1 
ATOM   544 C  CB  . THR A 1 69  ? 11.946  2.879   -5.328  1.00 76.59  ? 99  THR A CB  1 
ATOM   545 O  OG1 . THR A 1 69  ? 12.544  4.165   -5.537  1.00 84.56  ? 99  THR A OG1 1 
ATOM   546 C  CG2 . THR A 1 69  ? 11.066  2.937   -4.092  1.00 76.57  ? 99  THR A CG2 1 
ATOM   547 N  N   . GLU A 1 70  ? 13.337  0.883   -7.338  1.00 78.27  ? 100 GLU A N   1 
ATOM   548 C  CA  . GLU A 1 70  ? 13.696  0.922   -8.743  1.00 80.83  ? 100 GLU A CA  1 
ATOM   549 C  C   . GLU A 1 70  ? 12.763  1.906   -9.444  1.00 84.24  ? 100 GLU A C   1 
ATOM   550 O  O   . GLU A 1 70  ? 11.891  2.518   -8.822  1.00 87.25  ? 100 GLU A O   1 
ATOM   551 C  CB  . GLU A 1 70  ? 13.609  -0.473  -9.364  1.00 78.87  ? 100 GLU A CB  1 
ATOM   552 C  CG  . GLU A 1 70  ? 14.506  -1.518  -8.703  1.00 94.86  ? 100 GLU A CG  1 
ATOM   553 C  CD  . GLU A 1 70  ? 15.838  -1.712  -9.418  1.00 115.99 ? 100 GLU A CD  1 
ATOM   554 O  OE1 . GLU A 1 70  ? 16.720  -2.374  -8.844  1.00 116.11 ? 100 GLU A OE1 1 
ATOM   555 O  OE2 . GLU A 1 70  ? 15.979  -1.195  -10.539 1.00 118.68 ? 100 GLU A OE2 1 
ATOM   556 N  N   . ASP A 1 71  ? 12.929  2.060   -10.753 1.00 74.27  ? 101 ASP A N   1 
ATOM   557 C  CA  . ASP A 1 71  ? 12.045  2.903   -11.550 1.00 77.45  ? 101 ASP A CA  1 
ATOM   558 C  C   . ASP A 1 71  ? 10.971  2.010   -12.157 1.00 79.57  ? 101 ASP A C   1 
ATOM   559 O  O   . ASP A 1 71  ? 11.263  1.189   -13.033 1.00 80.75  ? 101 ASP A O   1 
ATOM   560 C  CB  . ASP A 1 71  ? 12.818  3.651   -12.635 1.00 82.68  ? 101 ASP A CB  1 
ATOM   561 C  CG  . ASP A 1 71  ? 11.904  4.305   -13.652 1.00 100.10 ? 101 ASP A CG  1 
ATOM   562 O  OD1 . ASP A 1 71  ? 11.746  3.749   -14.758 1.00 94.95  ? 101 ASP A OD1 1 
ATOM   563 O  OD2 . ASP A 1 71  ? 11.332  5.369   -13.337 1.00 95.87  ? 101 ASP A OD2 1 
ATOM   564 N  N   . GLY A 1 72  ? 9.737   2.163   -11.689 1.00 73.21  ? 102 GLY A N   1 
ATOM   565 C  CA  . GLY A 1 72  ? 8.651   1.345   -12.187 1.00 74.28  ? 102 GLY A CA  1 
ATOM   566 C  C   . GLY A 1 72  ? 7.404   1.527   -11.346 1.00 72.80  ? 102 GLY A C   1 
ATOM   567 O  O   . GLY A 1 72  ? 7.324   2.419   -10.497 1.00 82.88  ? 102 GLY A O   1 
ATOM   568 N  N   . ASP A 1 73  ? 6.430   0.655   -11.602 1.00 66.83  ? 103 ASP A N   1 
ATOM   569 C  CA  . ASP A 1 73  ? 5.139   0.699   -10.923 1.00 73.16  ? 103 ASP A CA  1 
ATOM   570 C  C   . ASP A 1 73  ? 5.156   -0.260  -9.737  1.00 73.63  ? 103 ASP A C   1 
ATOM   571 O  O   . ASP A 1 73  ? 5.115   -1.482  -9.914  1.00 68.33  ? 103 ASP A O   1 
ATOM   572 C  CB  . ASP A 1 73  ? 4.008   0.351   -11.889 1.00 70.46  ? 103 ASP A CB  1 
ATOM   573 C  CG  . ASP A 1 73  ? 3.565   1.536   -12.725 1.00 88.88  ? 103 ASP A CG  1 
ATOM   574 O  OD1 . ASP A 1 73  ? 4.242   2.586   -12.687 1.00 93.75  ? 103 ASP A OD1 1 
ATOM   575 O  OD2 . ASP A 1 73  ? 2.534   1.419   -13.421 1.00 87.07  ? 103 ASP A OD2 1 
ATOM   576 N  N   . TYR A 1 74  ? 5.220   0.295   -8.529  1.00 63.21  ? 104 TYR A N   1 
ATOM   577 C  CA  . TYR A 1 74  ? 5.056   -0.481  -7.308  1.00 59.99  ? 104 TYR A CA  1 
ATOM   578 C  C   . TYR A 1 74  ? 3.578   -0.523  -6.947  1.00 60.49  ? 104 TYR A C   1 
ATOM   579 O  O   . TYR A 1 74  ? 2.890   0.500   -7.010  1.00 74.11  ? 104 TYR A O   1 
ATOM   580 C  CB  . TYR A 1 74  ? 5.858   0.129   -6.157  1.00 58.35  ? 104 TYR A CB  1 
ATOM   581 C  CG  . TYR A 1 74  ? 7.355   -0.056  -6.266  1.00 77.86  ? 104 TYR A CG  1 
ATOM   582 C  CD1 . TYR A 1 74  ? 8.011   -1.011  -5.499  1.00 73.02  ? 104 TYR A CD1 1 
ATOM   583 C  CD2 . TYR A 1 74  ? 8.111   0.729   -7.125  1.00 79.56  ? 104 TYR A CD2 1 
ATOM   584 C  CE1 . TYR A 1 74  ? 9.377   -1.183  -5.590  1.00 73.92  ? 104 TYR A CE1 1 
ATOM   585 C  CE2 . TYR A 1 74  ? 9.479   0.564   -7.223  1.00 82.20  ? 104 TYR A CE2 1 
ATOM   586 C  CZ  . TYR A 1 74  ? 10.106  -0.394  -6.453  1.00 76.40  ? 104 TYR A CZ  1 
ATOM   587 O  OH  . TYR A 1 74  ? 11.466  -0.565  -6.547  1.00 80.69  ? 104 TYR A OH  1 
ATOM   588 N  N   . MET A 1 75  ? 3.089   -1.703  -6.576  1.00 54.10  ? 105 MET A N   1 
ATOM   589 C  CA  . MET A 1 75  ? 1.705   -1.853  -6.152  1.00 71.08  ? 105 MET A CA  1 
ATOM   590 C  C   . MET A 1 75  ? 1.649   -2.444  -4.751  1.00 62.96  ? 105 MET A C   1 
ATOM   591 O  O   . MET A 1 75  ? 2.341   -3.423  -4.453  1.00 70.76  ? 105 MET A O   1 
ATOM   592 C  CB  . MET A 1 75  ? 0.890   -2.707  -7.137  1.00 66.81  ? 105 MET A CB  1 
ATOM   593 C  CG  . MET A 1 75  ? 1.234   -4.185  -7.207  1.00 73.21  ? 105 MET A CG  1 
ATOM   594 S  SD  . MET A 1 75  ? -0.060  -5.116  -8.062  1.00 80.35  ? 105 MET A SD  1 
ATOM   595 C  CE  . MET A 1 75  ? 0.658   -6.758  -8.125  1.00 83.15  ? 105 MET A CE  1 
ATOM   596 N  N   . PHE A 1 76  ? 0.855   -1.816  -3.890  1.00 54.37  ? 106 PHE A N   1 
ATOM   597 C  CA  . PHE A 1 76  ? 0.554   -2.323  -2.564  1.00 63.53  ? 106 PHE A CA  1 
ATOM   598 C  C   . PHE A 1 76  ? -0.934  -2.636  -2.476  1.00 73.41  ? 106 PHE A C   1 
ATOM   599 O  O   . PHE A 1 76  ? -1.761  -1.974  -3.110  1.00 73.37  ? 106 PHE A O   1 
ATOM   600 C  CB  . PHE A 1 76  ? 0.959   -1.323  -1.475  1.00 59.49  ? 106 PHE A CB  1 
ATOM   601 C  CG  . PHE A 1 76  ? 0.304   0.026   -1.601  1.00 61.27  ? 106 PHE A CG  1 
ATOM   602 C  CD1 . PHE A 1 76  ? -0.943  0.263   -1.043  1.00 65.84  ? 106 PHE A CD1 1 
ATOM   603 C  CD2 . PHE A 1 76  ? 0.948   1.067   -2.252  1.00 68.64  ? 106 PHE A CD2 1 
ATOM   604 C  CE1 . PHE A 1 76  ? -1.539  1.505   -1.142  1.00 70.59  ? 106 PHE A CE1 1 
ATOM   605 C  CE2 . PHE A 1 76  ? 0.355   2.310   -2.357  1.00 67.59  ? 106 PHE A CE2 1 
ATOM   606 C  CZ  . PHE A 1 76  ? -0.888  2.529   -1.800  1.00 74.54  ? 106 PHE A CZ  1 
ATOM   607 N  N   . CYS A 1 77  ? -1.270  -3.652  -1.688  1.00 74.55  ? 107 CYS A N   1 
ATOM   608 C  CA  . CYS A 1 77  ? -2.626  -4.175  -1.653  1.00 73.10  ? 107 CYS A CA  1 
ATOM   609 C  C   . CYS A 1 77  ? -3.068  -4.435  -0.221  1.00 72.90  ? 107 CYS A C   1 
ATOM   610 O  O   . CYS A 1 77  ? -2.248  -4.648  0.678   1.00 70.04  ? 107 CYS A O   1 
ATOM   611 C  CB  . CYS A 1 77  ? -2.741  -5.473  -2.463  1.00 69.28  ? 107 CYS A CB  1 
ATOM   612 S  SG  . CYS A 1 77  ? -2.053  -5.404  -4.131  1.00 76.96  ? 107 CYS A SG  1 
ATOM   613 N  N   . PHE A 1 78  ? -4.385  -4.420  -0.025  1.00 59.84  ? 108 PHE A N   1 
ATOM   614 C  CA  . PHE A 1 78  ? -5.011  -4.790  1.237   1.00 59.20  ? 108 PHE A CA  1 
ATOM   615 C  C   . PHE A 1 78  ? -6.076  -5.837  0.945   1.00 59.30  ? 108 PHE A C   1 
ATOM   616 O  O   . PHE A 1 78  ? -7.013  -5.575  0.185   1.00 58.37  ? 108 PHE A O   1 
ATOM   617 C  CB  . PHE A 1 78  ? -5.614  -3.568  1.932   1.00 56.60  ? 108 PHE A CB  1 
ATOM   618 C  CG  . PHE A 1 78  ? -4.607  -2.506  2.265   1.00 60.57  ? 108 PHE A CG  1 
ATOM   619 C  CD1 . PHE A 1 78  ? -3.743  -2.669  3.333   1.00 68.12  ? 108 PHE A CD1 1 
ATOM   620 C  CD2 . PHE A 1 78  ? -4.526  -1.346  1.514   1.00 63.13  ? 108 PHE A CD2 1 
ATOM   621 C  CE1 . PHE A 1 78  ? -2.814  -1.698  3.644   1.00 73.45  ? 108 PHE A CE1 1 
ATOM   622 C  CE2 . PHE A 1 78  ? -3.599  -0.368  1.822   1.00 55.80  ? 108 PHE A CE2 1 
ATOM   623 C  CZ  . PHE A 1 78  ? -2.742  -0.545  2.889   1.00 64.44  ? 108 PHE A CZ  1 
ATOM   624 N  N   . ASP A 1 79  ? -5.930  -7.016  1.542   1.00 52.48  ? 109 ASP A N   1 
ATOM   625 C  CA  . ASP A 1 79  ? -6.716  -8.189  1.177   1.00 57.86  ? 109 ASP A CA  1 
ATOM   626 C  C   . ASP A 1 79  ? -7.660  -8.556  2.317   1.00 63.60  ? 109 ASP A C   1 
ATOM   627 O  O   . ASP A 1 79  ? -7.215  -8.802  3.444   1.00 59.62  ? 109 ASP A O   1 
ATOM   628 C  CB  . ASP A 1 79  ? -5.794  -9.362  0.828   1.00 58.51  ? 109 ASP A CB  1 
ATOM   629 C  CG  . ASP A 1 79  ? -6.546  -10.576 0.295   1.00 58.91  ? 109 ASP A CG  1 
ATOM   630 O  OD1 . ASP A 1 79  ? -7.787  -10.638 0.418   1.00 48.67  ? 109 ASP A OD1 1 
ATOM   631 O  OD2 . ASP A 1 79  ? -5.882  -11.489 -0.242  1.00 55.32  ? 109 ASP A OD2 1 
ATOM   632 N  N   . ASN A 1 80  ? -8.961  -8.584  2.009   1.00 55.10  ? 110 ASN A N   1 
ATOM   633 C  CA  . ASN A 1 80  ? -10.038 -9.033  2.880   1.00 57.59  ? 110 ASN A CA  1 
ATOM   634 C  C   . ASN A 1 80  ? -10.900 -10.037 2.115   1.00 56.59  ? 110 ASN A C   1 
ATOM   635 O  O   . ASN A 1 80  ? -12.133 -9.973  2.158   1.00 57.58  ? 110 ASN A O   1 
ATOM   636 C  CB  . ASN A 1 80  ? -10.874 -7.845  3.367   1.00 64.36  ? 110 ASN A CB  1 
ATOM   637 C  CG  . ASN A 1 80  ? -11.917 -8.240  4.384   1.00 69.12  ? 110 ASN A CG  1 
ATOM   638 O  OD1 . ASN A 1 80  ? -12.119 -9.423  4.651   1.00 87.94  ? 110 ASN A OD1 1 
ATOM   639 N  ND2 . ASN A 1 80  ? -12.588 -7.248  4.962   1.00 74.25  ? 110 ASN A ND2 1 
ATOM   640 N  N   . THR A 1 81  ? -10.261 -10.943 1.365   1.00 63.30  ? 111 THR A N   1 
ATOM   641 C  CA  . THR A 1 81  ? -11.013 -11.973 0.667   1.00 65.72  ? 111 THR A CA  1 
ATOM   642 C  C   . THR A 1 81  ? -11.387 -13.108 1.598   1.00 66.51  ? 111 THR A C   1 
ATOM   643 O  O   . THR A 1 81  ? -12.295 -13.878 1.272   1.00 58.73  ? 111 THR A O   1 
ATOM   644 C  CB  . THR A 1 81  ? -10.230 -12.521 -0.552  1.00 62.13  ? 111 THR A CB  1 
ATOM   645 O  OG1 . THR A 1 81  ? -8.896  -12.944 -0.194  1.00 58.10  ? 111 THR A OG1 1 
ATOM   646 C  CG2 . THR A 1 81  ? -10.147 -11.480 -1.673  1.00 55.27  ? 111 THR A CG2 1 
ATOM   647 N  N   . PHE A 1 82  ? -10.742 -13.193 2.764   1.00 74.59  ? 112 PHE A N   1 
ATOM   648 C  CA  . PHE A 1 82  ? -10.997 -14.284 3.694   1.00 66.78  ? 112 PHE A CA  1 
ATOM   649 C  C   . PHE A 1 82  ? -12.239 -14.059 4.549   1.00 71.90  ? 112 PHE A C   1 
ATOM   650 O  O   . PHE A 1 82  ? -12.858 -15.035 4.987   1.00 70.83  ? 112 PHE A O   1 
ATOM   651 C  CB  . PHE A 1 82  ? -9.779  -14.497 4.592   1.00 58.20  ? 112 PHE A CB  1 
ATOM   652 C  CG  . PHE A 1 82  ? -9.309  -13.250 5.296   1.00 59.46  ? 112 PHE A CG  1 
ATOM   653 C  CD1 . PHE A 1 82  ? -8.244  -12.519 4.796   1.00 60.92  ? 112 PHE A CD1 1 
ATOM   654 C  CD2 . PHE A 1 82  ? -9.915  -12.824 6.467   1.00 56.02  ? 112 PHE A CD2 1 
ATOM   655 C  CE1 . PHE A 1 82  ? -7.804  -11.380 5.442   1.00 66.78  ? 112 PHE A CE1 1 
ATOM   656 C  CE2 . PHE A 1 82  ? -9.479  -11.686 7.118   1.00 58.37  ? 112 PHE A CE2 1 
ATOM   657 C  CZ  . PHE A 1 82  ? -8.422  -10.963 6.606   1.00 61.38  ? 112 PHE A CZ  1 
ATOM   658 N  N   . SER A 1 83  ? -12.624 -12.813 4.821   1.00 71.47  ? 113 SER A N   1 
ATOM   659 C  CA  . SER A 1 83  ? -13.768 -12.609 5.704   1.00 70.64  ? 113 SER A CA  1 
ATOM   660 C  C   . SER A 1 83  ? -15.056 -12.822 4.933   1.00 73.00  ? 113 SER A C   1 
ATOM   661 O  O   . SER A 1 83  ? -15.292 -12.176 3.908   1.00 66.50  ? 113 SER A O   1 
ATOM   662 C  CB  . SER A 1 83  ? -13.775 -11.213 6.322   1.00 60.14  ? 113 SER A CB  1 
ATOM   663 O  OG  . SER A 1 83  ? -12.525 -10.884 6.890   1.00 85.89  ? 113 SER A OG  1 
ATOM   664 N  N   . THR A 1 84  ? -15.885 -13.730 5.422   1.00 101.39 ? 114 THR A N   1 
ATOM   665 C  CA  . THR A 1 84  ? -17.303 -13.657 5.135   1.00 89.76  ? 114 THR A CA  1 
ATOM   666 C  C   . THR A 1 84  ? -17.895 -12.610 6.074   1.00 88.87  ? 114 THR A C   1 
ATOM   667 O  O   . THR A 1 84  ? -17.468 -12.489 7.229   1.00 92.27  ? 114 THR A O   1 
ATOM   668 C  CB  . THR A 1 84  ? -17.962 -15.015 5.351   1.00 84.22  ? 114 THR A CB  1 
ATOM   669 O  OG1 . THR A 1 84  ? -17.139 -16.016 4.853   1.00 95.16  ? 114 THR A OG1 1 
ATOM   670 C  CG2 . THR A 1 84  ? -19.247 -15.098 4.637   1.00 96.54  ? 114 THR A CG2 1 
ATOM   671 N  N   . ILE A 1 85  ? -18.821 -11.804 5.547   1.00 65.66  ? 115 ILE A N   1 
ATOM   672 C  CA  . ILE A 1 85  ? -19.594 -10.809 6.298   1.00 85.46  ? 115 ILE A CA  1 
ATOM   673 C  C   . ILE A 1 85  ? -18.786 -9.561  6.666   1.00 74.54  ? 115 ILE A C   1 
ATOM   674 O  O   . ILE A 1 85  ? -19.056 -8.474  6.146   1.00 74.54  ? 115 ILE A O   1 
ATOM   675 C  CB  . ILE A 1 85  ? -20.239 -11.423 7.559   1.00 79.52  ? 115 ILE A CB  1 
ATOM   676 C  CG1 . ILE A 1 85  ? -21.388 -12.371 7.190   1.00 82.89  ? 115 ILE A CG1 1 
ATOM   677 C  CG2 . ILE A 1 85  ? -20.744 -10.331 8.497   1.00 82.10  ? 115 ILE A CG2 1 
ATOM   678 C  CD1 . ILE A 1 85  ? -21.044 -13.841 7.269   1.00 86.67  ? 115 ILE A CD1 1 
ATOM   679 N  N   . SER A 1 86  ? -17.806 -9.691  7.560   1.00 70.19  ? 116 SER A N   1 
ATOM   680 C  CA  . SER A 1 86  ? -17.239 -8.515  8.218   1.00 75.73  ? 116 SER A CA  1 
ATOM   681 C  C   . SER A 1 86  ? -16.361 -7.710  7.260   1.00 78.80  ? 116 SER A C   1 
ATOM   682 O  O   . SER A 1 86  ? -15.413 -8.241  6.673   1.00 83.24  ? 116 SER A O   1 
ATOM   683 C  CB  . SER A 1 86  ? -16.439 -8.928  9.452   1.00 76.87  ? 116 SER A CB  1 
ATOM   684 O  OG  . SER A 1 86  ? -16.291 -10.334 9.522   1.00 90.05  ? 116 SER A OG  1 
ATOM   685 N  N   . GLU A 1 87  ? -16.679 -6.423  7.112   1.00 80.46  ? 117 GLU A N   1 
ATOM   686 C  CA  . GLU A 1 87  ? -15.862 -5.480  6.364   1.00 66.93  ? 117 GLU A CA  1 
ATOM   687 C  C   . GLU A 1 87  ? -14.699 -4.995  7.228   1.00 75.07  ? 117 GLU A C   1 
ATOM   688 O  O   . GLU A 1 87  ? -14.615 -5.287  8.423   1.00 84.37  ? 117 GLU A O   1 
ATOM   689 C  CB  . GLU A 1 87  ? -16.702 -4.288  5.903   1.00 73.19  ? 117 GLU A CB  1 
ATOM   690 C  CG  . GLU A 1 87  ? -16.936 -3.253  6.998   1.00 83.54  ? 117 GLU A CG  1 
ATOM   691 C  CD  . GLU A 1 87  ? -17.898 -2.155  6.584   1.00 93.57  ? 117 GLU A CD  1 
ATOM   692 O  OE1 . GLU A 1 87  ? -18.605 -2.328  5.569   1.00 90.85  ? 117 GLU A OE1 1 
ATOM   693 O  OE2 . GLU A 1 87  ? -17.942 -1.113  7.273   1.00 86.23  ? 117 GLU A OE2 1 
ATOM   694 N  N   . LYS A 1 88  ? -13.793 -4.235  6.611   1.00 64.21  ? 118 LYS A N   1 
ATOM   695 C  CA  . LYS A 1 88  ? -12.649 -3.683  7.322   1.00 61.81  ? 118 LYS A CA  1 
ATOM   696 C  C   . LYS A 1 88  ? -12.446 -2.227  6.936   1.00 69.25  ? 118 LYS A C   1 
ATOM   697 O  O   . LYS A 1 88  ? -12.562 -1.862  5.762   1.00 67.57  ? 118 LYS A O   1 
ATOM   698 C  CB  . LYS A 1 88  ? -11.365 -4.473  7.041   1.00 57.82  ? 118 LYS A CB  1 
ATOM   699 C  CG  . LYS A 1 88  ? -11.416 -5.919  7.498   1.00 72.76  ? 118 LYS A CG  1 
ATOM   700 C  CD  . LYS A 1 88  ? -11.074 -6.080  8.962   1.00 79.22  ? 118 LYS A CD  1 
ATOM   701 C  CE  . LYS A 1 88  ? -11.283 -7.520  9.395   1.00 69.17  ? 118 LYS A CE  1 
ATOM   702 N  NZ  . LYS A 1 88  ? -11.100 -8.465  8.259   1.00 65.82  ? 118 LYS A NZ  1 
ATOM   703 N  N   . VAL A 1 89  ? -12.140 -1.403  7.933   1.00 70.99  ? 119 VAL A N   1 
ATOM   704 C  CA  . VAL A 1 89  ? -11.839 0.013   7.753   1.00 67.44  ? 119 VAL A CA  1 
ATOM   705 C  C   . VAL A 1 89  ? -10.330 0.170   7.887   1.00 68.69  ? 119 VAL A C   1 
ATOM   706 O  O   . VAL A 1 89  ? -9.766  -0.037  8.968   1.00 70.67  ? 119 VAL A O   1 
ATOM   707 C  CB  . VAL A 1 89  ? -12.587 0.887   8.769   1.00 67.23  ? 119 VAL A CB  1 
ATOM   708 C  CG1 . VAL A 1 89  ? -11.995 2.288   8.811   1.00 68.95  ? 119 VAL A CG1 1 
ATOM   709 C  CG2 . VAL A 1 89  ? -14.063 0.942   8.431   1.00 64.03  ? 119 VAL A CG2 1 
ATOM   710 N  N   . ILE A 1 90  ? -9.672  0.536   6.788   1.00 68.06  ? 120 ILE A N   1 
ATOM   711 C  CA  . ILE A 1 90  ? -8.217  0.578   6.714   1.00 73.96  ? 120 ILE A CA  1 
ATOM   712 C  C   . ILE A 1 90  ? -7.756  2.021   6.588   1.00 64.42  ? 120 ILE A C   1 
ATOM   713 O  O   . ILE A 1 90  ? -8.308  2.799   5.801   1.00 61.10  ? 120 ILE A O   1 
ATOM   714 C  CB  . ILE A 1 90  ? -7.689  -0.263  5.537   1.00 66.73  ? 120 ILE A CB  1 
ATOM   715 C  CG1 . ILE A 1 90  ? -8.276  -1.669  5.588   1.00 69.07  ? 120 ILE A CG1 1 
ATOM   716 C  CG2 . ILE A 1 90  ? -6.168  -0.325  5.558   1.00 64.44  ? 120 ILE A CG2 1 
ATOM   717 C  CD1 . ILE A 1 90  ? -7.888  -2.518  4.419   1.00 73.91  ? 120 ILE A CD1 1 
ATOM   718 N  N   . PHE A 1 91  ? -6.744  2.373   7.374   1.00 64.27  ? 121 PHE A N   1 
ATOM   719 C  CA  . PHE A 1 91  ? -6.009  3.620   7.229   1.00 67.12  ? 121 PHE A CA  1 
ATOM   720 C  C   . PHE A 1 91  ? -4.601  3.285   6.765   1.00 68.93  ? 121 PHE A C   1 
ATOM   721 O  O   . PHE A 1 91  ? -3.940  2.433   7.365   1.00 71.70  ? 121 PHE A O   1 
ATOM   722 C  CB  . PHE A 1 91  ? -5.959  4.389   8.552   1.00 64.95  ? 121 PHE A CB  1 
ATOM   723 C  CG  . PHE A 1 91  ? -4.987  5.539   8.551   1.00 76.51  ? 121 PHE A CG  1 
ATOM   724 C  CD1 . PHE A 1 91  ? -5.386  6.794   8.126   1.00 76.45  ? 121 PHE A CD1 1 
ATOM   725 C  CD2 . PHE A 1 91  ? -3.676  5.366   8.978   1.00 67.02  ? 121 PHE A CD2 1 
ATOM   726 C  CE1 . PHE A 1 91  ? -4.502  7.854   8.123   1.00 82.05  ? 121 PHE A CE1 1 
ATOM   727 C  CE2 . PHE A 1 91  ? -2.786  6.424   8.973   1.00 77.83  ? 121 PHE A CE2 1 
ATOM   728 C  CZ  . PHE A 1 91  ? -3.200  7.669   8.545   1.00 81.68  ? 121 PHE A CZ  1 
ATOM   729 N  N   . PHE A 1 92  ? -4.144  3.943   5.703   1.00 68.10  ? 122 PHE A N   1 
ATOM   730 C  CA  . PHE A 1 92  ? -2.751  3.825   5.300   1.00 73.66  ? 122 PHE A CA  1 
ATOM   731 C  C   . PHE A 1 92  ? -2.200  5.203   4.960   1.00 67.41  ? 122 PHE A C   1 
ATOM   732 O  O   . PHE A 1 92  ? -2.947  6.144   4.684   1.00 75.90  ? 122 PHE A O   1 
ATOM   733 C  CB  . PHE A 1 92  ? -2.560  2.845   4.128   1.00 75.71  ? 122 PHE A CB  1 
ATOM   734 C  CG  . PHE A 1 92  ? -3.113  3.327   2.816   1.00 68.01  ? 122 PHE A CG  1 
ATOM   735 C  CD1 . PHE A 1 92  ? -4.386  2.965   2.416   1.00 68.24  ? 122 PHE A CD1 1 
ATOM   736 C  CD2 . PHE A 1 92  ? -2.342  4.101   1.961   1.00 66.95  ? 122 PHE A CD2 1 
ATOM   737 C  CE1 . PHE A 1 92  ? -4.892  3.388   1.203   1.00 78.72  ? 122 PHE A CE1 1 
ATOM   738 C  CE2 . PHE A 1 92  ? -2.843  4.528   0.750   1.00 70.53  ? 122 PHE A CE2 1 
ATOM   739 C  CZ  . PHE A 1 92  ? -4.119  4.170   0.370   1.00 78.39  ? 122 PHE A CZ  1 
ATOM   740 N  N   . GLU A 1 93  ? -0.872  5.309   4.996   1.00 68.65  ? 123 GLU A N   1 
ATOM   741 C  CA  . GLU A 1 93  ? -0.180  6.568   4.747   1.00 72.50  ? 123 GLU A CA  1 
ATOM   742 C  C   . GLU A 1 93  ? 1.056   6.291   3.906   1.00 72.63  ? 123 GLU A C   1 
ATOM   743 O  O   . GLU A 1 93  ? 1.926   5.518   4.318   1.00 69.32  ? 123 GLU A O   1 
ATOM   744 C  CB  . GLU A 1 93  ? 0.208   7.260   6.058   1.00 71.08  ? 123 GLU A CB  1 
ATOM   745 C  CG  . GLU A 1 93  ? 0.906   8.601   5.874   1.00 85.47  ? 123 GLU A CG  1 
ATOM   746 C  CD  . GLU A 1 93  ? 1.175   9.306   7.190   1.00 96.57  ? 123 GLU A CD  1 
ATOM   747 O  OE1 . GLU A 1 93  ? 1.223   8.622   8.233   1.00 102.82 ? 123 GLU A OE1 1 
ATOM   748 O  OE2 . GLU A 1 93  ? 1.333   10.545  7.183   1.00 97.90  ? 123 GLU A OE2 1 
ATOM   749 N  N   . LEU A 1 94  ? 1.133   6.920   2.738   1.00 73.40  ? 124 LEU A N   1 
ATOM   750 C  CA  . LEU A 1 94  ? 2.246   6.743   1.816   1.00 70.71  ? 124 LEU A CA  1 
ATOM   751 C  C   . LEU A 1 94  ? 3.181   7.940   1.916   1.00 66.30  ? 124 LEU A C   1 
ATOM   752 O  O   . LEU A 1 94  ? 2.726   9.089   1.920   1.00 73.24  ? 124 LEU A O   1 
ATOM   753 C  CB  . LEU A 1 94  ? 1.737   6.581   0.383   1.00 58.86  ? 124 LEU A CB  1 
ATOM   754 C  CG  . LEU A 1 94  ? 2.715   5.979   -0.625  1.00 72.65  ? 124 LEU A CG  1 
ATOM   755 C  CD1 . LEU A 1 94  ? 3.195   4.618   -0.146  1.00 70.42  ? 124 LEU A CD1 1 
ATOM   756 C  CD2 . LEU A 1 94  ? 2.067   5.872   -1.995  1.00 61.58  ? 124 LEU A CD2 1 
ATOM   757 N  N   . ILE A 1 95  ? 4.483   7.673   1.997   1.00 67.72  ? 125 ILE A N   1 
ATOM   758 C  CA  . ILE A 1 95  ? 5.494   8.719   2.121   1.00 74.01  ? 125 ILE A CA  1 
ATOM   759 C  C   . ILE A 1 95  ? 6.566   8.475   1.067   1.00 75.90  ? 125 ILE A C   1 
ATOM   760 O  O   . ILE A 1 95  ? 7.358   7.531   1.185   1.00 76.75  ? 125 ILE A O   1 
ATOM   761 C  CB  . ILE A 1 95  ? 6.114   8.766   3.525   1.00 74.71  ? 125 ILE A CB  1 
ATOM   762 C  CG1 . ILE A 1 95  ? 5.031   8.981   4.584   1.00 78.17  ? 125 ILE A CG1 1 
ATOM   763 C  CG2 . ILE A 1 95  ? 7.160   9.864   3.602   1.00 57.15  ? 125 ILE A CG2 1 
ATOM   764 C  CD1 . ILE A 1 95  ? 5.559   9.005   5.997   1.00 82.02  ? 125 ILE A CD1 1 
ATOM   765 N  N   . LEU A 1 96  ? 6.598   9.323   0.046   1.00 72.80  ? 126 LEU A N   1 
ATOM   766 C  CA  . LEU A 1 96  ? 7.629   9.285   -0.978  1.00 78.69  ? 126 LEU A CA  1 
ATOM   767 C  C   . LEU A 1 96  ? 8.750   10.259  -0.613  1.00 84.50  ? 126 LEU A C   1 
ATOM   768 O  O   . LEU A 1 96  ? 8.547   11.219  0.133   1.00 91.06  ? 126 LEU A O   1 
ATOM   769 C  CB  . LEU A 1 96  ? 7.025   9.623   -2.341  1.00 71.37  ? 126 LEU A CB  1 
ATOM   770 C  CG  . LEU A 1 96  ? 5.633   9.024   -2.596  1.00 77.40  ? 126 LEU A CG  1 
ATOM   771 C  CD1 . LEU A 1 96  ? 5.070   9.459   -3.927  1.00 82.01  ? 126 LEU A CD1 1 
ATOM   772 C  CD2 . LEU A 1 96  ? 5.640   7.507   -2.512  1.00 66.63  ? 126 LEU A CD2 1 
ATOM   773 N  N   . ASP A 1 97  ? 9.945   9.993   -1.138  1.00 89.01  ? 127 ASP A N   1 
ATOM   774 C  CA  . ASP A 1 97  ? 11.127  10.724  -0.690  1.00 89.55  ? 127 ASP A CA  1 
ATOM   775 C  C   . ASP A 1 97  ? 12.273  10.459  -1.659  1.00 98.91  ? 127 ASP A C   1 
ATOM   776 O  O   . ASP A 1 97  ? 12.282  9.454   -2.375  1.00 105.22 ? 127 ASP A O   1 
ATOM   777 C  CB  . ASP A 1 97  ? 11.507  10.312  0.742   1.00 98.13  ? 127 ASP A CB  1 
ATOM   778 C  CG  . ASP A 1 97  ? 12.700  11.080  1.298   1.00 121.88 ? 127 ASP A CG  1 
ATOM   779 O  OD1 . ASP A 1 97  ? 13.378  11.803  0.544   1.00 128.46 ? 127 ASP A OD1 1 
ATOM   780 O  OD2 . ASP A 1 97  ? 12.945  10.967  2.515   1.00 123.00 ? 127 ASP A OD2 1 
ATOM   781 N  N   . ASN A 1 98  ? 13.241  11.385  -1.664  1.00 104.09 ? 128 ASN A N   1 
ATOM   782 C  CA  . ASN A 1 98  ? 14.478  11.282  -2.438  1.00 109.43 ? 128 ASN A CA  1 
ATOM   783 C  C   . ASN A 1 98  ? 14.198  11.282  -3.934  1.00 114.42 ? 128 ASN A C   1 
ATOM   784 O  O   . ASN A 1 98  ? 14.424  10.274  -4.610  1.00 105.80 ? 128 ASN A O   1 
ATOM   785 C  CB  . ASN A 1 98  ? 15.266  10.025  -2.057  1.00 113.22 ? 128 ASN A CB  1 
ATOM   786 C  CG  . ASN A 1 98  ? 15.934  10.143  -0.701  1.00 118.05 ? 128 ASN A CG  1 
ATOM   787 O  OD1 . ASN A 1 98  ? 15.614  9.400   0.227   1.00 105.04 ? 128 ASN A OD1 1 
ATOM   788 N  ND2 . ASN A 1 98  ? 16.876  11.073  -0.585  1.00 112.90 ? 128 ASN A ND2 1 
ATOM   789 N  N   . MET A 1 99  ? 13.728  12.409  -4.464  1.00 120.43 ? 129 MET A N   1 
ATOM   790 C  CA  . MET A 1 99  ? 13.206  12.440  -5.825  1.00 121.73 ? 129 MET A CA  1 
ATOM   791 C  C   . MET A 1 99  ? 13.669  13.623  -6.666  1.00 130.57 ? 129 MET A C   1 
ATOM   792 O  O   . MET A 1 99  ? 13.506  13.572  -7.892  1.00 121.58 ? 129 MET A O   1 
ATOM   793 C  CB  . MET A 1 99  ? 11.671  12.413  -5.792  1.00 108.03 ? 129 MET A CB  1 
ATOM   794 C  CG  . MET A 1 99  ? 11.107  11.169  -5.108  1.00 98.91  ? 129 MET A CG  1 
ATOM   795 S  SD  . MET A 1 99  ? 9.313   11.132  -4.950  1.00 107.18 ? 129 MET A SD  1 
ATOM   796 C  CE  . MET A 1 99  ? 8.795   11.378  -6.646  1.00 93.34  ? 129 MET A CE  1 
ATOM   797 N  N   . GLY A 1 100 ? 14.232  14.672  -6.069  1.00 116.39 ? 130 GLY A N   1 
ATOM   798 C  CA  . GLY A 1 100 ? 14.816  15.786  -6.804  1.00 100.70 ? 130 GLY A CA  1 
ATOM   799 C  C   . GLY A 1 100 ? 13.985  16.380  -7.926  1.00 110.55 ? 130 GLY A C   1 
ATOM   800 O  O   . GLY A 1 100 ? 14.215  16.084  -9.100  1.00 93.09  ? 130 GLY A O   1 
ATOM   801 N  N   . GLN A 1 104 ? 10.244  17.912  -12.762 1.00 115.09 ? 134 GLN A N   1 
ATOM   802 C  CA  . GLN A 1 104 ? 10.492  19.245  -13.301 1.00 112.53 ? 134 GLN A CA  1 
ATOM   803 C  C   . GLN A 1 104 ? 9.549   19.543  -14.462 1.00 117.61 ? 134 GLN A C   1 
ATOM   804 O  O   . GLN A 1 104 ? 9.817   20.411  -15.293 1.00 110.95 ? 134 GLN A O   1 
ATOM   805 C  CB  . GLN A 1 104 ? 11.949  19.380  -13.745 1.00 101.86 ? 134 GLN A CB  1 
ATOM   806 C  CG  . GLN A 1 104 ? 12.952  19.229  -12.614 1.00 95.69  ? 134 GLN A CG  1 
ATOM   807 C  CD  . GLN A 1 104 ? 14.097  20.215  -12.722 1.00 108.62 ? 134 GLN A CD  1 
ATOM   808 O  OE1 . GLN A 1 104 ? 14.319  20.808  -13.777 1.00 110.86 ? 134 GLN A OE1 1 
ATOM   809 N  NE2 . GLN A 1 104 ? 14.828  20.399  -11.628 1.00 99.12  ? 134 GLN A NE2 1 
ATOM   810 N  N   . GLY A 1 105 ? 8.444   18.810  -14.506 1.00 122.26 ? 135 GLY A N   1 
ATOM   811 C  CA  . GLY A 1 105 ? 7.424   19.012  -15.507 1.00 113.45 ? 135 GLY A CA  1 
ATOM   812 C  C   . GLY A 1 105 ? 6.139   18.340  -15.081 1.00 105.85 ? 135 GLY A C   1 
ATOM   813 O  O   . GLY A 1 105 ? 6.028   17.822  -13.968 1.00 119.31 ? 135 GLY A O   1 
ATOM   814 N  N   . GLN A 1 106 ? 5.156   18.354  -15.985 1.00 100.38 ? 136 GLN A N   1 
ATOM   815 C  CA  . GLN A 1 106 ? 3.899   17.675  -15.696 1.00 105.98 ? 136 GLN A CA  1 
ATOM   816 C  C   . GLN A 1 106 ? 3.964   16.183  -15.990 1.00 110.68 ? 136 GLN A C   1 
ATOM   817 O  O   . GLN A 1 106 ? 3.132   15.427  -15.474 1.00 114.53 ? 136 GLN A O   1 
ATOM   818 C  CB  . GLN A 1 106 ? 2.747   18.306  -16.481 1.00 97.08  ? 136 GLN A CB  1 
ATOM   819 C  CG  . GLN A 1 106 ? 1.399   18.167  -15.782 1.00 89.16  ? 136 GLN A CG  1 
ATOM   820 C  CD  . GLN A 1 106 ? 0.462   17.201  -16.481 1.00 107.09 ? 136 GLN A CD  1 
ATOM   821 O  OE1 . GLN A 1 106 ? 0.574   16.968  -17.684 1.00 112.64 ? 136 GLN A OE1 1 
ATOM   822 N  NE2 . GLN A 1 106 ? -0.463  16.624  -15.722 1.00 95.24  ? 136 GLN A NE2 1 
ATOM   823 N  N   . GLU A 1 107 ? 4.924   15.743  -16.806 1.00 106.91 ? 137 GLU A N   1 
ATOM   824 C  CA  . GLU A 1 107 ? 5.128   14.314  -17.017 1.00 109.71 ? 137 GLU A CA  1 
ATOM   825 C  C   . GLU A 1 107 ? 5.506   13.625  -15.712 1.00 117.18 ? 137 GLU A C   1 
ATOM   826 O  O   . GLU A 1 107 ? 4.843   12.674  -15.279 1.00 115.35 ? 137 GLU A O   1 
ATOM   827 C  CB  . GLU A 1 107 ? 6.208   14.091  -18.079 1.00 112.43 ? 137 GLU A CB  1 
ATOM   828 C  CG  . GLU A 1 107 ? 6.585   12.632  -18.274 1.00 128.44 ? 137 GLU A CG  1 
ATOM   829 C  CD  . GLU A 1 107 ? 7.698   12.447  -19.286 1.00 135.41 ? 137 GLU A CD  1 
ATOM   830 O  OE1 . GLU A 1 107 ? 7.498   12.800  -20.467 1.00 124.50 ? 137 GLU A OE1 1 
ATOM   831 O  OE2 . GLU A 1 107 ? 8.776   11.947  -18.898 1.00 132.29 ? 137 GLU A OE2 1 
ATOM   832 N  N   . ASP A 1 108 ? 6.578   14.098  -15.068 1.00 112.29 ? 138 ASP A N   1 
ATOM   833 C  CA  . ASP A 1 108 ? 6.942   13.592  -13.751 1.00 102.77 ? 138 ASP A CA  1 
ATOM   834 C  C   . ASP A 1 108 ? 5.811   13.789  -12.752 1.00 110.93 ? 138 ASP A C   1 
ATOM   835 O  O   . ASP A 1 108 ? 5.624   12.965  -11.850 1.00 108.21 ? 138 ASP A O   1 
ATOM   836 C  CB  . ASP A 1 108 ? 8.199   14.299  -13.245 1.00 101.49 ? 138 ASP A CB  1 
ATOM   837 C  CG  . ASP A 1 108 ? 9.245   14.479  -14.327 1.00 114.93 ? 138 ASP A CG  1 
ATOM   838 O  OD1 . ASP A 1 108 ? 9.455   13.540  -15.123 1.00 109.70 ? 138 ASP A OD1 1 
ATOM   839 O  OD2 . ASP A 1 108 ? 9.853   15.569  -14.383 1.00 108.63 ? 138 ASP A OD2 1 
ATOM   840 N  N   . TRP A 1 109 ? 5.045   14.871  -12.906 1.00 115.15 ? 139 TRP A N   1 
ATOM   841 C  CA  . TRP A 1 109 ? 4.011   15.210  -11.937 1.00 114.07 ? 139 TRP A CA  1 
ATOM   842 C  C   . TRP A 1 109 ? 2.832   14.249  -12.020 1.00 114.07 ? 139 TRP A C   1 
ATOM   843 O  O   . TRP A 1 109 ? 2.365   13.732  -10.997 1.00 109.48 ? 139 TRP A O   1 
ATOM   844 C  CB  . TRP A 1 109 ? 3.554   16.652  -12.166 1.00 99.98  ? 139 TRP A CB  1 
ATOM   845 C  CG  . TRP A 1 109 ? 2.358   17.037  -11.374 1.00 91.20  ? 139 TRP A CG  1 
ATOM   846 C  CD1 . TRP A 1 109 ? 1.069   17.107  -11.815 1.00 81.39  ? 139 TRP A CD1 1 
ATOM   847 C  CD2 . TRP A 1 109 ? 2.331   17.410  -9.992  1.00 84.68  ? 139 TRP A CD2 1 
ATOM   848 N  NE1 . TRP A 1 109 ? 0.241   17.501  -10.794 1.00 87.96  ? 139 TRP A NE1 1 
ATOM   849 C  CE2 . TRP A 1 109 ? 0.991   17.694  -9.664  1.00 85.64  ? 139 TRP A CE2 1 
ATOM   850 C  CE3 . TRP A 1 109 ? 3.309   17.532  -9.003  1.00 74.68  ? 139 TRP A CE3 1 
ATOM   851 C  CZ2 . TRP A 1 109 ? 0.605   18.091  -8.388  1.00 88.38  ? 139 TRP A CZ2 1 
ATOM   852 C  CZ3 . TRP A 1 109 ? 2.922   17.929  -7.738  1.00 79.21  ? 139 TRP A CZ3 1 
ATOM   853 C  CH2 . TRP A 1 109 ? 1.584   18.202  -7.441  1.00 90.09  ? 139 TRP A CH2 1 
ATOM   854 N  N   . LYS A 1 110 ? 2.332   14.002  -13.231 1.00 109.66 ? 140 LYS A N   1 
ATOM   855 C  CA  . LYS A 1 110 ? 1.174   13.137  -13.411 1.00 119.77 ? 140 LYS A CA  1 
ATOM   856 C  C   . LYS A 1 110 ? 1.507   11.661  -13.226 1.00 136.68 ? 140 LYS A C   1 
ATOM   857 O  O   . LYS A 1 110 ? 0.600   10.861  -12.967 1.00 141.10 ? 140 LYS A O   1 
ATOM   858 C  CB  . LYS A 1 110 ? 0.566   13.365  -14.797 1.00 128.60 ? 140 LYS A CB  1 
ATOM   859 C  CG  . LYS A 1 110 ? -0.847  12.835  -14.961 1.00 132.43 ? 140 LYS A CG  1 
ATOM   860 C  CD  . LYS A 1 110 ? -0.918  11.804  -16.072 1.00 128.28 ? 140 LYS A CD  1 
ATOM   861 C  CE  . LYS A 1 110 ? -2.338  11.299  -16.258 1.00 128.19 ? 140 LYS A CE  1 
ATOM   862 N  NZ  . LYS A 1 110 ? -2.397  10.158  -17.210 1.00 126.11 ? 140 LYS A NZ  1 
ATOM   863 N  N   . LYS A 1 111 ? 2.775   11.283  -13.348 1.00 136.64 ? 141 LYS A N   1 
ATOM   864 C  CA  . LYS A 1 111 ? 3.180   9.893   -13.163 1.00 126.09 ? 141 LYS A CA  1 
ATOM   865 C  C   . LYS A 1 111 ? 4.310   9.781   -12.146 1.00 105.25 ? 141 LYS A C   1 
ATOM   866 O  O   . LYS A 1 111 ? 4.100   9.966   -10.947 1.00 87.67  ? 141 LYS A O   1 
ATOM   867 C  CB  . LYS A 1 111 ? 3.606   9.277   -14.497 1.00 124.54 ? 141 LYS A CB  1 
ATOM   868 C  CG  . LYS A 1 111 ? 2.511   9.276   -15.549 1.00 128.77 ? 141 LYS A CG  1 
ATOM   869 C  CD  . LYS A 1 111 ? 2.901   8.450   -16.761 1.00 126.94 ? 141 LYS A CD  1 
ATOM   870 C  CE  . LYS A 1 111 ? 1.744   8.361   -17.742 1.00 129.96 ? 141 LYS A CE  1 
ATOM   871 N  NZ  . LYS A 1 111 ? 2.057   7.512   -18.924 1.00 116.76 ? 141 LYS A NZ  1 
HETATM 872 BR BR  . BR  B 2 .   ? -0.340  -7.522  14.131  1.00 197.31 ? 201 BR  A BR  1 
HETATM 873 BR BR  . BR  C 2 .   ? 8.054   9.930   -10.818 1.00 170.09 ? 202 BR  A BR  1 
# 
